data_4PV6
#
_entry.id   4PV6
#
_cell.length_a   102.240
_cell.length_b   129.935
_cell.length_c   158.576
_cell.angle_alpha   90.00
_cell.angle_beta   93.94
_cell.angle_gamma   90.00
#
_symmetry.space_group_name_H-M   'P 1 21 1'
#
loop_
_entity.id
_entity.type
_entity.pdbx_description
1 polymer 'N-terminal acetyltransferase complex subunit [ARD1]'
2 non-polymer 'ACETYL COENZYME *A'
3 non-polymer 'COENZYME A'
4 water water
#
_entity_poly.entity_id   1
_entity_poly.type   'polypeptide(L)'
_entity_poly.pdbx_seq_one_letter_code
;MVYMAINAVAGTIREFSPKDIESVYRIAQTSLTEYYTQALILDLHREWPESFMVYTVAGSVVGFIVGSKYSRTEARILLF
AVDERFRRMGVGSALMDAFLSLCREQNMLSVRLEVRTDNDEAIRFYKKYGFVITAMLPNYYSDSSNAYTMWRIVLEHHHH
HH
;
_entity_poly.pdbx_strand_id   C,D,G,I,K,M,F,N,A,B,H,J,L,O,E,P
#
# COMPACT_ATOMS: atom_id res chain seq x y z
N ASN A 7 -29.60 -3.92 -35.95
CA ASN A 7 -30.23 -3.01 -35.02
C ASN A 7 -31.67 -3.29 -34.99
N ALA A 8 -32.19 -3.71 -36.13
CA ALA A 8 -33.62 -3.85 -36.30
C ALA A 8 -34.09 -5.16 -35.75
N VAL A 9 -33.16 -5.98 -35.30
CA VAL A 9 -33.55 -7.29 -34.84
C VAL A 9 -34.47 -7.12 -33.67
N ALA A 10 -35.47 -7.98 -33.60
CA ALA A 10 -36.50 -7.85 -32.60
C ALA A 10 -36.13 -8.74 -31.45
N GLY A 11 -36.06 -8.16 -30.26
CA GLY A 11 -35.63 -8.93 -29.12
C GLY A 11 -34.14 -8.73 -28.93
N THR A 12 -33.82 -8.20 -27.78
CA THR A 12 -32.46 -7.90 -27.37
C THR A 12 -32.12 -8.48 -26.01
N ILE A 13 -30.83 -8.55 -25.71
CA ILE A 13 -30.35 -9.05 -24.40
C ILE A 13 -30.22 -7.95 -23.36
N ARG A 14 -30.94 -8.12 -22.26
CA ARG A 14 -30.76 -7.24 -21.13
C ARG A 14 -30.40 -8.05 -19.89
N GLU A 15 -30.36 -7.39 -18.75
CA GLU A 15 -29.95 -8.00 -17.50
C GLU A 15 -31.10 -8.24 -16.53
N PHE A 16 -31.09 -9.37 -15.86
CA PHE A 16 -32.24 -9.83 -15.13
C PHE A 16 -32.65 -8.79 -14.12
N SER A 17 -33.94 -8.70 -13.85
CA SER A 17 -34.47 -7.96 -12.73
C SER A 17 -35.43 -8.80 -11.90
N PRO A 18 -35.39 -8.64 -10.59
CA PRO A 18 -36.27 -9.36 -9.68
C PRO A 18 -37.69 -9.31 -10.17
N LYS A 19 -37.96 -8.31 -10.98
CA LYS A 19 -39.24 -8.12 -11.66
C LYS A 19 -39.58 -9.18 -12.73
N ASP A 20 -38.60 -9.95 -13.20
CA ASP A 20 -38.81 -11.00 -14.22
C ASP A 20 -38.93 -12.39 -13.61
N ILE A 21 -38.95 -12.49 -12.29
CA ILE A 21 -38.78 -13.80 -11.68
C ILE A 21 -39.80 -14.82 -12.20
N GLU A 22 -41.10 -14.50 -12.16
CA GLU A 22 -42.12 -15.48 -12.56
C GLU A 22 -41.87 -16.08 -13.95
N SER A 23 -41.36 -15.24 -14.86
CA SER A 23 -41.05 -15.64 -16.23
C SER A 23 -39.92 -16.68 -16.25
N VAL A 24 -38.85 -16.35 -15.54
CA VAL A 24 -37.69 -17.20 -15.52
C VAL A 24 -38.03 -18.50 -14.78
N TYR A 25 -38.79 -18.36 -13.69
CA TYR A 25 -39.23 -19.51 -12.90
C TYR A 25 -40.09 -20.44 -13.74
N ARG A 26 -40.83 -19.85 -14.67
CA ARG A 26 -41.66 -20.64 -15.59
C ARG A 26 -40.79 -21.36 -16.64
N ILE A 27 -39.83 -20.66 -17.23
CA ILE A 27 -38.99 -21.32 -18.24
C ILE A 27 -38.18 -22.48 -17.63
N ALA A 28 -37.77 -22.32 -16.38
CA ALA A 28 -36.93 -23.29 -15.68
C ALA A 28 -37.70 -24.56 -15.28
N GLN A 29 -38.95 -24.37 -14.86
CA GLN A 29 -39.87 -25.47 -14.57
C GLN A 29 -40.03 -26.36 -15.78
N THR A 30 -40.22 -25.71 -16.92
CA THR A 30 -40.57 -26.36 -18.18
C THR A 30 -39.35 -26.76 -19.03
N SER A 31 -38.12 -26.54 -18.54
CA SER A 31 -36.91 -26.88 -19.32
C SER A 31 -35.84 -27.67 -18.59
N LEU A 32 -35.99 -27.82 -17.27
CA LEU A 32 -34.92 -28.33 -16.42
C LEU A 32 -35.50 -29.34 -15.44
N THR A 33 -34.96 -30.56 -15.46
CA THR A 33 -35.52 -31.64 -14.65
C THR A 33 -35.26 -31.42 -13.16
N GLU A 34 -34.12 -30.80 -12.84
CA GLU A 34 -33.87 -30.39 -11.48
C GLU A 34 -34.80 -29.22 -11.15
N TYR A 35 -35.23 -29.14 -9.90
CA TYR A 35 -36.24 -28.16 -9.46
C TYR A 35 -35.60 -26.88 -8.90
N TYR A 36 -36.17 -25.72 -9.23
CA TYR A 36 -35.62 -24.45 -8.75
C TYR A 36 -36.72 -23.55 -8.30
N THR A 37 -36.79 -23.33 -7.00
CA THR A 37 -37.81 -22.46 -6.43
C THR A 37 -37.52 -21.05 -6.92
N GLN A 38 -38.49 -20.16 -6.76
CA GLN A 38 -38.32 -18.78 -7.17
C GLN A 38 -37.33 -18.06 -6.26
N ALA A 39 -37.38 -18.34 -4.96
CA ALA A 39 -36.50 -17.66 -4.02
C ALA A 39 -35.04 -18.06 -4.22
N LEU A 40 -34.79 -19.32 -4.59
CA LEU A 40 -33.44 -19.81 -4.87
C LEU A 40 -32.83 -19.11 -6.09
N ILE A 41 -33.59 -19.11 -7.18
CA ILE A 41 -33.24 -18.32 -8.38
C ILE A 41 -32.97 -16.85 -7.99
N LEU A 42 -33.86 -16.26 -7.21
CA LEU A 42 -33.67 -14.90 -6.77
C LEU A 42 -32.38 -14.78 -5.97
N ASP A 43 -31.97 -15.89 -5.35
CA ASP A 43 -30.77 -15.91 -4.53
C ASP A 43 -29.53 -16.03 -5.43
N LEU A 44 -29.57 -16.98 -6.38
CA LEU A 44 -28.47 -17.12 -7.37
C LEU A 44 -28.11 -15.81 -8.07
N HIS A 45 -29.10 -14.94 -8.19
CA HIS A 45 -28.88 -13.57 -8.57
C HIS A 45 -27.79 -12.91 -7.73
N ARG A 46 -27.98 -12.87 -6.44
CA ARG A 46 -27.19 -12.01 -5.62
C ARG A 46 -25.72 -12.31 -5.77
N GLU A 47 -25.36 -13.57 -5.93
CA GLU A 47 -23.95 -13.91 -5.95
C GLU A 47 -23.17 -13.26 -7.08
N TRP A 48 -23.64 -13.38 -8.31
CA TRP A 48 -22.99 -12.71 -9.46
C TRP A 48 -24.02 -12.07 -10.33
N PRO A 49 -24.53 -10.86 -9.85
CA PRO A 49 -25.75 -10.42 -10.54
C PRO A 49 -25.56 -10.10 -11.99
N GLU A 50 -24.43 -9.52 -12.31
CA GLU A 50 -24.23 -8.97 -13.62
C GLU A 50 -24.30 -10.05 -14.65
N SER A 51 -24.11 -11.30 -14.25
CA SER A 51 -24.13 -12.39 -15.19
C SER A 51 -25.48 -12.99 -15.39
N PHE A 52 -26.49 -12.45 -14.75
CA PHE A 52 -27.82 -12.98 -14.89
C PHE A 52 -28.47 -12.16 -15.95
N MET A 53 -28.61 -12.72 -17.13
CA MET A 53 -29.09 -11.94 -18.28
C MET A 53 -30.24 -12.66 -18.91
N VAL A 54 -31.14 -11.89 -19.52
CA VAL A 54 -32.29 -12.45 -20.16
C VAL A 54 -32.33 -11.95 -21.59
N TYR A 55 -32.91 -12.79 -22.45
CA TYR A 55 -33.24 -12.42 -23.82
C TYR A 55 -34.70 -12.05 -23.88
N THR A 56 -34.96 -10.83 -24.31
CA THR A 56 -36.27 -10.22 -24.19
C THR A 56 -36.84 -9.98 -25.58
N VAL A 57 -38.08 -10.44 -25.80
CA VAL A 57 -38.72 -10.36 -27.13
C VAL A 57 -40.15 -9.86 -27.00
N ALA A 58 -40.38 -8.60 -27.41
CA ALA A 58 -41.62 -7.90 -27.07
C ALA A 58 -41.75 -7.88 -25.57
N GLY A 59 -40.73 -7.35 -24.89
CA GLY A 59 -40.71 -7.28 -23.43
C GLY A 59 -41.18 -8.53 -22.68
N SER A 60 -40.96 -9.71 -23.27
CA SER A 60 -41.14 -10.99 -22.59
C SER A 60 -39.82 -11.79 -22.58
N VAL A 61 -39.44 -12.22 -21.39
CA VAL A 61 -38.26 -13.01 -21.26
C VAL A 61 -38.56 -14.34 -21.93
N VAL A 62 -37.71 -14.70 -22.87
CA VAL A 62 -37.85 -15.95 -23.57
C VAL A 62 -36.62 -16.81 -23.38
N GLY A 63 -35.81 -16.43 -22.40
CA GLY A 63 -34.60 -17.18 -22.10
C GLY A 63 -33.65 -16.40 -21.22
N PHE A 64 -32.82 -17.13 -20.50
CA PHE A 64 -31.94 -16.55 -19.50
C PHE A 64 -30.72 -17.45 -19.27
N ILE A 65 -29.64 -16.83 -18.82
CA ILE A 65 -28.47 -17.56 -18.39
C ILE A 65 -28.07 -16.95 -17.05
N VAL A 66 -27.30 -17.70 -16.25
CA VAL A 66 -26.82 -17.12 -14.98
C VAL A 66 -25.64 -17.88 -14.44
N GLY A 67 -24.64 -17.14 -13.96
CA GLY A 67 -23.36 -17.76 -13.62
C GLY A 67 -22.83 -17.42 -12.25
N SER A 68 -21.84 -18.20 -11.82
CA SER A 68 -21.05 -17.86 -10.64
C SER A 68 -19.56 -17.83 -10.98
N LYS A 69 -18.79 -17.24 -10.06
CA LYS A 69 -17.35 -17.30 -10.10
C LYS A 69 -16.88 -18.46 -9.24
N TYR A 70 -16.60 -19.58 -9.89
CA TYR A 70 -16.13 -20.79 -9.22
C TYR A 70 -14.81 -20.54 -8.56
N SER A 71 -13.96 -19.83 -9.27
CA SER A 71 -12.61 -19.56 -8.86
C SER A 71 -12.42 -18.15 -9.31
N ARG A 72 -11.35 -17.52 -8.90
CA ARG A 72 -11.17 -16.11 -9.20
C ARG A 72 -11.20 -15.95 -10.69
N THR A 73 -10.74 -16.95 -11.44
CA THR A 73 -10.68 -16.83 -12.92
C THR A 73 -11.55 -17.84 -13.68
N GLU A 74 -12.08 -18.84 -13.00
CA GLU A 74 -12.96 -19.77 -13.67
C GLU A 74 -14.40 -19.43 -13.32
N ALA A 75 -15.20 -19.17 -14.36
CA ALA A 75 -16.62 -18.94 -14.19
C ALA A 75 -17.32 -20.27 -14.28
N ARG A 76 -18.57 -20.32 -13.80
CA ARG A 76 -19.39 -21.53 -13.87
C ARG A 76 -20.78 -21.14 -14.29
N ILE A 77 -21.44 -21.97 -15.11
CA ILE A 77 -22.81 -21.68 -15.52
C ILE A 77 -23.80 -22.44 -14.67
N LEU A 78 -24.62 -21.71 -13.92
CA LEU A 78 -25.56 -22.33 -12.97
C LEU A 78 -26.86 -22.69 -13.65
N LEU A 79 -27.53 -21.71 -14.23
CA LEU A 79 -28.75 -21.97 -14.96
C LEU A 79 -28.76 -21.44 -16.37
N PHE A 80 -29.12 -22.29 -17.31
CA PHE A 80 -29.30 -21.89 -18.67
C PHE A 80 -30.56 -22.50 -19.23
N ALA A 81 -31.51 -21.68 -19.68
CA ALA A 81 -32.72 -22.24 -20.27
C ALA A 81 -33.36 -21.33 -21.28
N VAL A 82 -33.95 -21.92 -22.33
CA VAL A 82 -34.68 -21.13 -23.32
C VAL A 82 -36.06 -21.68 -23.59
N ASP A 83 -37.04 -20.79 -23.71
CA ASP A 83 -38.42 -21.23 -23.80
C ASP A 83 -38.66 -22.07 -25.05
N GLU A 84 -39.36 -23.19 -24.89
CA GLU A 84 -39.61 -24.16 -25.99
C GLU A 84 -40.05 -23.48 -27.28
N ARG A 85 -40.89 -22.48 -27.11
CA ARG A 85 -41.57 -21.84 -28.20
C ARG A 85 -40.61 -20.90 -28.93
N PHE A 86 -39.39 -20.81 -28.41
CA PHE A 86 -38.34 -19.94 -28.95
C PHE A 86 -37.02 -20.73 -29.09
N ARG A 87 -37.10 -22.00 -28.82
CA ARG A 87 -35.89 -22.76 -28.88
C ARG A 87 -35.41 -22.67 -30.30
N ARG A 88 -34.12 -22.79 -30.49
CA ARG A 88 -33.53 -22.92 -31.82
C ARG A 88 -33.70 -21.66 -32.61
N MET A 89 -34.27 -20.66 -31.96
CA MET A 89 -34.35 -19.35 -32.53
C MET A 89 -32.92 -18.91 -32.62
N GLY A 90 -32.09 -19.44 -31.74
CA GLY A 90 -30.73 -18.92 -31.61
C GLY A 90 -30.54 -17.98 -30.44
N VAL A 91 -31.47 -18.01 -29.47
CA VAL A 91 -31.40 -17.11 -28.31
C VAL A 91 -30.25 -17.50 -27.41
N GLY A 92 -30.27 -18.74 -26.94
CA GLY A 92 -29.19 -19.27 -26.11
C GLY A 92 -27.79 -19.03 -26.66
N SER A 93 -27.66 -18.94 -27.97
CA SER A 93 -26.42 -18.49 -28.56
C SER A 93 -26.15 -16.99 -28.31
N ALA A 94 -27.19 -16.19 -28.26
CA ALA A 94 -27.03 -14.80 -27.86
C ALA A 94 -26.46 -14.71 -26.44
N LEU A 95 -27.06 -15.50 -25.53
CA LEU A 95 -26.78 -15.46 -24.12
C LEU A 95 -25.37 -16.03 -23.85
N MET A 96 -25.02 -17.13 -24.50
CA MET A 96 -23.66 -17.62 -24.39
C MET A 96 -22.65 -16.62 -24.97
N ASP A 97 -22.94 -16.05 -26.14
CA ASP A 97 -22.07 -15.02 -26.70
C ASP A 97 -21.86 -13.91 -25.68
N ALA A 98 -22.96 -13.51 -25.02
CA ALA A 98 -22.95 -12.45 -24.03
C ALA A 98 -22.23 -12.86 -22.77
N PHE A 99 -22.47 -14.09 -22.31
CA PHE A 99 -21.82 -14.60 -21.10
C PHE A 99 -20.32 -14.54 -21.33
N LEU A 100 -19.85 -15.17 -22.41
CA LEU A 100 -18.44 -15.18 -22.75
C LEU A 100 -17.88 -13.76 -22.84
N SER A 101 -18.59 -12.84 -23.46
CA SER A 101 -18.09 -11.49 -23.57
C SER A 101 -17.83 -10.95 -22.18
N LEU A 102 -18.77 -11.18 -21.27
CA LEU A 102 -18.61 -10.74 -19.86
C LEU A 102 -17.42 -11.38 -19.17
N CYS A 103 -17.20 -12.65 -19.40
CA CYS A 103 -16.02 -13.28 -18.88
C CYS A 103 -14.78 -12.62 -19.42
N ARG A 104 -14.80 -12.30 -20.72
CA ARG A 104 -13.65 -11.70 -21.38
C ARG A 104 -13.36 -10.38 -20.71
N GLU A 105 -14.44 -9.72 -20.32
CA GLU A 105 -14.39 -8.41 -19.69
C GLU A 105 -13.84 -8.44 -18.28
N GLN A 106 -14.15 -9.48 -17.53
CA GLN A 106 -13.73 -9.57 -16.12
C GLN A 106 -12.65 -10.59 -15.90
N ASN A 107 -11.91 -10.84 -16.99
CA ASN A 107 -10.73 -11.65 -16.97
C ASN A 107 -10.94 -13.01 -16.33
N MET A 108 -12.08 -13.61 -16.68
CA MET A 108 -12.33 -14.99 -16.35
C MET A 108 -11.78 -15.77 -17.51
N LEU A 109 -10.90 -16.72 -17.23
CA LEU A 109 -10.04 -17.30 -18.26
C LEU A 109 -10.60 -18.59 -18.78
N SER A 110 -11.51 -19.21 -18.02
CA SER A 110 -12.20 -20.41 -18.50
C SER A 110 -13.59 -20.50 -17.86
N VAL A 111 -14.44 -21.36 -18.42
CA VAL A 111 -15.79 -21.53 -17.92
C VAL A 111 -16.24 -22.99 -17.91
N ARG A 112 -16.80 -23.40 -16.79
CA ARG A 112 -17.26 -24.76 -16.62
C ARG A 112 -18.77 -24.79 -16.41
N LEU A 113 -19.30 -26.01 -16.48
CA LEU A 113 -20.69 -26.24 -16.19
C LEU A 113 -20.92 -27.70 -15.96
N GLU A 114 -22.10 -28.01 -15.44
CA GLU A 114 -22.51 -29.40 -15.26
C GLU A 114 -23.81 -29.59 -16.00
N VAL A 115 -23.90 -30.68 -16.75
CA VAL A 115 -25.09 -30.99 -17.50
C VAL A 115 -25.46 -32.43 -17.25
N ARG A 116 -26.74 -32.77 -17.40
CA ARG A 116 -27.15 -34.16 -17.34
C ARG A 116 -26.46 -34.92 -18.47
N THR A 117 -26.31 -36.22 -18.26
CA THR A 117 -25.66 -37.09 -19.23
C THR A 117 -26.60 -37.37 -20.40
N ASP A 118 -27.84 -37.63 -20.09
CA ASP A 118 -28.85 -37.92 -21.10
C ASP A 118 -29.14 -36.73 -21.99
N ASN A 119 -28.76 -35.53 -21.56
CA ASN A 119 -29.20 -34.34 -22.25
C ASN A 119 -28.35 -34.08 -23.46
N ASP A 120 -28.65 -34.83 -24.51
CA ASP A 120 -27.93 -34.71 -25.77
C ASP A 120 -28.12 -33.36 -26.41
N GLU A 121 -29.30 -32.79 -26.24
CA GLU A 121 -29.58 -31.57 -27.01
C GLU A 121 -28.61 -30.45 -26.64
N ALA A 122 -28.45 -30.27 -25.34
CA ALA A 122 -27.54 -29.26 -24.81
C ALA A 122 -26.09 -29.66 -24.97
N ILE A 123 -25.78 -30.90 -24.61
CA ILE A 123 -24.41 -31.41 -24.73
C ILE A 123 -23.78 -31.05 -26.07
N ARG A 124 -24.56 -31.19 -27.14
CA ARG A 124 -24.16 -30.70 -28.45
C ARG A 124 -24.01 -29.17 -28.43
N PHE A 125 -25.07 -28.47 -28.03
CA PHE A 125 -25.04 -27.01 -28.02
C PHE A 125 -23.72 -26.51 -27.48
N TYR A 126 -23.31 -27.08 -26.34
CA TYR A 126 -22.07 -26.65 -25.71
C TYR A 126 -20.90 -27.10 -26.55
N LYS A 127 -20.97 -28.32 -27.11
CA LYS A 127 -19.87 -28.81 -27.96
C LYS A 127 -19.69 -27.94 -29.21
N LYS A 128 -20.81 -27.38 -29.68
CA LYS A 128 -20.77 -26.38 -30.73
C LYS A 128 -20.00 -25.16 -30.29
N TYR A 129 -20.12 -24.80 -29.02
CA TYR A 129 -19.42 -23.61 -28.51
C TYR A 129 -17.99 -23.85 -28.03
N GLY A 130 -17.50 -25.07 -28.15
CA GLY A 130 -16.13 -25.38 -27.79
C GLY A 130 -15.97 -26.18 -26.51
N PHE A 131 -17.09 -26.41 -25.82
CA PHE A 131 -17.06 -27.15 -24.57
C PHE A 131 -16.72 -28.62 -24.83
N VAL A 132 -16.21 -29.24 -23.80
CA VAL A 132 -15.59 -30.55 -23.89
C VAL A 132 -15.90 -31.24 -22.60
N ILE A 133 -15.85 -32.56 -22.61
CA ILE A 133 -16.09 -33.30 -21.38
C ILE A 133 -14.79 -33.56 -20.62
N THR A 134 -14.81 -33.33 -19.31
CA THR A 134 -13.61 -33.49 -18.46
C THR A 134 -13.77 -34.52 -17.36
N ALA A 135 -15.00 -34.74 -16.90
CA ALA A 135 -15.29 -35.76 -15.93
C ALA A 135 -16.78 -36.14 -16.00
N MET A 136 -17.12 -37.26 -15.38
CA MET A 136 -18.51 -37.62 -15.16
C MET A 136 -18.75 -37.69 -13.67
N LEU A 137 -19.76 -36.96 -13.19
CA LEU A 137 -20.02 -36.84 -11.75
C LEU A 137 -21.07 -37.82 -11.33
N PRO A 138 -20.68 -38.85 -10.56
CA PRO A 138 -21.60 -39.89 -10.15
C PRO A 138 -22.68 -39.41 -9.17
N ASN A 139 -23.92 -39.81 -9.43
CA ASN A 139 -25.05 -39.49 -8.58
C ASN A 139 -25.01 -38.04 -8.07
N TYR A 140 -25.04 -37.17 -9.08
CA TYR A 140 -24.86 -35.73 -8.93
C TYR A 140 -26.22 -35.06 -8.70
N TYR A 141 -27.18 -35.36 -9.55
CA TYR A 141 -28.48 -34.73 -9.44
C TYR A 141 -29.25 -35.42 -8.30
N SER A 142 -30.36 -34.79 -7.89
CA SER A 142 -31.16 -35.31 -6.79
C SER A 142 -31.88 -36.62 -7.12
N ASP A 143 -32.23 -36.83 -8.39
CA ASP A 143 -32.87 -38.09 -8.79
C ASP A 143 -31.86 -39.22 -9.03
N SER A 144 -30.59 -38.99 -8.65
CA SER A 144 -29.52 -40.01 -8.64
C SER A 144 -29.00 -40.42 -10.04
N SER A 145 -29.20 -39.54 -11.03
CA SER A 145 -28.54 -39.69 -12.32
C SER A 145 -27.22 -38.92 -12.25
N ASN A 146 -26.39 -39.08 -13.27
CA ASN A 146 -25.07 -38.49 -13.27
C ASN A 146 -25.03 -37.21 -14.07
N ALA A 147 -23.83 -36.68 -14.31
CA ALA A 147 -23.63 -35.40 -14.96
C ALA A 147 -22.24 -35.34 -15.59
N TYR A 148 -22.15 -34.78 -16.78
CA TYR A 148 -20.84 -34.47 -17.35
C TYR A 148 -20.45 -33.07 -16.94
N THR A 149 -19.19 -32.90 -16.51
CA THR A 149 -18.66 -31.55 -16.30
C THR A 149 -17.98 -31.17 -17.59
N MET A 150 -18.43 -30.06 -18.15
CA MET A 150 -17.91 -29.56 -19.39
C MET A 150 -17.13 -28.24 -19.17
N TRP A 151 -16.18 -27.98 -20.09
CA TRP A 151 -15.17 -26.97 -19.90
C TRP A 151 -14.64 -26.37 -21.21
N ARG A 152 -14.04 -25.17 -21.13
CA ARG A 152 -13.34 -24.57 -22.26
C ARG A 152 -12.56 -23.36 -21.79
N ILE A 153 -11.42 -23.05 -22.41
CA ILE A 153 -10.79 -21.75 -22.14
C ILE A 153 -11.65 -20.69 -22.82
N VAL A 154 -11.55 -19.47 -22.31
CA VAL A 154 -12.14 -18.33 -22.94
C VAL A 154 -11.35 -17.88 -24.18
N LEU A 155 -10.03 -17.65 -24.04
CA LEU A 155 -9.19 -17.12 -25.15
C LEU A 155 -9.20 -17.88 -26.52
N GLU A 156 -9.55 -17.14 -27.57
CA GLU A 156 -9.63 -17.63 -28.95
C GLU A 156 -8.71 -16.91 -29.94
N HIS A 157 -8.17 -17.68 -30.91
CA HIS A 157 -7.34 -17.16 -32.01
C HIS A 157 -7.69 -17.84 -33.37
N HIS A 158 -7.78 -17.07 -34.46
CA HIS A 158 -8.10 -17.64 -35.79
C HIS A 158 -6.97 -17.31 -36.79
N HIS A 159 -6.62 -18.27 -37.66
CA HIS A 159 -5.57 -18.09 -38.67
C HIS A 159 -6.06 -18.30 -40.12
N VAL B 9 -35.79 27.48 -31.07
CA VAL B 9 -37.08 27.08 -31.64
C VAL B 9 -38.10 26.69 -30.58
N ALA B 10 -39.36 26.76 -30.89
CA ALA B 10 -40.40 26.23 -30.04
C ALA B 10 -41.53 25.65 -30.86
N GLY B 11 -41.97 24.44 -30.55
CA GLY B 11 -41.21 23.49 -29.78
C GLY B 11 -41.77 22.93 -28.49
N THR B 12 -42.34 21.74 -28.50
CA THR B 12 -42.52 21.09 -27.22
C THR B 12 -42.12 19.64 -27.25
N ILE B 13 -41.52 19.23 -26.16
CA ILE B 13 -41.30 17.83 -25.86
C ILE B 13 -42.53 17.23 -25.18
N ARG B 14 -42.92 16.01 -25.52
CA ARG B 14 -43.97 15.33 -24.79
C ARG B 14 -43.80 13.86 -25.00
N GLU B 15 -44.46 13.07 -24.19
CA GLU B 15 -44.36 11.64 -24.36
C GLU B 15 -45.06 11.30 -25.64
N PHE B 16 -44.61 10.25 -26.31
CA PHE B 16 -45.29 9.77 -27.49
C PHE B 16 -46.54 9.01 -27.09
N SER B 17 -47.55 9.07 -27.93
CA SER B 17 -48.77 8.33 -27.73
C SER B 17 -48.92 7.51 -28.97
N PRO B 18 -49.57 6.38 -28.85
CA PRO B 18 -49.51 5.39 -29.92
C PRO B 18 -50.03 6.00 -31.19
N LYS B 19 -50.98 6.90 -31.11
CA LYS B 19 -51.60 7.43 -32.29
C LYS B 19 -50.51 8.06 -33.13
N ASP B 20 -49.43 8.46 -32.48
CA ASP B 20 -48.34 9.15 -33.12
C ASP B 20 -47.59 8.31 -34.12
N ILE B 21 -47.90 7.03 -34.19
CA ILE B 21 -47.02 6.10 -34.86
C ILE B 21 -46.76 6.42 -36.32
N GLU B 22 -47.75 6.89 -37.05
CA GLU B 22 -47.55 7.09 -38.48
C GLU B 22 -46.47 8.10 -38.73
N SER B 23 -46.50 9.16 -37.96
CA SER B 23 -45.57 10.27 -38.18
C SER B 23 -44.19 9.79 -37.83
N VAL B 24 -44.07 9.26 -36.62
CA VAL B 24 -42.82 8.68 -36.14
C VAL B 24 -42.24 7.69 -37.16
N TYR B 25 -43.08 6.80 -37.67
CA TYR B 25 -42.60 5.82 -38.64
C TYR B 25 -42.02 6.47 -39.89
N ARG B 26 -42.67 7.52 -40.36
CA ARG B 26 -42.21 8.22 -41.54
C ARG B 26 -40.87 8.89 -41.27
N ILE B 27 -40.61 9.25 -40.01
CA ILE B 27 -39.33 9.89 -39.66
C ILE B 27 -38.24 8.82 -39.60
N ALA B 28 -38.65 7.63 -39.15
CA ALA B 28 -37.78 6.46 -39.17
C ALA B 28 -37.39 6.10 -40.61
N GLN B 29 -38.39 6.09 -41.49
CA GLN B 29 -38.18 5.77 -42.91
C GLN B 29 -37.17 6.71 -43.52
N THR B 30 -37.46 8.00 -43.39
CA THR B 30 -36.73 9.09 -44.04
C THR B 30 -35.30 9.33 -43.56
N SER B 31 -35.11 9.23 -42.25
CA SER B 31 -33.95 9.83 -41.60
C SER B 31 -32.97 8.78 -41.09
N LEU B 32 -33.44 7.53 -40.97
CA LEU B 32 -32.59 6.37 -40.62
C LEU B 32 -32.48 5.39 -41.79
N THR B 33 -31.28 4.85 -41.98
CA THR B 33 -30.96 3.93 -43.09
C THR B 33 -31.59 2.56 -42.89
N GLU B 34 -31.61 2.11 -41.64
CA GLU B 34 -32.19 0.80 -41.29
C GLU B 34 -33.72 0.83 -41.36
N TYR B 35 -34.35 -0.31 -41.65
CA TYR B 35 -35.81 -0.40 -41.68
C TYR B 35 -36.40 -0.72 -40.32
N TYR B 36 -37.36 0.09 -39.89
CA TYR B 36 -38.07 -0.18 -38.65
C TYR B 36 -39.58 -0.39 -38.88
N THR B 37 -40.04 -1.63 -38.81
CA THR B 37 -41.48 -1.90 -38.83
C THR B 37 -42.21 -1.08 -37.75
N GLN B 38 -43.48 -0.78 -37.99
CA GLN B 38 -44.22 0.04 -37.07
C GLN B 38 -44.42 -0.76 -35.83
N ALA B 39 -44.57 -2.09 -35.96
CA ALA B 39 -44.82 -2.96 -34.79
C ALA B 39 -43.62 -3.03 -33.83
N LEU B 40 -42.41 -3.10 -34.41
CA LEU B 40 -41.15 -2.99 -33.67
C LEU B 40 -41.19 -1.67 -32.89
N ILE B 41 -41.25 -0.55 -33.62
CA ILE B 41 -41.38 0.78 -33.00
C ILE B 41 -42.43 0.88 -31.89
N LEU B 42 -43.53 0.16 -31.99
CA LEU B 42 -44.52 0.19 -30.92
C LEU B 42 -44.04 -0.56 -29.70
N ASP B 43 -43.33 -1.68 -29.88
CA ASP B 43 -42.91 -2.52 -28.73
C ASP B 43 -41.91 -1.79 -27.80
N LEU B 44 -41.06 -0.98 -28.42
CA LEU B 44 -40.16 -0.10 -27.70
C LEU B 44 -40.92 0.77 -26.68
N HIS B 45 -42.05 1.33 -27.10
CA HIS B 45 -42.91 2.17 -26.25
C HIS B 45 -43.42 1.46 -25.00
N ARG B 46 -43.57 0.13 -25.10
CA ARG B 46 -43.96 -0.71 -23.96
C ARG B 46 -42.83 -0.90 -22.96
N GLU B 47 -41.60 -1.06 -23.45
CA GLU B 47 -40.41 -1.30 -22.61
C GLU B 47 -40.03 -0.16 -21.64
N TRP B 48 -40.14 1.09 -22.09
CA TRP B 48 -39.92 2.21 -21.18
C TRP B 48 -40.73 3.42 -21.71
N PRO B 49 -41.97 3.57 -21.22
CA PRO B 49 -42.87 4.49 -21.89
C PRO B 49 -42.48 5.96 -21.79
N GLU B 50 -41.95 6.37 -20.65
CA GLU B 50 -41.61 7.77 -20.47
C GLU B 50 -40.43 8.06 -21.37
N SER B 51 -39.62 7.03 -21.58
CA SER B 51 -38.42 7.16 -22.34
C SER B 51 -38.71 7.63 -23.75
N PHE B 52 -39.84 7.19 -24.30
CA PHE B 52 -40.24 7.54 -25.66
C PHE B 52 -40.79 8.94 -25.73
N MET B 53 -40.13 9.82 -26.46
CA MET B 53 -40.47 11.23 -26.45
C MET B 53 -40.39 11.82 -27.83
N VAL B 54 -41.21 12.84 -28.05
CA VAL B 54 -41.35 13.44 -29.37
C VAL B 54 -41.21 14.91 -29.22
N TYR B 55 -40.64 15.54 -30.22
CA TYR B 55 -40.49 16.97 -30.22
C TYR B 55 -41.38 17.44 -31.32
N THR B 56 -42.18 18.47 -31.04
CA THR B 56 -43.38 18.67 -31.81
C THR B 56 -43.66 20.13 -32.06
N VAL B 57 -43.09 20.65 -33.16
CA VAL B 57 -43.43 22.00 -33.72
C VAL B 57 -44.73 22.01 -34.55
N ALA B 58 -45.45 23.14 -34.50
CA ALA B 58 -46.70 23.33 -35.27
C ALA B 58 -47.71 22.22 -35.06
N GLY B 59 -47.79 21.72 -33.83
CA GLY B 59 -48.65 20.59 -33.54
C GLY B 59 -48.24 19.26 -34.16
N SER B 60 -47.15 19.26 -34.94
CA SER B 60 -46.67 18.09 -35.70
C SER B 60 -45.35 17.53 -35.17
N VAL B 61 -45.23 16.19 -35.15
CA VAL B 61 -43.99 15.53 -34.72
C VAL B 61 -42.85 15.78 -35.72
N VAL B 62 -41.73 16.31 -35.24
CA VAL B 62 -40.58 16.56 -36.11
C VAL B 62 -39.30 15.84 -35.73
N GLY B 63 -39.30 15.24 -34.54
CA GLY B 63 -38.19 14.40 -34.08
C GLY B 63 -38.66 13.55 -32.92
N PHE B 64 -37.85 12.60 -32.50
CA PHE B 64 -38.26 11.75 -31.38
C PHE B 64 -37.09 10.96 -30.87
N ILE B 65 -37.30 10.31 -29.74
CA ILE B 65 -36.28 9.52 -29.08
C ILE B 65 -36.89 8.53 -28.13
N VAL B 66 -36.26 7.40 -27.97
CA VAL B 66 -36.82 6.37 -27.14
C VAL B 66 -35.66 5.54 -26.61
N GLY B 67 -35.84 4.95 -25.46
CA GLY B 67 -34.82 4.14 -24.85
C GLY B 67 -35.34 2.84 -24.26
N SER B 68 -34.62 2.43 -23.22
CA SER B 68 -34.68 1.08 -22.69
C SER B 68 -33.71 1.06 -21.53
N LYS B 69 -33.83 0.06 -20.66
CA LYS B 69 -32.93 -0.12 -19.50
C LYS B 69 -32.15 -1.43 -19.54
N TYR B 70 -30.84 -1.36 -19.75
CA TYR B 70 -30.02 -2.58 -19.79
C TYR B 70 -29.98 -3.24 -18.43
N SER B 71 -29.91 -2.41 -17.38
CA SER B 71 -30.08 -2.86 -15.99
C SER B 71 -30.73 -1.74 -15.15
N ARG B 72 -30.80 -1.93 -13.85
CA ARG B 72 -31.33 -0.90 -12.97
C ARG B 72 -30.59 0.43 -13.17
N THR B 73 -29.31 0.39 -13.47
CA THR B 73 -28.56 1.64 -13.57
C THR B 73 -28.06 2.04 -14.96
N GLU B 74 -28.10 1.13 -15.95
CA GLU B 74 -27.63 1.42 -17.31
C GLU B 74 -28.78 1.68 -18.32
N ALA B 75 -28.88 2.91 -18.77
CA ALA B 75 -29.91 3.29 -19.71
C ALA B 75 -29.41 3.10 -21.12
N ARG B 76 -30.34 2.77 -22.03
CA ARG B 76 -30.06 2.67 -23.45
C ARG B 76 -30.83 3.73 -24.20
N ILE B 77 -30.25 4.23 -25.27
CA ILE B 77 -30.99 4.95 -26.31
C ILE B 77 -31.07 4.04 -27.51
N LEU B 78 -32.28 3.77 -27.96
CA LEU B 78 -32.45 2.82 -29.02
C LEU B 78 -32.72 3.53 -30.31
N LEU B 79 -33.66 4.48 -30.30
CA LEU B 79 -33.92 5.24 -31.49
C LEU B 79 -33.82 6.70 -31.14
N PHE B 80 -33.17 7.47 -32.00
CA PHE B 80 -33.07 8.92 -31.82
C PHE B 80 -33.06 9.50 -33.21
N ALA B 81 -33.99 10.39 -33.51
CA ALA B 81 -34.11 10.87 -34.91
C ALA B 81 -34.80 12.22 -35.04
N VAL B 82 -34.46 12.94 -36.09
CA VAL B 82 -35.09 14.22 -36.37
C VAL B 82 -35.35 14.37 -37.86
N ASP B 83 -36.57 14.74 -38.23
CA ASP B 83 -36.95 15.00 -39.63
C ASP B 83 -36.00 16.00 -40.22
N GLU B 84 -35.37 15.65 -41.34
CA GLU B 84 -34.22 16.43 -41.84
C GLU B 84 -34.64 17.82 -42.37
N ARG B 85 -35.94 18.10 -42.33
CA ARG B 85 -36.44 19.43 -42.67
C ARG B 85 -36.06 20.37 -41.56
N PHE B 86 -35.92 19.82 -40.38
CA PHE B 86 -35.63 20.59 -39.20
C PHE B 86 -34.22 20.42 -38.73
N ARG B 87 -33.31 20.08 -39.61
CA ARG B 87 -32.05 19.55 -39.14
C ARG B 87 -31.27 20.51 -38.26
N ARG B 88 -31.26 21.77 -38.59
CA ARG B 88 -30.38 22.68 -37.89
C ARG B 88 -31.10 23.63 -36.98
N MET B 89 -32.22 23.19 -36.45
CA MET B 89 -32.98 24.03 -35.55
C MET B 89 -32.84 23.68 -34.08
N GLY B 90 -31.87 22.86 -33.73
CA GLY B 90 -31.70 22.52 -32.34
C GLY B 90 -32.86 21.79 -31.71
N VAL B 91 -33.36 20.80 -32.42
CA VAL B 91 -34.38 19.86 -31.96
C VAL B 91 -33.78 18.70 -31.22
N GLY B 92 -32.74 18.09 -31.77
CA GLY B 92 -32.16 16.90 -31.14
C GLY B 92 -31.49 17.21 -29.80
N SER B 93 -30.87 18.37 -29.75
CA SER B 93 -30.24 18.86 -28.55
C SER B 93 -31.33 18.89 -27.49
N ALA B 94 -32.46 19.49 -27.82
CA ALA B 94 -33.59 19.61 -26.90
C ALA B 94 -34.23 18.28 -26.44
N LEU B 95 -34.12 17.22 -27.25
CA LEU B 95 -34.57 15.87 -26.85
C LEU B 95 -33.56 15.14 -25.97
N MET B 96 -32.28 15.26 -26.29
CA MET B 96 -31.25 14.61 -25.49
C MET B 96 -31.27 15.17 -24.06
N ASP B 97 -31.33 16.49 -23.97
CA ASP B 97 -31.46 17.15 -22.69
C ASP B 97 -32.58 16.49 -21.90
N ALA B 98 -33.73 16.43 -22.56
CA ALA B 98 -34.93 15.87 -21.98
C ALA B 98 -34.72 14.42 -21.58
N PHE B 99 -33.99 13.68 -22.39
CA PHE B 99 -33.77 12.26 -22.12
C PHE B 99 -32.90 12.08 -20.90
N LEU B 100 -31.79 12.83 -20.87
CA LEU B 100 -30.83 12.69 -19.80
C LEU B 100 -31.53 13.08 -18.54
N SER B 101 -32.28 14.19 -18.58
CA SER B 101 -33.10 14.59 -17.45
C SER B 101 -33.86 13.40 -16.86
N LEU B 102 -34.63 12.71 -17.68
CA LEU B 102 -35.36 11.51 -17.26
C LEU B 102 -34.40 10.49 -16.64
N CYS B 103 -33.23 10.28 -17.26
CA CYS B 103 -32.20 9.39 -16.71
C CYS B 103 -31.79 9.79 -15.28
N ARG B 104 -31.72 11.10 -15.00
CA ARG B 104 -31.48 11.59 -13.65
C ARG B 104 -32.65 11.20 -12.78
N GLU B 105 -33.83 11.75 -13.08
CA GLU B 105 -35.05 11.49 -12.28
C GLU B 105 -35.14 10.02 -11.83
N GLN B 106 -34.80 9.08 -12.70
CA GLN B 106 -34.96 7.66 -12.39
C GLN B 106 -33.72 7.05 -11.75
N ASN B 107 -32.73 7.88 -11.44
CA ASN B 107 -31.47 7.42 -10.82
C ASN B 107 -30.73 6.39 -11.71
N MET B 108 -30.68 6.70 -13.00
CA MET B 108 -29.91 5.96 -13.98
C MET B 108 -28.53 6.60 -14.05
N LEU B 109 -27.49 5.79 -14.03
CA LEU B 109 -26.09 6.31 -13.97
C LEU B 109 -25.42 6.59 -15.31
N SER B 110 -25.19 5.53 -16.09
CA SER B 110 -24.65 5.67 -17.43
C SER B 110 -25.79 5.64 -18.45
N VAL B 111 -25.45 5.86 -19.73
CA VAL B 111 -26.39 5.71 -20.86
C VAL B 111 -25.62 5.38 -22.13
N ARG B 112 -25.94 4.25 -22.79
CA ARG B 112 -25.23 3.88 -24.03
C ARG B 112 -26.09 3.85 -25.31
N LEU B 113 -25.43 3.88 -26.47
CA LEU B 113 -26.11 3.86 -27.74
C LEU B 113 -25.25 3.41 -28.91
N GLU B 114 -25.93 2.99 -29.97
CA GLU B 114 -25.28 2.51 -31.19
C GLU B 114 -25.40 3.57 -32.25
N VAL B 115 -24.38 3.68 -33.08
CA VAL B 115 -24.38 4.63 -34.22
C VAL B 115 -23.54 4.07 -35.34
N ARG B 116 -23.97 4.36 -36.57
CA ARG B 116 -23.25 3.89 -37.75
C ARG B 116 -21.92 4.60 -37.77
N THR B 117 -20.89 3.87 -38.17
CA THR B 117 -19.53 4.40 -38.19
C THR B 117 -19.41 5.51 -39.20
N ASP B 118 -20.15 5.39 -40.31
CA ASP B 118 -20.15 6.37 -41.40
C ASP B 118 -20.87 7.68 -41.08
N ASN B 119 -21.80 7.63 -40.11
CA ASN B 119 -22.65 8.78 -39.78
C ASN B 119 -21.89 9.80 -38.96
N ASP B 120 -21.09 10.64 -39.63
CA ASP B 120 -20.21 11.62 -38.95
C ASP B 120 -21.05 12.66 -38.22
N GLU B 121 -22.16 13.03 -38.86
CA GLU B 121 -23.13 14.02 -38.35
C GLU B 121 -23.56 13.66 -36.93
N ALA B 122 -24.02 12.42 -36.77
CA ALA B 122 -24.46 11.90 -35.48
C ALA B 122 -23.30 11.75 -34.50
N ILE B 123 -22.19 11.12 -34.93
CA ILE B 123 -21.04 10.90 -34.05
C ILE B 123 -20.51 12.22 -33.48
N ARG B 124 -20.59 13.29 -34.27
CA ARG B 124 -20.12 14.62 -33.84
C ARG B 124 -20.96 15.15 -32.68
N PHE B 125 -22.28 15.04 -32.85
CA PHE B 125 -23.30 15.49 -31.88
C PHE B 125 -23.22 14.74 -30.57
N TYR B 126 -23.27 13.42 -30.60
CA TYR B 126 -23.07 12.61 -29.39
C TYR B 126 -21.78 13.02 -28.71
N LYS B 127 -20.70 13.12 -29.49
CA LYS B 127 -19.38 13.40 -28.92
C LYS B 127 -19.42 14.71 -28.22
N LYS B 128 -20.06 15.69 -28.86
CA LYS B 128 -20.35 16.98 -28.22
C LYS B 128 -21.08 16.76 -26.89
N TYR B 129 -22.03 15.86 -26.92
CA TYR B 129 -22.86 15.59 -25.76
C TYR B 129 -22.18 14.73 -24.69
N GLY B 130 -20.89 14.47 -24.83
CA GLY B 130 -20.16 13.73 -23.80
C GLY B 130 -20.09 12.23 -23.98
N PHE B 131 -20.63 11.71 -25.07
CA PHE B 131 -20.47 10.31 -25.35
C PHE B 131 -19.06 10.06 -25.90
N VAL B 132 -18.58 8.84 -25.66
CA VAL B 132 -17.26 8.34 -26.09
C VAL B 132 -17.42 6.94 -26.61
N ILE B 133 -16.70 6.64 -27.69
CA ILE B 133 -16.78 5.32 -28.32
C ILE B 133 -16.15 4.31 -27.37
N THR B 134 -16.81 3.17 -27.20
CA THR B 134 -16.33 2.09 -26.32
C THR B 134 -16.11 0.77 -27.03
N ALA B 135 -16.83 0.52 -28.11
CA ALA B 135 -16.65 -0.69 -28.93
C ALA B 135 -17.24 -0.50 -30.30
N MET B 136 -16.72 -1.23 -31.29
CA MET B 136 -17.38 -1.29 -32.60
C MET B 136 -18.05 -2.65 -32.75
N LEU B 137 -19.17 -2.65 -33.46
CA LEU B 137 -19.94 -3.85 -33.69
C LEU B 137 -19.94 -4.07 -35.19
N PRO B 138 -19.09 -5.00 -35.70
CA PRO B 138 -19.08 -5.29 -37.13
C PRO B 138 -20.34 -6.01 -37.60
N ASN B 139 -20.80 -5.68 -38.81
CA ASN B 139 -22.02 -6.24 -39.40
C ASN B 139 -23.27 -6.24 -38.49
N TYR B 140 -23.39 -5.12 -37.79
CA TYR B 140 -24.42 -4.90 -36.82
C TYR B 140 -25.70 -4.62 -37.54
N TYR B 141 -25.62 -3.96 -38.68
CA TYR B 141 -26.84 -3.63 -39.43
C TYR B 141 -27.23 -4.67 -40.48
N SER B 142 -28.44 -4.51 -41.01
CA SER B 142 -28.94 -5.36 -42.10
C SER B 142 -27.99 -5.38 -43.28
N ASP B 143 -27.50 -4.20 -43.70
CA ASP B 143 -26.55 -4.11 -44.82
C ASP B 143 -25.09 -4.51 -44.49
N SER B 144 -24.86 -5.08 -43.31
CA SER B 144 -23.53 -5.48 -42.86
C SER B 144 -22.54 -4.33 -42.71
N SER B 145 -23.06 -3.12 -42.45
CA SER B 145 -22.18 -2.02 -42.10
C SER B 145 -21.97 -2.03 -40.60
N ASN B 146 -20.87 -1.41 -40.19
CA ASN B 146 -20.46 -1.48 -38.81
C ASN B 146 -21.19 -0.49 -37.96
N ALA B 147 -20.98 -0.57 -36.64
CA ALA B 147 -21.59 0.35 -35.67
C ALA B 147 -20.66 0.59 -34.50
N TYR B 148 -20.88 1.66 -33.75
CA TYR B 148 -20.16 1.90 -32.50
C TYR B 148 -21.08 1.73 -31.31
N THR B 149 -20.52 1.44 -30.16
CA THR B 149 -21.22 1.66 -28.92
C THR B 149 -20.54 2.91 -28.38
N MET B 150 -21.30 3.96 -28.14
CA MET B 150 -20.82 5.11 -27.38
C MET B 150 -21.55 5.15 -26.05
N TRP B 151 -20.93 5.75 -25.05
CA TRP B 151 -21.37 5.58 -23.65
C TRP B 151 -20.93 6.79 -22.82
N ARG B 152 -21.68 7.08 -21.75
CA ARG B 152 -21.25 8.15 -20.81
C ARG B 152 -21.92 8.04 -19.47
N ILE B 153 -21.33 8.59 -18.41
CA ILE B 153 -22.04 8.65 -17.13
C ILE B 153 -22.89 9.90 -17.06
N VAL B 154 -23.76 9.95 -16.04
CA VAL B 154 -24.67 11.06 -15.80
C VAL B 154 -24.68 11.43 -14.33
N LEU B 155 -24.63 12.74 -14.06
CA LEU B 155 -24.39 13.31 -12.73
C LEU B 155 -25.50 14.34 -12.34
N ILE C 6 3.11 -28.82 -33.88
CA ILE C 6 2.22 -29.39 -34.89
C ILE C 6 1.51 -28.26 -35.61
N ASN C 7 1.54 -28.28 -36.92
CA ASN C 7 1.04 -27.16 -37.70
C ASN C 7 0.78 -27.62 -39.10
N ALA C 8 -0.22 -27.05 -39.77
CA ALA C 8 -0.49 -27.49 -41.13
C ALA C 8 0.54 -27.14 -42.20
N VAL C 9 0.99 -25.89 -42.19
CA VAL C 9 1.59 -25.32 -43.37
C VAL C 9 2.66 -24.31 -43.05
N ALA C 10 3.14 -23.65 -44.09
CA ALA C 10 4.25 -22.71 -43.91
C ALA C 10 3.81 -21.25 -43.83
N GLY C 11 4.65 -20.46 -43.17
CA GLY C 11 4.41 -19.03 -42.97
C GLY C 11 3.69 -18.78 -41.67
N THR C 12 4.38 -18.18 -40.68
CA THR C 12 3.77 -17.90 -39.38
C THR C 12 4.32 -16.58 -38.85
N ILE C 13 3.85 -16.20 -37.65
CA ILE C 13 4.29 -15.02 -36.98
C ILE C 13 5.22 -15.35 -35.81
N ARG C 14 6.37 -14.69 -35.78
CA ARG C 14 7.23 -14.68 -34.60
C ARG C 14 7.65 -13.25 -34.27
N GLU C 15 8.35 -13.11 -33.16
CA GLU C 15 8.73 -11.80 -32.65
C GLU C 15 10.10 -11.42 -33.23
N PHE C 16 10.24 -10.15 -33.61
CA PHE C 16 11.46 -9.65 -34.24
C PHE C 16 12.65 -9.82 -33.34
N SER C 17 13.70 -10.40 -33.92
CA SER C 17 15.02 -10.46 -33.31
C SER C 17 15.93 -9.48 -34.04
N PRO C 18 17.03 -9.06 -33.40
CA PRO C 18 17.91 -8.12 -34.12
C PRO C 18 18.56 -8.70 -35.36
N LYS C 19 18.69 -10.02 -35.44
CA LYS C 19 19.25 -10.69 -36.62
C LYS C 19 18.38 -10.57 -37.90
N ASP C 20 17.16 -10.07 -37.73
CA ASP C 20 16.27 -9.81 -38.85
C ASP C 20 16.42 -8.40 -39.40
N ILE C 21 17.28 -7.60 -38.78
CA ILE C 21 17.31 -6.17 -39.09
C ILE C 21 17.53 -5.95 -40.58
N GLU C 22 18.50 -6.66 -41.16
CA GLU C 22 18.76 -6.56 -42.60
C GLU C 22 17.54 -6.89 -43.43
N SER C 23 16.90 -8.00 -43.08
CA SER C 23 15.76 -8.49 -43.85
C SER C 23 14.60 -7.51 -43.72
N VAL C 24 14.39 -6.94 -42.54
CA VAL C 24 13.30 -5.98 -42.37
C VAL C 24 13.65 -4.68 -43.09
N TYR C 25 14.90 -4.24 -42.95
CA TYR C 25 15.38 -2.97 -43.54
C TYR C 25 15.18 -2.88 -45.05
N ARG C 26 15.44 -4.01 -45.72
CA ARG C 26 15.24 -4.11 -47.14
C ARG C 26 13.77 -3.87 -47.46
N ILE C 27 12.89 -4.38 -46.61
CA ILE C 27 11.44 -4.26 -46.86
C ILE C 27 10.95 -2.84 -46.64
N ALA C 28 11.59 -2.15 -45.71
CA ALA C 28 11.27 -0.76 -45.39
C ALA C 28 11.65 0.18 -46.52
N GLN C 29 12.83 -0.06 -47.14
CA GLN C 29 13.31 0.73 -48.29
C GLN C 29 12.47 0.53 -49.56
N THR C 30 12.21 -0.73 -49.90
CA THR C 30 11.37 -1.09 -51.03
C THR C 30 9.97 -0.50 -50.93
N SER C 31 9.39 -0.54 -49.73
CA SER C 31 7.95 -0.37 -49.53
C SER C 31 7.52 0.99 -48.98
N LEU C 32 8.32 1.51 -48.05
CA LEU C 32 8.03 2.76 -47.36
C LEU C 32 8.82 3.90 -47.98
N THR C 33 8.12 4.99 -48.30
CA THR C 33 8.72 6.14 -48.96
C THR C 33 9.61 6.99 -48.01
N GLU C 34 9.36 6.89 -46.71
CA GLU C 34 10.12 7.65 -45.70
C GLU C 34 11.35 6.84 -45.25
N TYR C 35 12.48 7.52 -45.12
CA TYR C 35 13.75 6.82 -44.94
C TYR C 35 13.95 6.42 -43.51
N TYR C 36 13.81 5.13 -43.23
CA TYR C 36 14.06 4.59 -41.87
C TYR C 36 15.38 3.84 -41.79
N THR C 37 16.32 4.37 -41.02
CA THR C 37 17.62 3.71 -40.85
C THR C 37 17.51 2.52 -39.93
N GLN C 38 18.28 1.49 -40.24
CA GLN C 38 18.46 0.33 -39.36
C GLN C 38 18.66 0.61 -37.87
N ALA C 39 19.59 1.50 -37.56
CA ALA C 39 19.84 1.83 -36.18
C ALA C 39 18.56 2.33 -35.49
N LEU C 40 17.81 3.18 -36.18
CA LEU C 40 16.48 3.63 -35.72
C LEU C 40 15.52 2.46 -35.52
N ILE C 41 15.47 1.55 -36.46
CA ILE C 41 14.55 0.42 -36.38
C ILE C 41 14.82 -0.44 -35.18
N LEU C 42 16.08 -0.59 -34.79
CA LEU C 42 16.38 -1.29 -33.55
C LEU C 42 15.97 -0.50 -32.30
N ASP C 43 15.98 0.82 -32.39
CA ASP C 43 15.54 1.67 -31.27
C ASP C 43 14.08 1.38 -31.03
N LEU C 44 13.28 1.38 -32.09
CA LEU C 44 11.84 1.17 -31.94
C LEU C 44 11.63 -0.17 -31.28
N HIS C 45 12.42 -1.13 -31.71
CA HIS C 45 12.37 -2.44 -31.16
C HIS C 45 12.60 -2.42 -29.67
N ARG C 46 13.53 -1.59 -29.23
CA ARG C 46 13.79 -1.45 -27.81
C ARG C 46 12.62 -0.85 -27.05
N GLU C 47 11.92 0.11 -27.65
CA GLU C 47 10.78 0.74 -26.97
C GLU C 47 9.65 -0.23 -26.63
N TRP C 48 9.11 -0.95 -27.62
CA TRP C 48 8.01 -1.87 -27.32
C TRP C 48 8.20 -3.23 -28.06
N PRO C 49 9.18 -4.03 -27.57
CA PRO C 49 9.65 -5.15 -28.37
C PRO C 49 8.61 -6.18 -28.78
N GLU C 50 7.60 -6.39 -27.96
CA GLU C 50 6.61 -7.44 -28.26
C GLU C 50 5.66 -6.96 -29.33
N SER C 51 5.68 -5.66 -29.58
CA SER C 51 4.97 -5.02 -30.66
C SER C 51 5.57 -5.34 -32.02
N PHE C 52 6.86 -5.63 -32.03
CA PHE C 52 7.63 -5.85 -33.24
C PHE C 52 7.54 -7.32 -33.67
N MET C 53 6.74 -7.59 -34.69
CA MET C 53 6.41 -8.98 -35.05
C MET C 53 6.67 -9.13 -36.50
N VAL C 54 7.27 -10.25 -36.86
CA VAL C 54 7.65 -10.48 -38.23
C VAL C 54 6.90 -11.70 -38.69
N TYR C 55 6.54 -11.70 -39.98
CA TYR C 55 5.95 -12.86 -40.64
C TYR C 55 7.00 -13.66 -41.38
N THR C 56 7.29 -14.83 -40.85
CA THR C 56 8.33 -15.74 -41.33
C THR C 56 7.65 -16.59 -42.38
N VAL C 57 8.38 -17.01 -43.42
CA VAL C 57 7.87 -17.93 -44.48
C VAL C 57 9.00 -18.83 -44.97
N ALA C 58 8.92 -20.10 -44.59
CA ALA C 58 10.07 -20.99 -44.68
C ALA C 58 11.31 -20.33 -44.04
N GLY C 59 11.12 -19.72 -42.89
CA GLY C 59 12.22 -19.05 -42.23
C GLY C 59 12.57 -17.69 -42.79
N SER C 60 11.89 -17.24 -43.84
CA SER C 60 12.21 -15.91 -44.38
C SER C 60 11.24 -14.81 -43.94
N VAL C 61 11.78 -13.65 -43.56
CA VAL C 61 10.96 -12.52 -43.20
C VAL C 61 10.40 -11.88 -44.45
N VAL C 62 9.08 -11.89 -44.58
CA VAL C 62 8.45 -11.29 -45.73
C VAL C 62 7.42 -10.27 -45.29
N GLY C 63 7.53 -9.81 -44.06
CA GLY C 63 6.49 -8.97 -43.51
C GLY C 63 6.81 -8.63 -42.08
N PHE C 64 6.41 -7.43 -41.66
CA PHE C 64 6.71 -7.00 -40.32
C PHE C 64 5.81 -5.84 -39.87
N ILE C 65 5.55 -5.77 -38.56
CA ILE C 65 4.84 -4.67 -37.92
C ILE C 65 5.52 -4.29 -36.58
N VAL C 66 5.32 -3.06 -36.13
CA VAL C 66 5.97 -2.63 -34.92
C VAL C 66 5.19 -1.46 -34.40
N GLY C 67 5.17 -1.31 -33.08
CA GLY C 67 4.31 -0.33 -32.43
C GLY C 67 4.95 0.53 -31.37
N SER C 68 4.06 1.28 -30.73
CA SER C 68 4.41 2.20 -29.66
C SER C 68 3.16 2.41 -28.83
N LYS C 69 3.36 2.85 -27.60
CA LYS C 69 2.25 3.24 -26.73
C LYS C 69 2.19 4.74 -26.71
N TYR C 70 1.21 5.31 -27.39
CA TYR C 70 1.04 6.76 -27.42
C TYR C 70 0.77 7.29 -26.00
N SER C 71 0.05 6.48 -25.21
CA SER C 71 -0.35 6.73 -23.82
C SER C 71 -0.73 5.38 -23.25
N ARG C 72 -0.88 5.24 -21.94
CA ARG C 72 -1.01 3.87 -21.38
C ARG C 72 -2.23 3.10 -21.91
N THR C 73 -3.09 3.79 -22.67
CA THR C 73 -4.30 3.15 -23.26
C THR C 73 -4.27 3.01 -24.80
N GLU C 74 -3.66 3.99 -25.48
CA GLU C 74 -3.65 4.08 -26.95
C GLU C 74 -2.36 3.58 -27.60
N ALA C 75 -2.49 2.58 -28.46
CA ALA C 75 -1.36 2.06 -29.23
C ALA C 75 -1.19 2.85 -30.53
N ARG C 76 0.00 2.79 -31.09
CA ARG C 76 0.26 3.41 -32.38
C ARG C 76 1.15 2.47 -33.23
N ILE C 77 0.79 2.39 -34.51
CA ILE C 77 1.54 1.60 -35.49
C ILE C 77 2.57 2.50 -36.21
N LEU C 78 3.84 2.26 -35.95
CA LEU C 78 4.89 3.09 -36.52
C LEU C 78 5.28 2.63 -37.90
N LEU C 79 5.76 1.40 -38.04
CA LEU C 79 6.11 0.83 -39.33
C LEU C 79 5.34 -0.42 -39.61
N PHE C 80 4.66 -0.47 -40.74
CA PHE C 80 3.98 -1.68 -41.14
C PHE C 80 4.15 -1.93 -42.62
N ALA C 81 4.73 -3.06 -43.00
CA ALA C 81 4.92 -3.35 -44.40
C ALA C 81 5.03 -4.83 -44.71
N VAL C 82 4.65 -5.24 -45.91
CA VAL C 82 4.91 -6.62 -46.34
C VAL C 82 5.81 -6.61 -47.59
N ASP C 83 6.69 -7.62 -47.73
CA ASP C 83 7.58 -7.75 -48.91
C ASP C 83 6.76 -7.75 -50.21
N GLU C 84 7.27 -6.97 -51.18
CA GLU C 84 6.59 -6.69 -52.46
C GLU C 84 6.01 -7.92 -53.14
N ARG C 85 6.73 -9.04 -53.10
CA ARG C 85 6.29 -10.28 -53.75
C ARG C 85 5.14 -10.98 -53.06
N PHE C 86 4.95 -10.74 -51.77
CA PHE C 86 4.03 -11.49 -50.93
C PHE C 86 2.69 -10.86 -50.61
N ARG C 87 2.30 -9.84 -51.36
CA ARG C 87 1.04 -9.18 -51.12
C ARG C 87 0.13 -9.52 -52.28
N ARG C 88 -1.10 -9.96 -52.04
CA ARG C 88 -1.61 -10.18 -50.73
C ARG C 88 -1.90 -11.64 -50.65
N MET C 89 -1.35 -12.28 -49.64
CA MET C 89 -1.66 -13.67 -49.36
C MET C 89 -2.26 -13.84 -47.98
N GLY C 90 -2.58 -12.76 -47.31
CA GLY C 90 -3.05 -12.86 -45.93
C GLY C 90 -2.06 -12.28 -44.92
N VAL C 91 -0.97 -11.69 -45.41
CA VAL C 91 0.21 -11.46 -44.58
C VAL C 91 0.07 -10.25 -43.68
N GLY C 92 -0.34 -9.12 -44.24
CA GLY C 92 -0.62 -7.93 -43.42
C GLY C 92 -1.78 -8.09 -42.46
N SER C 93 -2.82 -8.77 -42.89
CA SER C 93 -3.96 -9.05 -42.04
C SER C 93 -3.49 -9.94 -40.89
N ALA C 94 -2.56 -10.85 -41.18
CA ALA C 94 -2.10 -11.78 -40.16
C ALA C 94 -1.38 -11.01 -39.07
N LEU C 95 -0.60 -10.01 -39.49
CA LEU C 95 0.13 -9.17 -38.57
C LEU C 95 -0.79 -8.23 -37.77
N MET C 96 -1.74 -7.57 -38.43
CA MET C 96 -2.66 -6.64 -37.77
C MET C 96 -3.42 -7.37 -36.69
N ASP C 97 -3.84 -8.59 -37.01
CA ASP C 97 -4.46 -9.45 -36.02
C ASP C 97 -3.52 -9.68 -34.86
N ALA C 98 -2.33 -10.14 -35.18
CA ALA C 98 -1.35 -10.38 -34.14
C ALA C 98 -1.18 -9.17 -33.21
N PHE C 99 -1.02 -8.00 -33.81
CA PHE C 99 -0.96 -6.70 -33.11
C PHE C 99 -2.20 -6.39 -32.30
N LEU C 100 -3.37 -6.63 -32.91
CA LEU C 100 -4.63 -6.40 -32.20
C LEU C 100 -4.74 -7.34 -31.01
N SER C 101 -4.37 -8.62 -31.20
CA SER C 101 -4.34 -9.57 -30.10
C SER C 101 -3.46 -9.15 -28.94
N LEU C 102 -2.33 -8.55 -29.24
CA LEU C 102 -1.45 -8.06 -28.21
C LEU C 102 -2.05 -6.85 -27.52
N CYS C 103 -2.79 -6.06 -28.27
CA CYS C 103 -3.42 -4.89 -27.69
C CYS C 103 -4.46 -5.37 -26.67
N ARG C 104 -5.21 -6.41 -27.04
CA ARG C 104 -6.19 -7.00 -26.12
C ARG C 104 -5.46 -7.46 -24.88
N GLU C 105 -4.45 -8.31 -25.06
CA GLU C 105 -3.63 -8.86 -23.95
C GLU C 105 -3.18 -7.79 -22.94
N GLN C 106 -2.72 -6.68 -23.47
CA GLN C 106 -2.04 -5.65 -22.70
C GLN C 106 -2.96 -4.54 -22.30
N ASN C 107 -4.23 -4.72 -22.57
CA ASN C 107 -5.21 -3.78 -22.08
C ASN C 107 -5.13 -2.42 -22.73
N MET C 108 -4.57 -2.35 -23.93
CA MET C 108 -4.69 -1.18 -24.77
C MET C 108 -6.09 -1.10 -25.35
N LEU C 109 -6.61 0.09 -25.58
CA LEU C 109 -8.06 0.24 -25.87
C LEU C 109 -8.35 0.75 -27.28
N SER C 110 -7.58 1.75 -27.72
CA SER C 110 -7.64 2.23 -29.09
C SER C 110 -6.27 2.10 -29.77
N VAL C 111 -6.23 2.24 -31.09
CA VAL C 111 -4.96 2.32 -31.81
C VAL C 111 -5.03 3.27 -32.98
N ARG C 112 -3.99 4.08 -33.13
CA ARG C 112 -3.91 5.11 -34.15
C ARG C 112 -2.69 4.82 -35.02
N LEU C 113 -2.64 5.53 -36.14
CA LEU C 113 -1.54 5.47 -37.06
C LEU C 113 -1.60 6.68 -37.95
N GLU C 114 -0.50 7.02 -38.60
CA GLU C 114 -0.49 8.04 -39.63
C GLU C 114 -0.17 7.39 -40.95
N VAL C 115 -0.93 7.70 -41.98
CA VAL C 115 -0.72 7.15 -43.33
C VAL C 115 -0.67 8.28 -44.36
N ARG C 116 0.05 8.08 -45.47
CA ARG C 116 0.12 9.08 -46.55
C ARG C 116 -1.25 9.20 -47.22
N THR C 117 -1.59 10.39 -47.65
CA THR C 117 -2.91 10.67 -48.20
C THR C 117 -3.18 9.92 -49.49
N ASP C 118 -2.21 9.87 -50.39
CA ASP C 118 -2.27 8.98 -51.53
C ASP C 118 -1.58 7.67 -51.27
N ASN C 119 -2.14 6.84 -50.40
CA ASN C 119 -1.66 5.49 -50.25
C ASN C 119 -2.87 4.63 -50.27
N ASP C 120 -3.57 4.73 -51.36
CA ASP C 120 -4.87 4.08 -51.50
C ASP C 120 -4.80 2.61 -51.17
N GLU C 121 -3.60 2.02 -51.30
CA GLU C 121 -3.39 0.63 -50.90
C GLU C 121 -3.69 0.49 -49.42
N ALA C 122 -2.86 1.13 -48.58
CA ALA C 122 -2.94 1.03 -47.12
C ALA C 122 -4.29 1.49 -46.50
N ILE C 123 -4.83 2.60 -46.99
CA ILE C 123 -6.13 3.06 -46.53
C ILE C 123 -7.13 1.94 -46.74
N ARG C 124 -7.36 1.50 -47.96
CA ARG C 124 -8.28 0.38 -48.20
C ARG C 124 -8.10 -0.70 -47.14
N PHE C 125 -6.85 -1.06 -46.90
CA PHE C 125 -6.49 -2.14 -45.98
C PHE C 125 -6.87 -1.79 -44.56
N TYR C 126 -6.41 -0.62 -44.10
CA TYR C 126 -6.75 -0.16 -42.76
C TYR C 126 -8.27 -0.03 -42.60
N LYS C 127 -8.93 0.63 -43.57
CA LYS C 127 -10.38 0.80 -43.55
C LYS C 127 -11.07 -0.53 -43.40
N LYS C 128 -10.64 -1.53 -44.17
CA LYS C 128 -11.17 -2.88 -44.01
C LYS C 128 -11.09 -3.39 -42.58
N TYR C 129 -10.09 -2.95 -41.82
CA TYR C 129 -9.93 -3.36 -40.42
C TYR C 129 -10.65 -2.45 -39.43
N GLY C 130 -11.44 -1.50 -39.93
CA GLY C 130 -12.29 -0.68 -39.07
C GLY C 130 -11.67 0.64 -38.70
N PHE C 131 -10.51 0.92 -39.27
CA PHE C 131 -9.91 2.22 -39.08
C PHE C 131 -10.74 3.26 -39.82
N VAL C 132 -10.62 4.49 -39.34
CA VAL C 132 -11.26 5.62 -39.97
C VAL C 132 -10.32 6.78 -39.93
N ILE C 133 -10.46 7.69 -40.89
CA ILE C 133 -9.66 8.91 -40.88
C ILE C 133 -10.29 9.85 -39.84
N THR C 134 -9.49 10.29 -38.87
CA THR C 134 -9.97 11.22 -37.87
C THR C 134 -9.28 12.56 -37.97
N ALA C 135 -8.26 12.68 -38.80
CA ALA C 135 -7.56 13.96 -38.92
C ALA C 135 -6.68 14.00 -40.16
N MET C 136 -6.35 15.23 -40.60
CA MET C 136 -5.42 15.47 -41.73
C MET C 136 -4.26 16.33 -41.29
N LEU C 137 -3.07 15.75 -41.22
CA LEU C 137 -1.91 16.43 -40.67
C LEU C 137 -1.17 17.11 -41.78
N PRO C 138 -1.07 18.46 -41.74
CA PRO C 138 -0.40 19.19 -42.82
C PRO C 138 1.12 19.05 -42.80
N ASN C 139 1.72 18.81 -43.97
CA ASN C 139 3.17 18.71 -44.12
C ASN C 139 3.76 17.78 -43.06
N TYR C 140 3.14 16.62 -42.92
CA TYR C 140 3.54 15.70 -41.88
C TYR C 140 4.90 15.17 -42.19
N TYR C 141 5.04 14.57 -43.37
CA TYR C 141 6.24 13.82 -43.70
C TYR C 141 7.44 14.74 -44.04
N SER C 142 8.54 14.12 -44.42
CA SER C 142 9.73 14.84 -44.84
C SER C 142 9.62 15.34 -46.30
N ASP C 143 8.71 14.76 -47.09
CA ASP C 143 8.46 15.19 -48.48
C ASP C 143 8.56 16.70 -48.72
N SER C 144 7.71 17.55 -48.13
CA SER C 144 6.65 17.17 -47.20
C SER C 144 5.30 17.00 -47.92
N SER C 145 4.62 15.89 -47.59
CA SER C 145 3.26 15.57 -48.04
C SER C 145 2.39 15.58 -46.81
N ASN C 146 1.10 15.41 -47.03
CA ASN C 146 0.16 15.39 -45.92
C ASN C 146 -0.25 13.98 -45.51
N ALA C 147 -0.32 13.78 -44.19
CA ALA C 147 -0.79 12.53 -43.63
C ALA C 147 -2.23 12.67 -43.12
N TYR C 148 -2.91 11.54 -43.13
CA TYR C 148 -4.12 11.35 -42.36
C TYR C 148 -3.69 10.71 -41.08
N THR C 149 -4.44 10.91 -40.01
CA THR C 149 -4.27 10.05 -38.84
C THR C 149 -5.53 9.20 -38.83
N MET C 150 -5.34 7.90 -38.74
CA MET C 150 -6.47 6.97 -38.69
C MET C 150 -6.53 6.25 -37.34
N TRP C 151 -7.69 5.71 -37.01
CA TRP C 151 -7.99 5.30 -35.65
C TRP C 151 -9.06 4.22 -35.60
N ARG C 152 -8.96 3.35 -34.59
CA ARG C 152 -10.04 2.41 -34.30
C ARG C 152 -10.08 2.05 -32.82
N ILE C 153 -11.21 1.60 -32.31
CA ILE C 153 -11.21 0.94 -31.00
C ILE C 153 -10.92 -0.55 -31.12
N VAL C 154 -10.02 -1.03 -30.26
CA VAL C 154 -9.68 -2.44 -30.17
C VAL C 154 -10.91 -3.32 -30.01
N LEU C 155 -11.73 -3.01 -29.01
CA LEU C 155 -12.85 -3.87 -28.58
C LEU C 155 -13.96 -4.05 -29.64
N GLU C 156 -14.25 -5.31 -29.93
CA GLU C 156 -15.27 -5.69 -30.90
C GLU C 156 -16.29 -6.59 -30.21
N HIS C 157 -17.55 -6.46 -30.62
CA HIS C 157 -18.61 -7.36 -30.18
C HIS C 157 -19.43 -7.83 -31.41
N HIS C 158 -19.64 -9.13 -31.53
CA HIS C 158 -20.35 -9.69 -32.69
C HIS C 158 -21.67 -10.35 -32.24
N HIS C 159 -22.80 -9.78 -32.68
CA HIS C 159 -24.14 -10.23 -32.26
C HIS C 159 -25.26 -9.54 -33.10
N ILE D 6 -7.12 44.86 -2.74
CA ILE D 6 -7.33 44.37 -4.14
C ILE D 6 -7.02 45.37 -5.26
N ASN D 7 -6.64 44.82 -6.43
CA ASN D 7 -6.16 45.57 -7.61
C ASN D 7 -6.91 46.84 -8.00
N ALA D 8 -8.20 46.92 -7.78
CA ALA D 8 -8.90 48.13 -8.17
C ALA D 8 -8.99 48.21 -9.66
N VAL D 9 -8.74 47.10 -10.31
CA VAL D 9 -9.13 46.91 -11.67
C VAL D 9 -10.61 46.60 -11.59
N ALA D 10 -11.30 46.72 -12.71
CA ALA D 10 -12.74 46.63 -12.76
C ALA D 10 -13.35 45.30 -12.36
N GLY D 11 -12.74 44.22 -12.80
CA GLY D 11 -13.37 42.92 -12.71
C GLY D 11 -12.44 41.88 -12.18
N THR D 12 -12.98 40.72 -11.86
CA THR D 12 -12.13 39.62 -11.50
C THR D 12 -12.68 38.32 -11.95
N ILE D 13 -11.83 37.31 -11.93
CA ILE D 13 -12.15 36.02 -12.37
C ILE D 13 -12.73 35.23 -11.22
N ARG D 14 -13.90 34.66 -11.43
CA ARG D 14 -14.47 33.77 -10.43
C ARG D 14 -15.15 32.58 -11.06
N GLU D 15 -15.53 31.62 -10.23
CA GLU D 15 -16.04 30.34 -10.70
C GLU D 15 -17.52 30.36 -10.99
N PHE D 16 -17.93 29.76 -12.09
CA PHE D 16 -19.29 29.84 -12.56
C PHE D 16 -20.27 29.26 -11.55
N SER D 17 -21.41 29.89 -11.40
CA SER D 17 -22.46 29.41 -10.52
C SER D 17 -23.72 29.18 -11.29
N PRO D 18 -24.44 28.16 -10.97
CA PRO D 18 -25.53 27.79 -11.84
C PRO D 18 -26.43 28.99 -12.00
N LYS D 19 -26.32 29.95 -11.10
CA LYS D 19 -27.01 31.21 -11.25
C LYS D 19 -26.56 31.90 -12.51
N ASP D 20 -25.29 31.79 -12.85
CA ASP D 20 -24.71 32.50 -13.99
C ASP D 20 -25.22 32.03 -15.33
N ILE D 21 -26.01 30.96 -15.35
CA ILE D 21 -26.38 30.33 -16.60
C ILE D 21 -26.89 31.33 -17.63
N GLU D 22 -27.86 32.17 -17.25
CA GLU D 22 -28.60 33.02 -18.19
C GLU D 22 -27.70 33.98 -18.96
N SER D 23 -26.61 34.40 -18.33
CA SER D 23 -25.59 35.22 -19.00
C SER D 23 -24.69 34.44 -19.97
N VAL D 24 -24.25 33.25 -19.52
CA VAL D 24 -23.32 32.45 -20.27
C VAL D 24 -24.03 31.93 -21.50
N TYR D 25 -25.28 31.48 -21.32
CA TYR D 25 -26.12 31.10 -22.46
C TYR D 25 -26.26 32.27 -23.43
N ARG D 26 -26.62 33.45 -22.93
CA ARG D 26 -26.62 34.65 -23.77
C ARG D 26 -25.30 34.77 -24.57
N ILE D 27 -24.17 35.00 -23.88
CA ILE D 27 -22.88 35.27 -24.56
C ILE D 27 -22.51 34.18 -25.52
N ALA D 28 -22.72 32.92 -25.13
CA ALA D 28 -22.33 31.77 -25.95
C ALA D 28 -23.00 31.83 -27.30
N GLN D 29 -24.28 32.20 -27.30
CA GLN D 29 -25.11 32.25 -28.49
C GLN D 29 -24.73 33.40 -29.43
N THR D 30 -24.37 34.55 -28.84
CA THR D 30 -24.00 35.75 -29.59
C THR D 30 -22.49 35.80 -29.92
N SER D 31 -21.78 34.72 -29.60
CA SER D 31 -20.33 34.67 -29.79
C SER D 31 -19.80 33.35 -30.36
N LEU D 32 -20.57 32.28 -30.24
CA LEU D 32 -20.26 30.99 -30.88
C LEU D 32 -21.25 30.61 -31.98
N THR D 33 -20.77 29.95 -33.04
CA THR D 33 -21.67 29.50 -34.12
C THR D 33 -22.30 28.17 -33.72
N GLU D 34 -21.51 27.33 -33.07
CA GLU D 34 -21.98 26.02 -32.68
C GLU D 34 -23.10 26.23 -31.62
N TYR D 35 -24.08 25.33 -31.56
CA TYR D 35 -25.23 25.50 -30.65
C TYR D 35 -25.05 24.85 -29.28
N TYR D 36 -25.16 25.62 -28.19
CA TYR D 36 -25.04 25.02 -26.85
C TYR D 36 -26.25 25.39 -25.99
N THR D 37 -27.00 24.35 -25.59
CA THR D 37 -28.24 24.54 -24.83
C THR D 37 -27.87 25.00 -23.43
N GLN D 38 -28.81 25.64 -22.75
CA GLN D 38 -28.63 25.96 -21.34
C GLN D 38 -28.29 24.68 -20.59
N ALA D 39 -29.07 23.63 -20.87
CA ALA D 39 -28.98 22.38 -20.13
C ALA D 39 -27.60 21.73 -20.16
N LEU D 40 -26.98 21.81 -21.36
CA LEU D 40 -25.67 21.22 -21.69
C LEU D 40 -24.54 21.92 -20.99
N ILE D 41 -24.50 23.24 -21.17
CA ILE D 41 -23.52 24.08 -20.49
C ILE D 41 -23.52 23.71 -19.01
N LEU D 42 -24.71 23.59 -18.46
CA LEU D 42 -24.86 23.33 -17.03
C LEU D 42 -24.26 21.95 -16.64
N ASP D 43 -24.11 21.07 -17.61
CA ASP D 43 -23.54 19.75 -17.39
C ASP D 43 -22.03 19.82 -17.49
N LEU D 44 -21.51 20.73 -18.32
CA LEU D 44 -20.06 20.90 -18.51
C LEU D 44 -19.49 21.34 -17.18
N HIS D 45 -20.35 22.06 -16.48
CA HIS D 45 -20.11 22.47 -15.14
C HIS D 45 -19.94 21.27 -14.24
N ARG D 46 -20.80 20.26 -14.35
CA ARG D 46 -20.66 19.08 -13.50
C ARG D 46 -19.37 18.31 -13.75
N GLU D 47 -18.85 18.36 -14.97
CA GLU D 47 -17.69 17.56 -15.32
C GLU D 47 -16.42 18.05 -14.68
N TRP D 48 -16.05 19.31 -14.88
CA TRP D 48 -14.81 19.82 -14.27
C TRP D 48 -15.04 21.20 -13.69
N PRO D 49 -15.87 21.27 -12.65
CA PRO D 49 -16.42 22.58 -12.39
C PRO D 49 -15.37 23.64 -12.20
N GLU D 50 -14.27 23.29 -11.53
CA GLU D 50 -13.25 24.29 -11.21
C GLU D 50 -12.64 24.98 -12.44
N SER D 51 -12.82 24.37 -13.61
CA SER D 51 -12.34 24.96 -14.85
C SER D 51 -13.31 25.94 -15.45
N PHE D 52 -14.51 26.00 -14.92
CA PHE D 52 -15.54 26.84 -15.49
C PHE D 52 -15.52 28.22 -14.86
N MET D 53 -14.91 29.18 -15.51
CA MET D 53 -14.62 30.42 -14.86
C MET D 53 -15.27 31.56 -15.60
N VAL D 54 -15.70 32.59 -14.90
CA VAL D 54 -16.35 33.75 -15.51
C VAL D 54 -15.63 35.00 -15.14
N TYR D 55 -15.46 35.91 -16.08
CA TYR D 55 -14.96 37.23 -15.75
C TYR D 55 -16.13 38.15 -15.49
N THR D 56 -16.22 38.64 -14.27
CA THR D 56 -17.35 39.40 -13.77
C THR D 56 -16.89 40.86 -13.71
N VAL D 57 -17.66 41.76 -14.31
CA VAL D 57 -17.37 43.22 -14.35
C VAL D 57 -18.62 44.00 -13.92
N ALA D 58 -18.52 44.68 -12.77
CA ALA D 58 -19.68 45.30 -12.11
C ALA D 58 -20.73 44.24 -11.70
N GLY D 59 -20.27 43.08 -11.21
CA GLY D 59 -21.16 41.96 -10.83
C GLY D 59 -22.04 41.39 -11.95
N SER D 60 -21.66 41.61 -13.19
CA SER D 60 -22.35 40.97 -14.29
C SER D 60 -21.29 40.28 -15.15
N VAL D 61 -21.65 39.12 -15.67
CA VAL D 61 -20.71 38.28 -16.37
C VAL D 61 -20.46 38.86 -17.76
N VAL D 62 -19.22 38.85 -18.18
CA VAL D 62 -18.86 39.37 -19.50
C VAL D 62 -17.95 38.42 -20.25
N GLY D 63 -17.64 37.29 -19.67
CA GLY D 63 -16.73 36.33 -20.30
C GLY D 63 -16.71 35.02 -19.54
N PHE D 64 -16.35 33.95 -20.22
CA PHE D 64 -16.32 32.69 -19.58
C PHE D 64 -15.47 31.72 -20.35
N ILE D 65 -14.93 30.76 -19.61
CA ILE D 65 -14.10 29.74 -20.18
C ILE D 65 -14.45 28.50 -19.42
N VAL D 66 -14.49 27.35 -20.10
CA VAL D 66 -14.62 26.05 -19.42
C VAL D 66 -13.92 24.98 -20.21
N GLY D 67 -13.46 23.95 -19.53
CA GLY D 67 -12.75 22.87 -20.18
C GLY D 67 -13.22 21.50 -19.75
N SER D 68 -12.59 20.50 -20.34
CA SER D 68 -12.73 19.16 -19.86
C SER D 68 -11.36 18.51 -19.79
N LYS D 69 -11.37 17.24 -19.35
CA LYS D 69 -10.20 16.42 -19.28
C LYS D 69 -10.22 15.38 -20.40
N TYR D 70 -9.56 15.73 -21.49
CA TYR D 70 -9.41 14.85 -22.62
C TYR D 70 -8.70 13.57 -22.13
N SER D 71 -7.65 13.74 -21.33
CA SER D 71 -6.83 12.63 -20.86
C SER D 71 -6.40 12.83 -19.43
N ARG D 72 -5.74 11.83 -18.87
CA ARG D 72 -5.15 11.96 -17.54
C ARG D 72 -4.37 13.27 -17.45
N THR D 73 -3.55 13.57 -18.47
CA THR D 73 -2.67 14.74 -18.40
C THR D 73 -2.82 15.73 -19.55
N GLU D 74 -4.03 15.79 -20.11
CA GLU D 74 -4.29 16.71 -21.20
C GLU D 74 -5.69 17.34 -21.10
N ALA D 75 -5.70 18.65 -20.94
CA ALA D 75 -6.92 19.40 -20.82
C ALA D 75 -7.40 19.77 -22.20
N ARG D 76 -8.63 20.22 -22.27
CA ARG D 76 -9.24 20.65 -23.52
C ARG D 76 -10.12 21.89 -23.27
N ILE D 77 -10.10 22.86 -24.16
CA ILE D 77 -10.98 23.98 -24.01
C ILE D 77 -12.28 23.74 -24.77
N LEU D 78 -13.37 23.50 -24.03
CA LEU D 78 -14.70 23.27 -24.59
C LEU D 78 -15.38 24.53 -25.02
N LEU D 79 -15.52 25.51 -24.13
CA LEU D 79 -16.08 26.79 -24.54
C LEU D 79 -15.26 27.94 -24.08
N PHE D 80 -15.11 28.94 -24.91
CA PHE D 80 -14.42 30.13 -24.52
C PHE D 80 -15.03 31.30 -25.25
N ALA D 81 -15.49 32.33 -24.54
CA ALA D 81 -16.06 33.47 -25.21
C ALA D 81 -16.08 34.74 -24.40
N VAL D 82 -16.07 35.89 -25.07
CA VAL D 82 -16.22 37.19 -24.40
C VAL D 82 -17.32 37.98 -25.07
N ASP D 83 -18.18 38.55 -24.21
CA ASP D 83 -19.35 39.31 -24.60
C ASP D 83 -18.91 40.47 -25.47
N GLU D 84 -19.70 40.68 -26.53
CA GLU D 84 -19.39 41.57 -27.65
C GLU D 84 -18.76 42.91 -27.29
N ARG D 85 -19.40 43.63 -26.38
CA ARG D 85 -18.96 44.97 -26.01
C ARG D 85 -17.62 44.98 -25.30
N PHE D 86 -17.26 43.86 -24.66
CA PHE D 86 -16.08 43.81 -23.78
C PHE D 86 -14.82 43.18 -24.35
N ARG D 87 -14.81 42.92 -25.65
CA ARG D 87 -13.62 42.29 -26.21
C ARG D 87 -12.48 43.28 -26.09
N ARG D 88 -11.25 42.80 -26.15
CA ARG D 88 -10.12 43.67 -26.31
C ARG D 88 -9.80 44.55 -25.12
N MET D 89 -10.36 44.21 -23.98
CA MET D 89 -9.95 44.80 -22.73
C MET D 89 -9.18 43.73 -21.96
N GLY D 90 -8.78 42.64 -22.62
CA GLY D 90 -7.91 41.64 -21.98
C GLY D 90 -8.67 40.69 -21.08
N VAL D 91 -9.96 40.54 -21.32
CA VAL D 91 -10.81 39.66 -20.53
C VAL D 91 -10.43 38.21 -20.81
N GLY D 92 -10.52 37.82 -22.08
CA GLY D 92 -10.14 36.49 -22.51
C GLY D 92 -8.67 36.20 -22.28
N SER D 93 -7.84 37.24 -22.25
CA SER D 93 -6.46 37.03 -21.84
C SER D 93 -6.43 36.63 -20.38
N ALA D 94 -7.23 37.32 -19.57
CA ALA D 94 -7.28 37.06 -18.12
C ALA D 94 -7.73 35.65 -17.82
N LEU D 95 -8.80 35.25 -18.51
CA LEU D 95 -9.45 33.95 -18.37
C LEU D 95 -8.48 32.84 -18.72
N MET D 96 -7.71 33.07 -19.79
CA MET D 96 -6.75 32.09 -20.31
C MET D 96 -5.59 31.90 -19.34
N ASP D 97 -4.94 32.99 -18.92
CA ASP D 97 -3.97 32.94 -17.82
C ASP D 97 -4.57 32.12 -16.68
N ALA D 98 -5.73 32.55 -16.20
CA ALA D 98 -6.43 31.86 -15.13
C ALA D 98 -6.77 30.39 -15.38
N PHE D 99 -7.28 30.08 -16.57
CA PHE D 99 -7.44 28.69 -16.96
C PHE D 99 -6.09 28.00 -16.92
N LEU D 100 -5.09 28.56 -17.60
CA LEU D 100 -3.75 27.95 -17.73
C LEU D 100 -3.06 27.65 -16.40
N SER D 101 -3.19 28.56 -15.44
CA SER D 101 -2.57 28.35 -14.13
C SER D 101 -3.25 27.21 -13.37
N LEU D 102 -4.56 27.09 -13.51
CA LEU D 102 -5.30 25.91 -13.01
C LEU D 102 -4.81 24.57 -13.59
N CYS D 103 -4.32 24.62 -14.83
CA CYS D 103 -3.82 23.45 -15.51
C CYS D 103 -2.49 23.08 -14.93
N ARG D 104 -1.83 24.02 -14.26
CA ARG D 104 -0.62 23.68 -13.54
C ARG D 104 -0.99 23.11 -12.19
N GLU D 105 -1.88 23.77 -11.46
CA GLU D 105 -2.27 23.33 -10.11
C GLU D 105 -2.69 21.86 -10.07
N GLN D 106 -3.52 21.43 -11.02
CA GLN D 106 -3.76 20.01 -11.22
C GLN D 106 -2.87 19.69 -12.37
N ASN D 107 -1.93 18.77 -12.22
CA ASN D 107 -0.78 18.73 -13.14
C ASN D 107 -1.11 18.25 -14.53
N MET D 108 -1.91 19.05 -15.24
CA MET D 108 -2.11 18.93 -16.68
C MET D 108 -0.85 19.40 -17.31
N LEU D 109 -0.53 18.82 -18.47
CA LEU D 109 0.76 19.08 -19.12
C LEU D 109 0.64 19.77 -20.45
N SER D 110 -0.51 19.61 -21.11
CA SER D 110 -0.78 20.25 -22.39
C SER D 110 -2.24 20.63 -22.48
N VAL D 111 -2.56 21.46 -23.46
CA VAL D 111 -3.96 21.82 -23.69
C VAL D 111 -4.26 21.92 -25.20
N ARG D 112 -5.39 21.33 -25.60
CA ARG D 112 -5.81 21.30 -27.00
C ARG D 112 -7.06 22.13 -27.09
N LEU D 113 -7.47 22.46 -28.32
CA LEU D 113 -8.76 23.12 -28.56
C LEU D 113 -9.05 22.94 -30.02
N GLU D 114 -10.33 22.92 -30.39
CA GLU D 114 -10.72 22.90 -31.80
C GLU D 114 -11.30 24.25 -32.17
N VAL D 115 -10.77 24.88 -33.23
CA VAL D 115 -11.26 26.18 -33.67
C VAL D 115 -11.70 26.17 -35.13
N ARG D 116 -12.64 27.06 -35.42
CA ARG D 116 -13.10 27.32 -36.77
C ARG D 116 -11.88 27.67 -37.60
N THR D 117 -11.85 27.22 -38.86
CA THR D 117 -10.76 27.56 -39.76
C THR D 117 -10.78 29.02 -40.19
N ASP D 118 -11.97 29.62 -40.19
CA ASP D 118 -12.16 30.97 -40.65
C ASP D 118 -12.33 31.98 -39.54
N ASN D 119 -12.08 31.55 -38.30
CA ASN D 119 -12.14 32.45 -37.13
C ASN D 119 -10.73 32.94 -36.87
N ASP D 120 -10.38 33.99 -37.61
CA ASP D 120 -9.01 34.49 -37.71
C ASP D 120 -8.57 35.19 -36.42
N GLU D 121 -9.54 35.72 -35.68
CA GLU D 121 -9.30 36.43 -34.43
C GLU D 121 -8.83 35.47 -33.33
N ALA D 122 -9.62 34.45 -33.09
CA ALA D 122 -9.33 33.49 -32.04
C ALA D 122 -8.06 32.72 -32.33
N ILE D 123 -7.75 32.52 -33.61
CA ILE D 123 -6.53 31.79 -33.99
C ILE D 123 -5.32 32.65 -33.79
N ARG D 124 -5.43 33.92 -34.17
CA ARG D 124 -4.44 34.96 -33.83
C ARG D 124 -4.27 35.10 -32.32
N PHE D 125 -5.38 35.00 -31.59
CA PHE D 125 -5.36 35.11 -30.11
C PHE D 125 -4.72 33.92 -29.43
N TYR D 126 -5.03 32.70 -29.88
CA TYR D 126 -4.39 31.50 -29.30
C TYR D 126 -2.91 31.48 -29.61
N LYS D 127 -2.59 31.82 -30.87
CA LYS D 127 -1.21 31.99 -31.29
C LYS D 127 -0.47 32.84 -30.29
N LYS D 128 -1.04 33.99 -29.96
CA LYS D 128 -0.42 34.84 -28.97
C LYS D 128 0.04 34.02 -27.74
N TYR D 129 -0.78 33.07 -27.27
CA TYR D 129 -0.40 32.23 -26.11
C TYR D 129 0.48 31.00 -26.46
N GLY D 130 1.20 31.06 -27.58
CA GLY D 130 2.11 29.98 -28.00
C GLY D 130 1.44 28.73 -28.52
N PHE D 131 0.15 28.81 -28.86
CA PHE D 131 -0.58 27.68 -29.44
C PHE D 131 -0.19 27.54 -30.91
N VAL D 132 -0.34 26.34 -31.41
CA VAL D 132 0.18 25.94 -32.68
C VAL D 132 -0.80 24.99 -33.32
N ILE D 133 -1.19 25.27 -34.57
CA ILE D 133 -2.10 24.39 -35.29
C ILE D 133 -1.45 23.05 -35.55
N THR D 134 -2.10 21.99 -35.12
CA THR D 134 -1.54 20.66 -35.27
C THR D 134 -2.40 19.66 -36.03
N ALA D 135 -3.55 20.08 -36.52
CA ALA D 135 -4.35 19.18 -37.33
C ALA D 135 -5.39 19.90 -38.13
N MET D 136 -5.96 19.23 -39.12
CA MET D 136 -7.09 19.75 -39.82
C MET D 136 -8.20 18.74 -39.66
N LEU D 137 -9.36 19.18 -39.25
CA LEU D 137 -10.41 18.20 -38.91
C LEU D 137 -11.52 18.43 -39.88
N PRO D 138 -11.55 17.63 -40.94
CA PRO D 138 -12.42 18.03 -42.03
C PRO D 138 -13.87 17.85 -41.60
N ASN D 139 -14.71 18.76 -42.10
CA ASN D 139 -16.17 18.73 -41.86
C ASN D 139 -16.52 18.40 -40.43
N TYR D 140 -16.08 19.30 -39.54
CA TYR D 140 -16.10 19.06 -38.11
C TYR D 140 -17.38 19.59 -37.49
N TYR D 141 -17.65 20.85 -37.79
CA TYR D 141 -18.82 21.54 -37.29
C TYR D 141 -20.10 21.11 -38.01
N SER D 142 -21.25 21.51 -37.45
CA SER D 142 -22.57 21.09 -37.96
C SER D 142 -22.77 21.47 -39.41
N ASP D 143 -22.19 22.62 -39.78
CA ASP D 143 -22.33 23.18 -41.12
C ASP D 143 -21.30 22.64 -42.13
N SER D 144 -20.47 21.69 -41.69
CA SER D 144 -19.39 21.09 -42.50
C SER D 144 -18.29 22.10 -42.85
N SER D 145 -18.14 23.11 -42.01
CA SER D 145 -16.99 23.98 -42.05
C SER D 145 -15.93 23.26 -41.23
N ASN D 146 -14.81 22.95 -41.86
CA ASN D 146 -13.73 22.22 -41.18
C ASN D 146 -13.12 23.01 -40.00
N ALA D 147 -12.30 22.34 -39.20
CA ALA D 147 -11.80 22.89 -37.94
C ALA D 147 -10.33 22.57 -37.74
N TYR D 148 -9.62 23.42 -37.00
CA TYR D 148 -8.24 23.16 -36.65
C TYR D 148 -8.17 22.68 -35.22
N THR D 149 -7.36 21.66 -34.95
CA THR D 149 -6.83 21.48 -33.60
C THR D 149 -5.69 22.51 -33.37
N MET D 150 -5.65 23.16 -32.21
CA MET D 150 -4.50 23.94 -31.78
C MET D 150 -4.02 23.37 -30.46
N TRP D 151 -2.76 23.63 -30.12
CA TRP D 151 -2.12 22.88 -29.04
C TRP D 151 -0.91 23.57 -28.50
N ARG D 152 -0.71 23.44 -27.20
CA ARG D 152 0.52 23.92 -26.53
C ARG D 152 0.84 23.06 -25.32
N ILE D 153 2.09 23.10 -24.86
CA ILE D 153 2.36 22.56 -23.53
C ILE D 153 2.26 23.71 -22.55
N VAL D 154 2.04 23.37 -21.28
CA VAL D 154 1.91 24.33 -20.21
C VAL D 154 3.26 24.75 -19.62
N LEU D 155 4.20 23.81 -19.43
CA LEU D 155 5.46 24.17 -18.79
C LEU D 155 6.17 25.33 -19.52
N GLU D 156 6.57 26.33 -18.71
CA GLU D 156 6.98 27.69 -19.11
C GLU D 156 6.63 28.09 -20.54
N VAL E 9 12.71 -48.60 -21.99
CA VAL E 9 13.62 -49.03 -23.03
C VAL E 9 14.81 -48.10 -23.15
N ALA E 10 15.89 -48.61 -23.72
CA ALA E 10 17.07 -47.79 -23.93
C ALA E 10 17.39 -47.65 -25.40
N GLY E 11 17.38 -46.42 -25.88
CA GLY E 11 17.76 -46.10 -27.22
C GLY E 11 18.71 -44.95 -27.02
N THR E 12 18.77 -44.02 -27.96
CA THR E 12 19.68 -42.87 -27.72
C THR E 12 19.34 -41.66 -28.60
N ILE E 13 19.52 -40.47 -28.03
CA ILE E 13 19.15 -39.21 -28.66
C ILE E 13 20.32 -38.58 -29.40
N ARG E 14 20.02 -38.02 -30.57
CA ARG E 14 21.01 -37.30 -31.35
C ARG E 14 20.27 -36.32 -32.27
N GLU E 15 20.99 -35.30 -32.72
CA GLU E 15 20.40 -34.29 -33.58
C GLU E 15 20.03 -34.86 -34.93
N PHE E 16 18.96 -34.35 -35.52
CA PHE E 16 18.54 -34.75 -36.85
C PHE E 16 19.49 -34.23 -37.92
N SER E 17 20.03 -35.13 -38.75
CA SER E 17 20.80 -34.75 -39.96
C SER E 17 19.84 -34.82 -41.17
N PRO E 18 20.04 -33.96 -42.19
CA PRO E 18 19.07 -33.99 -43.30
C PRO E 18 18.92 -35.35 -43.94
N LYS E 19 19.91 -36.21 -43.72
CA LYS E 19 19.89 -37.60 -44.20
C LYS E 19 18.70 -38.40 -43.65
N ASP E 20 18.28 -38.07 -42.43
CA ASP E 20 17.17 -38.71 -41.75
C ASP E 20 15.79 -38.39 -42.35
N ILE E 21 15.71 -37.37 -43.19
CA ILE E 21 14.41 -36.94 -43.72
C ILE E 21 13.51 -38.07 -44.21
N GLU E 22 14.12 -39.14 -44.75
CA GLU E 22 13.35 -40.24 -45.30
C GLU E 22 12.61 -41.01 -44.19
N SER E 23 13.32 -41.30 -43.10
CA SER E 23 12.73 -41.96 -41.93
C SER E 23 11.66 -41.08 -41.27
N VAL E 24 12.03 -39.84 -40.96
CA VAL E 24 11.17 -38.87 -40.29
C VAL E 24 9.92 -38.55 -41.13
N TYR E 25 10.02 -38.60 -42.45
CA TYR E 25 8.89 -38.21 -43.31
C TYR E 25 7.81 -39.25 -43.24
N ARG E 26 8.20 -40.49 -42.95
CA ARG E 26 7.23 -41.58 -42.80
C ARG E 26 6.57 -41.53 -41.40
N ILE E 27 7.36 -41.36 -40.36
CA ILE E 27 6.80 -41.17 -39.03
C ILE E 27 5.88 -39.93 -38.99
N ALA E 28 6.07 -38.99 -39.90
CA ALA E 28 5.09 -37.91 -40.11
C ALA E 28 3.81 -38.44 -40.75
N GLN E 29 3.94 -39.38 -41.69
CA GLN E 29 2.77 -39.97 -42.35
C GLN E 29 1.94 -40.85 -41.43
N THR E 30 2.62 -41.70 -40.66
CA THR E 30 1.97 -42.69 -39.78
C THR E 30 1.39 -42.07 -38.49
N SER E 31 2.21 -41.33 -37.74
CA SER E 31 1.88 -40.87 -36.39
C SER E 31 1.34 -39.44 -36.30
N LEU E 32 1.26 -38.75 -37.43
CA LEU E 32 0.56 -37.46 -37.49
C LEU E 32 -0.44 -37.47 -38.62
N THR E 33 -1.41 -36.56 -38.51
CA THR E 33 -2.61 -36.59 -39.36
C THR E 33 -2.58 -35.53 -40.48
N GLU E 34 -1.88 -34.42 -40.27
CA GLU E 34 -1.68 -33.46 -41.35
C GLU E 34 -0.62 -34.02 -42.28
N TYR E 35 -0.51 -33.42 -43.47
CA TYR E 35 0.46 -33.90 -44.47
C TYR E 35 1.71 -33.01 -44.52
N TYR E 36 2.86 -33.58 -44.15
CA TYR E 36 4.08 -32.81 -44.00
C TYR E 36 5.09 -33.21 -45.04
N THR E 37 5.21 -32.35 -46.06
CA THR E 37 6.15 -32.57 -47.18
C THR E 37 7.54 -32.64 -46.60
N GLN E 38 8.44 -33.31 -47.32
CA GLN E 38 9.85 -33.33 -46.92
C GLN E 38 10.41 -31.92 -46.97
N ALA E 39 10.04 -31.18 -48.02
CA ALA E 39 10.48 -29.80 -48.15
C ALA E 39 10.18 -29.07 -46.86
N LEU E 40 8.95 -29.20 -46.39
CA LEU E 40 8.53 -28.48 -45.18
C LEU E 40 9.37 -28.89 -43.97
N ILE E 41 9.56 -30.20 -43.79
CA ILE E 41 10.26 -30.70 -42.62
C ILE E 41 11.67 -30.18 -42.62
N LEU E 42 12.28 -30.08 -43.80
CA LEU E 42 13.65 -29.55 -43.90
C LEU E 42 13.65 -28.05 -43.55
N ASP E 43 12.66 -27.31 -44.04
CA ASP E 43 12.59 -25.86 -43.80
C ASP E 43 12.45 -25.48 -42.33
N LEU E 44 11.86 -26.34 -41.50
CA LEU E 44 11.67 -26.08 -40.05
C LEU E 44 13.00 -26.27 -39.32
N HIS E 45 13.89 -27.08 -39.91
CA HIS E 45 15.26 -27.34 -39.40
C HIS E 45 16.05 -26.04 -39.27
N ARG E 46 15.66 -25.04 -40.05
CA ARG E 46 16.33 -23.75 -40.03
C ARG E 46 16.16 -22.97 -38.75
N GLU E 47 14.93 -22.93 -38.23
CA GLU E 47 14.59 -22.10 -37.06
C GLU E 47 15.44 -22.39 -35.82
N TRP E 48 15.48 -23.64 -35.42
CA TRP E 48 16.26 -24.02 -34.28
C TRP E 48 16.91 -25.39 -34.55
N PRO E 49 18.10 -25.40 -35.15
CA PRO E 49 18.55 -26.73 -35.58
C PRO E 49 18.88 -27.65 -34.41
N GLU E 50 19.31 -27.06 -33.29
CA GLU E 50 19.67 -27.85 -32.10
C GLU E 50 18.42 -28.58 -31.57
N SER E 51 17.26 -27.94 -31.75
CA SER E 51 16.00 -28.40 -31.15
C SER E 51 15.38 -29.56 -31.92
N PHE E 52 15.82 -29.76 -33.15
CA PHE E 52 15.31 -30.86 -33.97
C PHE E 52 16.11 -32.07 -33.62
N MET E 53 15.49 -32.97 -32.89
CA MET E 53 16.19 -34.09 -32.32
C MET E 53 15.47 -35.35 -32.71
N VAL E 54 16.16 -36.49 -32.57
CA VAL E 54 15.57 -37.78 -32.85
C VAL E 54 15.94 -38.74 -31.75
N TYR E 55 15.14 -39.79 -31.59
CA TYR E 55 15.45 -40.90 -30.68
C TYR E 55 15.62 -42.12 -31.53
N THR E 56 16.65 -42.92 -31.24
CA THR E 56 17.04 -44.05 -32.09
C THR E 56 17.28 -45.35 -31.31
N VAL E 57 16.65 -46.45 -31.76
CA VAL E 57 16.98 -47.82 -31.29
C VAL E 57 17.36 -48.71 -32.49
N ALA E 58 18.48 -49.42 -32.36
CA ALA E 58 19.08 -50.17 -33.47
C ALA E 58 19.61 -49.20 -34.51
N GLY E 59 20.01 -47.99 -34.07
CA GLY E 59 20.43 -46.93 -34.98
C GLY E 59 19.40 -46.49 -36.03
N SER E 60 18.13 -46.85 -35.82
CA SER E 60 17.06 -46.41 -36.70
C SER E 60 16.24 -45.37 -35.93
N VAL E 61 15.91 -44.28 -36.61
CA VAL E 61 14.98 -43.28 -36.09
C VAL E 61 13.62 -43.92 -35.80
N VAL E 62 13.15 -43.71 -34.58
CA VAL E 62 11.87 -44.25 -34.13
C VAL E 62 11.01 -43.14 -33.51
N GLY E 63 11.44 -41.90 -33.69
CA GLY E 63 10.77 -40.77 -33.11
C GLY E 63 11.60 -39.51 -33.19
N PHE E 64 10.90 -38.38 -33.08
CA PHE E 64 11.51 -37.05 -33.19
C PHE E 64 10.65 -35.93 -32.64
N ILE E 65 11.31 -34.82 -32.34
CA ILE E 65 10.69 -33.54 -31.98
C ILE E 65 11.34 -32.41 -32.82
N VAL E 66 10.80 -31.20 -32.82
CA VAL E 66 11.45 -30.08 -33.52
C VAL E 66 10.95 -28.69 -33.09
N GLY E 67 11.89 -27.80 -32.82
CA GLY E 67 11.57 -26.55 -32.17
C GLY E 67 11.62 -25.33 -33.06
N SER E 68 11.02 -24.26 -32.52
CA SER E 68 11.16 -22.92 -33.03
C SER E 68 11.28 -21.98 -31.85
N LYS E 69 11.60 -20.72 -32.12
CA LYS E 69 11.60 -19.65 -31.10
C LYS E 69 10.64 -18.55 -31.53
N TYR E 70 9.67 -18.23 -30.67
CA TYR E 70 8.74 -17.15 -30.93
C TYR E 70 9.39 -15.83 -30.51
N SER E 71 9.60 -15.68 -29.22
CA SER E 71 10.39 -14.57 -28.70
C SER E 71 11.79 -15.11 -28.47
N ARG E 72 12.73 -14.27 -28.08
CA ARG E 72 14.05 -14.79 -27.68
C ARG E 72 13.95 -15.71 -26.44
N THR E 73 12.92 -15.51 -25.64
CA THR E 73 12.71 -16.27 -24.42
C THR E 73 11.64 -17.33 -24.50
N GLU E 74 10.66 -17.16 -25.39
CA GLU E 74 9.59 -18.14 -25.57
C GLU E 74 9.96 -19.14 -26.70
N ALA E 75 10.04 -20.40 -26.31
CA ALA E 75 10.26 -21.50 -27.22
C ALA E 75 8.93 -22.02 -27.79
N ARG E 76 9.01 -22.71 -28.91
CA ARG E 76 7.84 -23.27 -29.51
C ARG E 76 8.21 -24.69 -29.97
N ILE E 77 7.29 -25.64 -29.79
CA ILE E 77 7.51 -26.99 -30.28
C ILE E 77 6.73 -27.17 -31.57
N LEU E 78 7.43 -27.16 -32.69
CA LEU E 78 6.78 -27.29 -33.96
C LEU E 78 6.22 -28.64 -34.34
N LEU E 79 6.89 -29.72 -33.97
CA LEU E 79 6.35 -31.03 -34.29
C LEU E 79 6.79 -32.10 -33.31
N PHE E 80 5.85 -32.95 -32.93
CA PHE E 80 6.14 -34.07 -32.06
C PHE E 80 5.51 -35.30 -32.65
N ALA E 81 6.27 -36.38 -32.78
CA ALA E 81 5.68 -37.63 -33.21
C ALA E 81 6.50 -38.83 -32.78
N VAL E 82 5.88 -39.98 -32.66
CA VAL E 82 6.60 -41.18 -32.30
C VAL E 82 6.14 -42.35 -33.15
N ASP E 83 7.03 -43.25 -33.45
CA ASP E 83 6.70 -44.33 -34.33
C ASP E 83 5.69 -45.23 -33.67
N GLU E 84 4.62 -45.52 -34.35
CA GLU E 84 3.54 -46.26 -33.73
C GLU E 84 3.96 -47.64 -33.30
N ARG E 85 4.79 -48.31 -34.07
CA ARG E 85 5.24 -49.64 -33.68
C ARG E 85 6.01 -49.56 -32.37
N PHE E 86 6.84 -48.54 -32.23
CA PHE E 86 7.62 -48.32 -31.03
C PHE E 86 6.89 -47.39 -30.10
N ARG E 87 5.60 -47.23 -30.32
CA ARG E 87 4.85 -46.15 -29.70
C ARG E 87 5.00 -46.32 -28.22
N ARG E 88 5.01 -47.56 -27.78
CA ARG E 88 5.56 -47.82 -26.49
C ARG E 88 6.88 -48.40 -26.84
N MET E 89 7.85 -48.19 -25.97
CA MET E 89 7.65 -47.49 -24.72
C MET E 89 8.83 -46.60 -24.42
N GLY E 90 8.55 -45.38 -24.01
CA GLY E 90 9.55 -44.49 -23.42
C GLY E 90 10.32 -43.50 -24.26
N VAL E 91 10.21 -43.54 -25.56
CA VAL E 91 10.73 -42.45 -26.32
C VAL E 91 10.14 -41.06 -26.10
N GLY E 92 8.83 -40.97 -26.09
CA GLY E 92 8.18 -39.68 -26.14
C GLY E 92 8.64 -38.87 -24.96
N SER E 93 8.73 -39.55 -23.85
CA SER E 93 9.12 -38.92 -22.62
C SER E 93 10.54 -38.43 -22.72
N ALA E 94 11.28 -39.01 -23.63
CA ALA E 94 12.72 -38.77 -23.76
C ALA E 94 13.03 -37.57 -24.67
N LEU E 95 12.24 -37.44 -25.73
CA LEU E 95 12.32 -36.28 -26.63
C LEU E 95 11.92 -35.00 -25.91
N MET E 96 10.81 -35.08 -25.17
CA MET E 96 10.29 -33.96 -24.40
C MET E 96 11.22 -33.61 -23.24
N ASP E 97 11.77 -34.62 -22.58
CA ASP E 97 12.78 -34.36 -21.55
C ASP E 97 13.94 -33.59 -22.13
N ALA E 98 14.47 -34.13 -23.22
CA ALA E 98 15.59 -33.51 -23.88
C ALA E 98 15.26 -32.10 -24.38
N PHE E 99 14.07 -31.92 -24.94
CA PHE E 99 13.66 -30.62 -25.46
C PHE E 99 13.67 -29.56 -24.35
N LEU E 100 13.32 -30.00 -23.14
CA LEU E 100 13.32 -29.12 -21.96
C LEU E 100 14.76 -28.82 -21.50
N SER E 101 15.58 -29.88 -21.47
CA SER E 101 17.00 -29.71 -21.16
C SER E 101 17.75 -28.79 -22.14
N LEU E 102 17.29 -28.68 -23.38
CA LEU E 102 17.81 -27.66 -24.29
C LEU E 102 17.24 -26.27 -23.95
N CYS E 103 15.95 -26.22 -23.59
CA CYS E 103 15.31 -24.95 -23.21
C CYS E 103 16.02 -24.31 -22.01
N ARG E 104 16.39 -25.12 -21.03
CA ARG E 104 17.14 -24.63 -19.90
C ARG E 104 18.51 -24.09 -20.28
N GLU E 105 19.30 -24.90 -20.99
CA GLU E 105 20.66 -24.51 -21.40
C GLU E 105 20.66 -23.17 -22.12
N GLN E 106 19.69 -22.98 -23.00
CA GLN E 106 19.60 -21.72 -23.76
C GLN E 106 18.70 -20.63 -23.14
N ASN E 107 18.37 -20.81 -21.88
CA ASN E 107 17.73 -19.76 -21.10
C ASN E 107 16.37 -19.35 -21.66
N MET E 108 15.68 -20.32 -22.25
CA MET E 108 14.30 -20.14 -22.67
C MET E 108 13.39 -20.25 -21.44
N LEU E 109 12.38 -19.39 -21.35
CA LEU E 109 11.58 -19.29 -20.12
C LEU E 109 10.24 -19.99 -20.16
N SER E 110 9.66 -20.09 -21.34
CA SER E 110 8.38 -20.75 -21.51
C SER E 110 8.48 -21.63 -22.73
N VAL E 111 7.56 -22.58 -22.84
CA VAL E 111 7.43 -23.37 -24.04
C VAL E 111 5.99 -23.57 -24.34
N ARG E 112 5.60 -23.45 -25.60
CA ARG E 112 4.21 -23.67 -26.01
C ARG E 112 4.13 -24.64 -27.17
N LEU E 113 2.92 -25.11 -27.42
CA LEU E 113 2.70 -26.02 -28.53
C LEU E 113 1.24 -25.98 -28.93
N GLU E 114 0.94 -26.55 -30.10
CA GLU E 114 -0.43 -26.62 -30.59
C GLU E 114 -0.79 -28.07 -30.57
N VAL E 115 -2.05 -28.36 -30.28
CA VAL E 115 -2.51 -29.75 -30.29
C VAL E 115 -3.99 -29.82 -30.67
N ARG E 116 -4.37 -30.93 -31.31
CA ARG E 116 -5.74 -31.14 -31.76
C ARG E 116 -6.66 -31.35 -30.55
N THR E 117 -7.85 -30.78 -30.64
CA THR E 117 -8.81 -30.71 -29.52
C THR E 117 -9.25 -32.07 -29.03
N ASP E 118 -9.49 -32.95 -29.99
CA ASP E 118 -9.95 -34.30 -29.71
C ASP E 118 -8.83 -35.27 -29.38
N ASN E 119 -7.58 -34.84 -29.54
CA ASN E 119 -6.44 -35.74 -29.37
C ASN E 119 -6.15 -36.03 -27.91
N ASP E 120 -7.04 -36.81 -27.30
CA ASP E 120 -6.98 -37.04 -25.87
C ASP E 120 -5.62 -37.66 -25.52
N GLU E 121 -5.21 -38.65 -26.32
CA GLU E 121 -3.98 -39.42 -26.11
C GLU E 121 -2.74 -38.52 -25.92
N ALA E 122 -2.57 -37.55 -26.81
CA ALA E 122 -1.42 -36.67 -26.75
C ALA E 122 -1.66 -35.53 -25.77
N ILE E 123 -2.90 -35.04 -25.66
CA ILE E 123 -3.22 -33.95 -24.72
C ILE E 123 -2.91 -34.40 -23.30
N ARG E 124 -3.35 -35.62 -22.98
CA ARG E 124 -3.16 -36.16 -21.64
C ARG E 124 -1.69 -36.30 -21.32
N PHE E 125 -0.89 -36.70 -22.31
CA PHE E 125 0.56 -36.71 -22.13
C PHE E 125 1.11 -35.33 -21.80
N TYR E 126 0.76 -34.34 -22.62
CA TYR E 126 1.29 -32.99 -22.47
C TYR E 126 1.04 -32.41 -21.08
N LYS E 127 -0.18 -32.63 -20.58
CA LYS E 127 -0.60 -32.25 -19.22
C LYS E 127 0.38 -32.76 -18.18
N LYS E 128 0.66 -34.08 -18.21
CA LYS E 128 1.67 -34.71 -17.37
C LYS E 128 2.98 -33.96 -17.36
N TYR E 129 3.34 -33.33 -18.48
CA TYR E 129 4.56 -32.54 -18.52
C TYR E 129 4.38 -31.07 -18.12
N GLY E 130 3.27 -30.75 -17.46
CA GLY E 130 3.09 -29.44 -16.83
C GLY E 130 2.46 -28.40 -17.71
N PHE E 131 2.25 -28.77 -18.98
CA PHE E 131 1.59 -27.90 -19.94
C PHE E 131 0.12 -27.81 -19.58
N VAL E 132 -0.53 -26.77 -20.10
CA VAL E 132 -1.92 -26.53 -19.80
C VAL E 132 -2.55 -25.58 -20.81
N ILE E 133 -3.79 -25.86 -21.20
CA ILE E 133 -4.47 -25.09 -22.24
C ILE E 133 -4.58 -23.59 -21.91
N THR E 134 -3.99 -22.73 -22.74
CA THR E 134 -4.08 -21.28 -22.58
C THR E 134 -5.02 -20.59 -23.57
N ALA E 135 -5.42 -21.32 -24.61
CA ALA E 135 -6.14 -20.71 -25.70
C ALA E 135 -6.75 -21.76 -26.61
N MET E 136 -7.55 -21.31 -27.56
CA MET E 136 -8.23 -22.15 -28.54
C MET E 136 -7.93 -21.64 -29.94
N LEU E 137 -7.61 -22.54 -30.87
CA LEU E 137 -7.38 -22.17 -32.28
C LEU E 137 -8.40 -22.87 -33.19
N PRO E 138 -9.61 -22.32 -33.30
CA PRO E 138 -10.66 -22.87 -34.17
C PRO E 138 -10.31 -22.92 -35.67
N ASN E 139 -10.65 -24.02 -36.35
CA ASN E 139 -10.42 -24.18 -37.79
C ASN E 139 -8.97 -23.97 -38.17
N TYR E 140 -8.09 -24.42 -37.29
CA TYR E 140 -6.65 -24.22 -37.40
C TYR E 140 -6.11 -25.22 -38.41
N TYR E 141 -6.53 -26.47 -38.27
CA TYR E 141 -5.96 -27.54 -39.09
C TYR E 141 -6.51 -27.58 -40.53
N SER E 142 -5.91 -28.46 -41.34
CA SER E 142 -6.29 -28.65 -42.74
C SER E 142 -7.69 -29.20 -42.91
N ASP E 143 -8.13 -30.05 -41.97
CA ASP E 143 -9.51 -30.59 -41.93
C ASP E 143 -10.51 -29.62 -41.25
N SER E 144 -10.07 -28.41 -40.92
CA SER E 144 -10.90 -27.39 -40.25
C SER E 144 -11.34 -27.76 -38.81
N SER E 145 -10.67 -28.74 -38.22
CA SER E 145 -10.86 -29.03 -36.80
C SER E 145 -10.05 -28.05 -35.96
N ASN E 146 -10.47 -27.86 -34.73
CA ASN E 146 -9.87 -26.85 -33.87
C ASN E 146 -8.63 -27.39 -33.19
N ALA E 147 -8.03 -26.57 -32.32
CA ALA E 147 -6.75 -26.85 -31.63
C ALA E 147 -6.55 -26.03 -30.37
N TYR E 148 -5.71 -26.50 -29.48
CA TYR E 148 -5.46 -25.76 -28.24
C TYR E 148 -4.03 -25.31 -28.26
N THR E 149 -3.79 -24.04 -27.98
CA THR E 149 -2.44 -23.59 -27.66
C THR E 149 -2.25 -24.02 -26.22
N MET E 150 -1.29 -24.89 -25.97
CA MET E 150 -0.90 -25.25 -24.62
C MET E 150 0.42 -24.60 -24.28
N TRP E 151 0.70 -24.39 -23.02
CA TRP E 151 1.85 -23.58 -22.63
C TRP E 151 2.45 -23.99 -21.30
N ARG E 152 3.72 -23.76 -21.09
CA ARG E 152 4.33 -24.16 -19.85
C ARG E 152 5.61 -23.43 -19.54
N ILE E 153 6.14 -23.60 -18.35
CA ILE E 153 7.30 -22.84 -17.92
C ILE E 153 8.54 -23.75 -17.78
N VAL E 154 9.69 -23.09 -17.84
CA VAL E 154 10.98 -23.74 -17.70
C VAL E 154 11.78 -23.00 -16.61
N LEU E 155 12.46 -23.78 -15.76
CA LEU E 155 13.19 -23.25 -14.61
C LEU E 155 14.58 -23.85 -14.55
N GLU E 156 15.58 -23.03 -14.18
CA GLU E 156 16.96 -23.49 -14.09
C GLU E 156 17.36 -23.51 -12.63
N HIS E 157 17.93 -24.63 -12.19
CA HIS E 157 18.22 -24.82 -10.77
C HIS E 157 19.33 -23.87 -10.29
N VAL F 9 -14.94 51.24 22.83
CA VAL F 9 -15.37 50.93 24.22
C VAL F 9 -16.57 49.97 24.18
N ALA F 10 -17.66 50.39 23.52
CA ALA F 10 -18.87 49.56 23.37
C ALA F 10 -19.53 49.89 22.02
N GLY F 11 -18.78 49.61 20.94
CA GLY F 11 -19.29 49.71 19.57
C GLY F 11 -19.97 48.44 19.13
N THR F 12 -20.63 48.48 17.95
CA THR F 12 -21.34 47.30 17.36
C THR F 12 -20.97 47.06 15.89
N ILE F 13 -21.29 45.87 15.41
CA ILE F 13 -21.09 45.44 14.04
C ILE F 13 -22.45 45.29 13.33
N ARG F 14 -22.69 46.08 12.31
CA ARG F 14 -23.91 45.99 11.54
C ARG F 14 -23.59 45.79 10.03
N GLU F 15 -24.61 45.43 9.29
CA GLU F 15 -24.47 45.26 7.86
C GLU F 15 -24.22 46.62 7.23
N PHE F 16 -23.55 46.65 6.10
CA PHE F 16 -23.29 47.91 5.43
C PHE F 16 -24.55 48.51 4.87
N SER F 17 -24.63 49.83 4.84
CA SER F 17 -25.75 50.49 4.20
C SER F 17 -25.27 51.61 3.32
N PRO F 18 -26.01 51.81 2.15
CA PRO F 18 -25.38 52.76 1.23
C PRO F 18 -25.18 54.12 1.84
N LYS F 19 -25.92 54.44 2.87
CA LYS F 19 -25.78 55.73 3.51
C LYS F 19 -24.37 55.84 4.04
N ASP F 20 -23.76 54.69 4.33
CA ASP F 20 -22.48 54.63 5.03
C ASP F 20 -21.34 55.16 4.21
N ILE F 21 -21.54 55.24 2.90
CA ILE F 21 -20.46 55.29 1.96
C ILE F 21 -19.45 56.40 2.17
N GLU F 22 -19.92 57.55 2.57
CA GLU F 22 -19.04 58.67 2.77
C GLU F 22 -18.04 58.25 3.81
N SER F 23 -18.51 57.51 4.79
CA SER F 23 -17.64 57.13 5.90
C SER F 23 -16.68 56.01 5.46
N VAL F 24 -17.17 55.09 4.65
CA VAL F 24 -16.36 53.97 4.16
C VAL F 24 -15.29 54.37 3.13
N TYR F 25 -15.69 55.15 2.13
CA TYR F 25 -14.77 55.68 1.15
C TYR F 25 -13.62 56.41 1.83
N ARG F 26 -13.95 57.26 2.80
CA ARG F 26 -12.97 58.05 3.56
C ARG F 26 -11.98 57.18 4.30
N ILE F 27 -12.40 56.00 4.73
CA ILE F 27 -11.47 55.10 5.44
C ILE F 27 -10.50 54.45 4.44
N ALA F 28 -11.05 53.81 3.40
CA ALA F 28 -10.28 53.26 2.30
C ALA F 28 -9.25 54.26 1.71
N GLN F 29 -9.59 55.55 1.61
CA GLN F 29 -8.61 56.59 1.26
C GLN F 29 -7.35 56.50 2.09
N THR F 30 -7.53 56.62 3.40
CA THR F 30 -6.44 56.95 4.32
C THR F 30 -5.93 55.72 5.10
N SER F 31 -6.37 54.53 4.72
CA SER F 31 -5.87 53.30 5.35
C SER F 31 -5.47 52.27 4.30
N LEU F 32 -6.06 52.36 3.11
CA LEU F 32 -5.61 51.59 1.96
C LEU F 32 -4.94 52.49 0.89
N THR F 33 -3.76 52.07 0.47
CA THR F 33 -2.89 52.86 -0.44
C THR F 33 -3.42 53.03 -1.88
N GLU F 34 -4.01 51.94 -2.40
CA GLU F 34 -4.68 51.95 -3.69
C GLU F 34 -5.90 52.84 -3.57
N TYR F 35 -6.37 53.37 -4.68
CA TYR F 35 -7.45 54.34 -4.63
C TYR F 35 -8.74 53.68 -5.07
N TYR F 36 -9.71 53.64 -4.15
CA TYR F 36 -11.02 53.05 -4.44
C TYR F 36 -12.12 54.12 -4.54
N THR F 37 -12.68 54.23 -5.73
CA THR F 37 -13.80 55.12 -5.97
C THR F 37 -14.99 54.65 -5.15
N GLN F 38 -15.93 55.54 -4.92
CA GLN F 38 -17.18 55.16 -4.26
C GLN F 38 -17.98 54.20 -5.14
N ALA F 39 -17.92 54.42 -6.45
CA ALA F 39 -18.70 53.61 -7.40
C ALA F 39 -18.35 52.14 -7.33
N LEU F 40 -17.03 51.91 -7.26
CA LEU F 40 -16.43 50.59 -7.12
C LEU F 40 -16.80 49.94 -5.80
N ILE F 41 -16.79 50.74 -4.73
CA ILE F 41 -17.13 50.25 -3.37
C ILE F 41 -18.59 49.81 -3.31
N LEU F 42 -19.45 50.64 -3.88
CA LEU F 42 -20.86 50.30 -4.01
C LEU F 42 -21.08 49.00 -4.75
N ASP F 43 -20.32 48.74 -5.79
CA ASP F 43 -20.54 47.51 -6.55
C ASP F 43 -20.13 46.26 -5.76
N LEU F 44 -19.12 46.37 -4.90
CA LEU F 44 -18.68 45.21 -4.09
C LEU F 44 -19.76 44.76 -3.12
N HIS F 45 -20.52 45.75 -2.62
CA HIS F 45 -21.79 45.53 -1.91
C HIS F 45 -22.74 44.55 -2.61
N ARG F 46 -23.18 44.88 -3.80
CA ARG F 46 -24.27 44.14 -4.41
C ARG F 46 -24.00 42.64 -4.73
N GLU F 47 -22.78 42.14 -4.54
CA GLU F 47 -22.54 40.69 -4.76
C GLU F 47 -22.85 39.80 -3.53
N TRP F 48 -22.23 40.09 -2.40
CA TRP F 48 -22.50 39.34 -1.16
C TRP F 48 -22.80 40.34 -0.06
N PRO F 49 -24.00 40.98 -0.08
CA PRO F 49 -24.13 42.22 0.74
C PRO F 49 -24.09 41.97 2.22
N GLU F 50 -24.57 40.77 2.59
CA GLU F 50 -24.49 40.27 3.95
C GLU F 50 -23.06 40.36 4.46
N SER F 51 -22.09 40.28 3.53
CA SER F 51 -20.62 40.22 3.79
C SER F 51 -19.96 41.53 3.89
N PHE F 52 -20.72 42.59 3.71
CA PHE F 52 -20.13 43.88 3.75
C PHE F 52 -20.53 44.39 5.11
N MET F 53 -19.58 44.45 6.03
CA MET F 53 -19.89 44.71 7.42
C MET F 53 -19.21 45.95 7.88
N VAL F 54 -19.88 46.65 8.79
CA VAL F 54 -19.36 47.91 9.29
C VAL F 54 -19.18 47.73 10.76
N TYR F 55 -18.10 48.24 11.33
CA TYR F 55 -17.97 48.28 12.79
C TYR F 55 -18.07 49.73 13.19
N THR F 56 -19.21 50.03 13.80
CA THR F 56 -19.56 51.36 14.20
C THR F 56 -19.32 51.58 15.68
N VAL F 57 -18.64 52.68 16.01
CA VAL F 57 -18.39 53.06 17.39
C VAL F 57 -18.82 54.51 17.62
N ALA F 58 -19.78 54.67 18.55
CA ALA F 58 -20.40 55.95 18.83
C ALA F 58 -21.19 56.36 17.62
N GLY F 59 -21.87 55.40 17.00
CA GLY F 59 -22.66 55.67 15.79
C GLY F 59 -22.00 56.04 14.46
N SER F 60 -20.70 56.34 14.47
CA SER F 60 -19.92 56.53 13.23
C SER F 60 -19.21 55.21 12.82
N VAL F 61 -18.85 55.11 11.55
CA VAL F 61 -18.15 53.95 11.03
C VAL F 61 -16.68 54.16 11.25
N VAL F 62 -16.04 53.17 11.83
CA VAL F 62 -14.59 53.25 12.10
C VAL F 62 -13.77 52.05 11.60
N GLY F 63 -14.39 51.26 10.74
CA GLY F 63 -13.80 50.03 10.22
C GLY F 63 -14.83 49.31 9.35
N PHE F 64 -14.33 48.43 8.49
CA PHE F 64 -15.22 47.63 7.65
C PHE F 64 -14.49 46.49 6.99
N ILE F 65 -15.29 45.58 6.46
CA ILE F 65 -14.78 44.43 5.73
C ILE F 65 -15.85 44.07 4.71
N VAL F 66 -15.44 43.48 3.60
CA VAL F 66 -16.36 43.15 2.54
C VAL F 66 -15.79 41.99 1.75
N GLY F 67 -16.66 41.10 1.31
CA GLY F 67 -16.28 39.82 0.77
C GLY F 67 -16.98 39.49 -0.51
N SER F 68 -16.52 38.45 -1.17
CA SER F 68 -17.18 37.97 -2.36
C SER F 68 -16.99 36.47 -2.32
N LYS F 69 -17.90 35.72 -2.93
CA LYS F 69 -17.76 34.28 -2.95
C LYS F 69 -17.09 33.92 -4.22
N TYR F 70 -15.97 33.22 -4.14
CA TYR F 70 -15.22 32.89 -5.35
C TYR F 70 -15.91 31.72 -6.01
N SER F 71 -16.27 30.73 -5.18
CA SER F 71 -16.98 29.52 -5.58
C SER F 71 -18.06 29.34 -4.57
N ARG F 72 -18.83 28.26 -4.68
CA ARG F 72 -19.94 28.04 -3.74
C ARG F 72 -19.32 27.77 -2.37
N THR F 73 -18.11 27.21 -2.36
CA THR F 73 -17.37 26.84 -1.15
C THR F 73 -16.18 27.72 -0.73
N GLU F 74 -15.72 28.63 -1.59
CA GLU F 74 -14.56 29.44 -1.25
C GLU F 74 -14.82 30.94 -1.25
N ALA F 75 -14.59 31.55 -0.11
CA ALA F 75 -14.82 32.99 0.01
C ALA F 75 -13.55 33.80 -0.17
N ARG F 76 -13.78 35.11 -0.28
CA ARG F 76 -12.74 36.04 -0.61
C ARG F 76 -12.97 37.35 0.13
N ILE F 77 -11.95 37.96 0.71
CA ILE F 77 -12.13 39.24 1.33
C ILE F 77 -11.63 40.32 0.42
N LEU F 78 -12.53 41.07 -0.19
CA LEU F 78 -12.12 42.13 -1.06
C LEU F 78 -11.45 43.31 -0.38
N LEU F 79 -12.03 43.83 0.69
CA LEU F 79 -11.40 44.92 1.41
C LEU F 79 -11.46 44.73 2.89
N PHE F 80 -10.52 45.28 3.62
CA PHE F 80 -10.55 45.18 5.05
C PHE F 80 -9.75 46.28 5.70
N ALA F 81 -10.39 47.30 6.25
CA ALA F 81 -9.64 48.40 6.83
C ALA F 81 -10.26 48.99 8.08
N VAL F 82 -9.46 49.65 8.91
CA VAL F 82 -9.97 50.33 10.09
C VAL F 82 -9.28 51.68 10.33
N ASP F 83 -10.00 52.62 10.90
CA ASP F 83 -9.60 54.01 10.88
C ASP F 83 -8.25 54.21 11.54
N GLU F 84 -7.39 55.01 10.93
CA GLU F 84 -6.04 55.19 11.53
C GLU F 84 -6.02 55.46 13.04
N ARG F 85 -7.10 56.10 13.51
CA ARG F 85 -7.21 56.64 14.86
C ARG F 85 -7.89 55.66 15.81
N PHE F 86 -8.62 54.70 15.27
CA PHE F 86 -9.28 53.66 16.08
C PHE F 86 -8.54 52.31 16.12
N ARG F 87 -7.24 52.34 15.80
CA ARG F 87 -6.47 51.12 15.46
C ARG F 87 -6.31 50.14 16.63
N ARG F 88 -5.79 50.63 17.76
CA ARG F 88 -5.37 49.75 18.86
C ARG F 88 -6.44 48.78 19.24
N MET F 89 -7.59 49.33 19.63
CA MET F 89 -8.70 48.56 20.19
C MET F 89 -9.22 47.63 19.15
N GLY F 90 -9.74 46.48 19.56
CA GLY F 90 -9.88 45.39 18.63
C GLY F 90 -11.06 45.41 17.72
N VAL F 91 -11.08 46.40 16.83
CA VAL F 91 -12.03 46.48 15.75
C VAL F 91 -11.89 45.47 14.62
N GLY F 92 -10.69 45.33 14.07
CA GLY F 92 -10.52 44.36 12.97
C GLY F 92 -10.65 42.93 13.49
N SER F 93 -9.99 42.70 14.63
CA SER F 93 -10.03 41.43 15.36
C SER F 93 -11.49 41.01 15.50
N ALA F 94 -12.38 41.99 15.68
CA ALA F 94 -13.84 41.74 15.77
C ALA F 94 -14.56 41.62 14.42
N LEU F 95 -14.11 42.42 13.45
CA LEU F 95 -14.64 42.36 12.10
C LEU F 95 -14.33 41.04 11.43
N MET F 96 -13.13 40.52 11.63
CA MET F 96 -12.74 39.25 11.04
C MET F 96 -13.59 38.13 11.60
N ASP F 97 -13.85 38.19 12.91
CA ASP F 97 -14.59 37.12 13.61
C ASP F 97 -15.98 37.05 12.99
N ALA F 98 -16.57 38.24 12.96
CA ALA F 98 -17.84 38.49 12.34
C ALA F 98 -17.95 37.90 10.94
N PHE F 99 -16.93 38.18 10.15
CA PHE F 99 -16.81 37.71 8.80
C PHE F 99 -16.69 36.19 8.78
N LEU F 100 -15.85 35.63 9.66
CA LEU F 100 -15.62 34.18 9.65
C LEU F 100 -16.86 33.41 10.10
N SER F 101 -17.55 34.03 11.07
CA SER F 101 -18.79 33.48 11.55
C SER F 101 -19.73 33.34 10.37
N LEU F 102 -19.91 34.43 9.63
CA LEU F 102 -20.74 34.42 8.47
C LEU F 102 -20.33 33.32 7.52
N CYS F 103 -19.03 33.11 7.34
CA CYS F 103 -18.55 32.04 6.47
C CYS F 103 -19.07 30.69 6.97
N ARG F 104 -18.87 30.40 8.26
CA ARG F 104 -19.36 29.14 8.80
C ARG F 104 -20.83 29.00 8.45
N GLU F 105 -21.59 30.05 8.69
CA GLU F 105 -23.04 30.03 8.53
C GLU F 105 -23.46 29.72 7.12
N GLN F 106 -22.76 30.28 6.16
CA GLN F 106 -23.18 30.14 4.79
C GLN F 106 -22.53 28.95 4.16
N ASN F 107 -21.82 28.17 4.96
CA ASN F 107 -21.22 26.94 4.48
C ASN F 107 -19.97 27.14 3.68
N MET F 108 -19.37 28.29 3.83
CA MET F 108 -18.07 28.59 3.25
C MET F 108 -17.04 27.83 4.08
N LEU F 109 -16.07 27.23 3.41
CA LEU F 109 -15.11 26.39 4.09
C LEU F 109 -13.65 26.72 3.77
N SER F 110 -13.41 27.78 3.00
CA SER F 110 -12.05 28.35 2.90
C SER F 110 -12.12 29.81 2.48
N VAL F 111 -11.24 30.63 3.04
CA VAL F 111 -11.21 32.06 2.73
C VAL F 111 -9.82 32.51 2.34
N ARG F 112 -9.77 33.47 1.43
CA ARG F 112 -8.53 33.96 0.88
C ARG F 112 -8.54 35.45 0.60
N LEU F 113 -7.34 35.98 0.51
CA LEU F 113 -7.21 37.38 0.35
C LEU F 113 -5.84 37.70 -0.24
N GLU F 114 -5.68 38.97 -0.64
CA GLU F 114 -4.47 39.50 -1.23
C GLU F 114 -3.98 40.54 -0.29
N VAL F 115 -2.68 40.69 -0.14
CA VAL F 115 -2.12 41.70 0.73
C VAL F 115 -0.78 42.18 0.13
N ARG F 116 -0.41 43.46 0.34
CA ARG F 116 0.93 43.95 -0.06
C ARG F 116 2.01 43.26 0.77
N THR F 117 3.10 42.89 0.11
CA THR F 117 4.23 42.17 0.74
C THR F 117 4.94 43.05 1.78
N ASP F 118 4.85 44.36 1.59
CA ASP F 118 5.44 45.28 2.53
C ASP F 118 4.49 45.70 3.65
N ASN F 119 3.24 45.22 3.62
CA ASN F 119 2.28 45.51 4.70
C ASN F 119 2.38 44.48 5.83
N ASP F 120 3.31 44.74 6.76
CA ASP F 120 3.64 43.82 7.84
C ASP F 120 2.53 43.76 8.85
N GLU F 121 1.99 44.93 9.25
CA GLU F 121 0.85 44.98 10.17
C GLU F 121 -0.24 43.99 9.75
N ALA F 122 -0.69 44.14 8.51
CA ALA F 122 -1.77 43.32 7.96
C ALA F 122 -1.39 41.86 7.86
N ILE F 123 -0.14 41.62 7.46
CA ILE F 123 0.32 40.25 7.28
C ILE F 123 0.37 39.52 8.61
N ARG F 124 0.92 40.20 9.62
CA ARG F 124 1.06 39.54 10.91
C ARG F 124 -0.33 39.29 11.52
N PHE F 125 -1.21 40.29 11.43
CA PHE F 125 -2.61 40.14 11.82
C PHE F 125 -3.25 38.97 11.12
N TYR F 126 -3.13 38.88 9.80
CA TYR F 126 -3.83 37.77 9.12
C TYR F 126 -3.21 36.44 9.53
N LYS F 127 -1.90 36.47 9.74
CA LYS F 127 -1.15 35.30 10.15
C LYS F 127 -1.74 34.87 11.48
N LYS F 128 -1.88 35.84 12.39
CA LYS F 128 -2.51 35.61 13.70
C LYS F 128 -3.79 34.86 13.60
N TYR F 129 -4.56 35.19 12.58
CA TYR F 129 -5.88 34.61 12.41
C TYR F 129 -5.90 33.28 11.67
N GLY F 130 -4.74 32.73 11.34
CA GLY F 130 -4.65 31.39 10.79
C GLY F 130 -4.36 31.36 9.32
N PHE F 131 -4.26 32.52 8.69
CA PHE F 131 -4.05 32.59 7.25
C PHE F 131 -2.63 32.20 7.08
N VAL F 132 -2.30 31.69 5.90
CA VAL F 132 -0.92 31.48 5.44
C VAL F 132 -0.72 32.02 4.04
N ILE F 133 0.49 32.45 3.75
CA ILE F 133 0.84 32.87 2.39
C ILE F 133 0.87 31.62 1.52
N THR F 134 0.19 31.68 0.37
CA THR F 134 0.20 30.56 -0.60
C THR F 134 0.74 30.95 -1.98
N ALA F 135 0.99 32.24 -2.21
CA ALA F 135 1.38 32.66 -3.53
C ALA F 135 1.75 34.10 -3.66
N MET F 136 2.64 34.38 -4.61
CA MET F 136 3.03 35.75 -4.99
C MET F 136 2.29 36.14 -6.24
N LEU F 137 2.18 37.43 -6.44
CA LEU F 137 1.42 37.98 -7.50
C LEU F 137 2.20 39.22 -7.91
N PRO F 138 3.14 39.05 -8.85
CA PRO F 138 3.97 40.18 -9.23
C PRO F 138 3.21 41.33 -9.88
N ASN F 139 3.53 42.55 -9.44
CA ASN F 139 2.96 43.77 -9.97
C ASN F 139 1.45 43.74 -9.99
N TYR F 140 0.87 43.27 -8.88
CA TYR F 140 -0.58 43.12 -8.72
C TYR F 140 -1.21 44.50 -8.57
N TYR F 141 -0.61 45.33 -7.72
CA TYR F 141 -1.15 46.66 -7.46
C TYR F 141 -0.75 47.63 -8.56
N SER F 142 -1.26 48.85 -8.50
CA SER F 142 -1.11 49.83 -9.58
C SER F 142 0.18 50.67 -9.51
N ASP F 143 1.16 50.22 -8.73
CA ASP F 143 2.50 50.78 -8.76
C ASP F 143 3.51 49.65 -8.96
N SER F 144 3.00 48.53 -9.48
CA SER F 144 3.79 47.33 -9.71
C SER F 144 4.35 46.75 -8.43
N SER F 145 3.67 47.00 -7.32
CA SER F 145 3.99 46.36 -6.05
C SER F 145 3.49 44.94 -6.10
N ASN F 146 4.24 44.01 -5.53
CA ASN F 146 3.77 42.62 -5.43
C ASN F 146 2.78 42.42 -4.27
N ALA F 147 2.11 41.28 -4.27
CA ALA F 147 1.10 40.95 -3.26
C ALA F 147 1.17 39.48 -2.90
N TYR F 148 0.82 39.12 -1.68
CA TYR F 148 0.75 37.70 -1.35
C TYR F 148 -0.71 37.33 -1.43
N THR F 149 -1.04 36.15 -1.93
CA THR F 149 -2.37 35.60 -1.78
C THR F 149 -2.28 34.76 -0.57
N MET F 150 -3.02 35.14 0.47
CA MET F 150 -3.09 34.35 1.71
C MET F 150 -4.40 33.60 1.77
N TRP F 151 -4.40 32.54 2.57
CA TRP F 151 -5.43 31.53 2.55
C TRP F 151 -5.70 30.87 3.89
N ARG F 152 -6.94 30.48 4.16
CA ARG F 152 -7.26 29.79 5.40
C ARG F 152 -8.48 28.93 5.25
N ILE F 153 -8.65 27.99 6.15
CA ILE F 153 -9.75 27.06 6.13
C ILE F 153 -10.60 27.29 7.32
N VAL F 154 -11.91 27.30 7.16
CA VAL F 154 -12.78 27.48 8.32
C VAL F 154 -13.54 26.18 8.55
N LEU F 155 -13.70 25.81 9.82
CA LEU F 155 -14.25 24.50 10.19
C LEU F 155 -15.65 24.61 10.84
N GLU F 156 -16.23 23.45 11.21
CA GLU F 156 -17.46 23.40 12.03
C GLU F 156 -18.60 24.22 11.42
N ALA G 8 20.81 30.94 -23.97
CA ALA G 8 21.81 29.85 -24.30
C ALA G 8 22.60 29.99 -25.66
N VAL G 9 22.04 30.74 -26.62
CA VAL G 9 22.76 31.26 -27.83
C VAL G 9 23.76 32.41 -27.49
N ALA G 10 23.49 33.09 -26.37
CA ALA G 10 24.40 34.02 -25.69
C ALA G 10 25.44 33.35 -24.73
N GLY G 11 25.02 32.25 -24.05
CA GLY G 11 25.81 31.51 -23.02
C GLY G 11 24.86 30.79 -22.04
N THR G 12 25.26 29.71 -21.39
CA THR G 12 24.24 28.85 -20.76
C THR G 12 24.61 28.01 -19.50
N ILE G 13 23.56 27.53 -18.82
CA ILE G 13 23.60 26.88 -17.51
C ILE G 13 23.77 25.37 -17.58
N ARG G 14 24.54 24.82 -16.64
CA ARG G 14 24.73 23.37 -16.51
C ARG G 14 24.99 22.95 -15.06
N GLU G 15 24.76 21.66 -14.79
CA GLU G 15 24.92 21.16 -13.42
C GLU G 15 26.39 21.22 -13.03
N PHE G 16 26.69 21.60 -11.81
CA PHE G 16 28.08 21.57 -11.33
C PHE G 16 28.63 20.14 -11.37
N SER G 17 29.95 20.06 -11.52
CA SER G 17 30.65 18.78 -11.49
C SER G 17 31.93 18.98 -10.73
N PRO G 18 32.40 17.92 -10.04
CA PRO G 18 33.63 18.02 -9.21
C PRO G 18 34.86 18.56 -9.97
N LYS G 19 34.84 18.43 -11.29
CA LYS G 19 35.78 19.12 -12.18
C LYS G 19 35.81 20.65 -11.94
N ASP G 20 34.62 21.24 -11.81
CA ASP G 20 34.51 22.70 -11.75
C ASP G 20 34.99 23.27 -10.42
N ILE G 21 35.45 22.40 -9.52
CA ILE G 21 35.74 22.82 -8.15
C ILE G 21 36.64 24.04 -8.05
N GLU G 22 37.66 24.11 -8.89
CA GLU G 22 38.64 25.20 -8.82
C GLU G 22 38.05 26.57 -9.25
N SER G 23 37.26 26.53 -10.33
CA SER G 23 36.56 27.70 -10.86
C SER G 23 35.59 28.27 -9.85
N VAL G 24 34.78 27.37 -9.27
CA VAL G 24 33.77 27.75 -8.28
C VAL G 24 34.44 28.31 -7.04
N TYR G 25 35.50 27.63 -6.61
CA TYR G 25 36.26 28.03 -5.41
C TYR G 25 36.91 29.39 -5.54
N ARG G 26 37.26 29.79 -6.76
CA ARG G 26 37.82 31.14 -7.00
C ARG G 26 36.74 32.23 -6.86
N ILE G 27 35.60 32.03 -7.52
CA ILE G 27 34.50 32.97 -7.46
C ILE G 27 34.04 33.15 -6.02
N ALA G 28 34.14 32.09 -5.23
CA ALA G 28 33.84 32.16 -3.79
C ALA G 28 34.73 33.15 -3.03
N GLN G 29 36.05 33.04 -3.24
CA GLN G 29 37.05 33.88 -2.56
C GLN G 29 36.99 35.34 -3.01
N THR G 30 36.81 35.49 -4.33
CA THR G 30 36.61 36.77 -4.98
C THR G 30 35.37 37.48 -4.47
N SER G 31 34.31 36.70 -4.19
CA SER G 31 32.94 37.25 -4.09
C SER G 31 32.18 37.13 -2.74
N LEU G 32 32.57 36.19 -1.88
CA LEU G 32 31.96 36.03 -0.53
C LEU G 32 32.88 36.37 0.65
N THR G 33 32.30 36.87 1.73
CA THR G 33 33.09 37.24 2.89
C THR G 33 33.31 36.00 3.77
N GLU G 34 32.35 35.08 3.74
CA GLU G 34 32.49 33.90 4.57
C GLU G 34 33.48 32.99 3.83
N TYR G 35 34.15 32.13 4.59
CA TYR G 35 35.23 31.28 4.03
C TYR G 35 34.81 29.81 3.76
N TYR G 36 34.62 29.50 2.50
CA TYR G 36 34.21 28.18 2.06
C TYR G 36 35.38 27.46 1.36
N THR G 37 35.71 26.27 1.84
CA THR G 37 36.83 25.50 1.32
C THR G 37 36.39 24.49 0.30
N GLN G 38 37.29 24.14 -0.60
CA GLN G 38 36.99 23.17 -1.66
C GLN G 38 36.30 21.93 -1.12
N ALA G 39 36.89 21.39 -0.06
CA ALA G 39 36.35 20.21 0.59
C ALA G 39 34.87 20.40 0.87
N LEU G 40 34.58 21.52 1.55
CA LEU G 40 33.26 21.86 2.08
C LEU G 40 32.33 22.13 0.93
N ILE G 41 32.80 22.96 -0.01
CA ILE G 41 32.05 23.24 -1.24
C ILE G 41 31.65 21.94 -1.95
N LEU G 42 32.42 20.88 -1.75
CA LEU G 42 32.16 19.66 -2.47
C LEU G 42 31.29 18.75 -1.71
N ASP G 43 31.23 18.90 -0.41
CA ASP G 43 30.30 18.10 0.36
C ASP G 43 28.87 18.60 0.08
N LEU G 44 28.71 19.93 -0.06
CA LEU G 44 27.43 20.58 -0.40
C LEU G 44 26.85 19.99 -1.67
N HIS G 45 27.69 19.92 -2.69
CA HIS G 45 27.31 19.25 -3.91
C HIS G 45 26.72 17.88 -3.60
N ARG G 46 27.26 17.21 -2.59
CA ARG G 46 26.88 15.85 -2.31
C ARG G 46 25.42 15.73 -1.89
N GLU G 47 24.97 16.64 -1.03
CA GLU G 47 23.64 16.50 -0.43
C GLU G 47 22.50 16.72 -1.44
N TRP G 48 22.53 17.82 -2.18
CA TRP G 48 21.46 18.09 -3.17
C TRP G 48 22.06 18.44 -4.54
N PRO G 49 22.66 17.45 -5.19
CA PRO G 49 23.57 17.89 -6.24
C PRO G 49 22.86 18.65 -7.34
N GLU G 50 21.57 18.39 -7.49
CA GLU G 50 20.80 18.99 -8.58
C GLU G 50 20.67 20.52 -8.42
N SER G 51 20.79 21.01 -7.18
CA SER G 51 20.70 22.45 -6.95
C SER G 51 21.99 23.15 -7.30
N PHE G 52 23.05 22.39 -7.47
CA PHE G 52 24.34 23.00 -7.75
C PHE G 52 24.50 23.17 -9.24
N MET G 53 24.36 24.40 -9.70
CA MET G 53 24.35 24.69 -11.13
C MET G 53 25.26 25.85 -11.40
N VAL G 54 25.88 25.82 -12.56
CA VAL G 54 26.89 26.77 -12.89
C VAL G 54 26.52 27.37 -14.22
N TYR G 55 26.87 28.63 -14.39
CA TYR G 55 26.62 29.34 -15.61
C TYR G 55 27.94 29.44 -16.31
N THR G 56 28.05 28.81 -17.46
CA THR G 56 29.30 28.74 -18.16
C THR G 56 29.15 29.47 -19.46
N VAL G 57 30.04 30.42 -19.72
CA VAL G 57 29.87 31.31 -20.85
C VAL G 57 30.66 30.91 -22.09
N ALA G 58 31.95 30.68 -21.94
CA ALA G 58 32.77 30.28 -23.05
C ALA G 58 33.51 29.10 -22.51
N GLY G 59 32.75 28.06 -22.29
CA GLY G 59 33.26 26.88 -21.57
C GLY G 59 34.03 27.16 -20.27
N SER G 60 33.94 28.38 -19.77
CA SER G 60 34.49 28.75 -18.47
C SER G 60 33.32 29.15 -17.54
N VAL G 61 33.28 28.53 -16.36
CA VAL G 61 32.32 28.88 -15.32
C VAL G 61 32.49 30.35 -14.89
N VAL G 62 31.38 31.08 -14.85
CA VAL G 62 31.43 32.48 -14.41
C VAL G 62 30.52 32.76 -13.20
N GLY G 63 29.79 31.76 -12.73
CA GLY G 63 28.84 31.95 -11.63
C GLY G 63 28.29 30.63 -11.15
N PHE G 64 27.71 30.63 -9.95
CA PHE G 64 27.16 29.39 -9.44
C PHE G 64 26.11 29.63 -8.39
N ILE G 65 25.23 28.64 -8.24
CA ILE G 65 24.21 28.61 -7.19
C ILE G 65 24.03 27.17 -6.69
N VAL G 66 23.96 27.00 -5.37
CA VAL G 66 23.82 25.68 -4.77
C VAL G 66 22.89 25.74 -3.58
N GLY G 67 22.10 24.69 -3.38
CA GLY G 67 21.08 24.76 -2.37
C GLY G 67 21.11 23.66 -1.35
N SER G 68 20.21 23.79 -0.37
CA SER G 68 19.85 22.69 0.50
C SER G 68 18.33 22.62 0.57
N LYS G 69 17.81 21.51 1.11
CA LYS G 69 16.41 21.46 1.57
C LYS G 69 16.35 21.58 3.09
N TYR G 70 15.87 22.73 3.55
CA TYR G 70 15.65 23.00 4.97
C TYR G 70 14.62 22.05 5.57
N SER G 71 13.63 21.68 4.75
CA SER G 71 12.57 20.79 5.14
C SER G 71 12.03 20.11 3.91
N ARG G 72 11.12 19.16 4.11
CA ARG G 72 10.42 18.50 3.00
C ARG G 72 9.96 19.52 1.97
N THR G 73 9.41 20.65 2.45
CA THR G 73 8.75 21.66 1.59
C THR G 73 9.62 22.88 1.26
N GLU G 74 10.60 23.23 2.11
CA GLU G 74 11.32 24.50 2.02
C GLU G 74 12.76 24.38 1.49
N ALA G 75 13.09 25.17 0.50
CA ALA G 75 14.44 25.18 -0.05
C ALA G 75 15.28 26.23 0.67
N ARG G 76 16.58 26.20 0.37
CA ARG G 76 17.49 27.15 0.94
C ARG G 76 18.68 27.47 -0.02
N ILE G 77 19.24 28.67 0.12
CA ILE G 77 20.31 29.02 -0.72
C ILE G 77 21.52 29.27 0.14
N LEU G 78 22.48 28.35 -0.01
CA LEU G 78 23.72 28.33 0.77
C LEU G 78 24.75 29.27 0.19
N LEU G 79 25.18 29.04 -1.05
CA LEU G 79 26.12 29.97 -1.70
C LEU G 79 25.53 30.44 -3.00
N PHE G 80 25.74 31.72 -3.31
CA PHE G 80 25.25 32.26 -4.57
C PHE G 80 26.14 33.41 -5.01
N ALA G 81 27.05 33.16 -5.95
CA ALA G 81 28.03 34.17 -6.36
C ALA G 81 28.23 34.18 -7.85
N VAL G 82 28.49 35.37 -8.39
CA VAL G 82 28.88 35.50 -9.79
C VAL G 82 30.26 36.18 -9.88
N ASP G 83 31.10 35.73 -10.81
CA ASP G 83 32.41 36.32 -11.03
C ASP G 83 32.28 37.82 -11.25
N GLU G 84 33.18 38.56 -10.62
CA GLU G 84 33.14 40.02 -10.64
C GLU G 84 33.18 40.60 -12.06
N ARG G 85 33.93 39.95 -12.96
CA ARG G 85 33.95 40.34 -14.37
C ARG G 85 32.52 40.38 -14.92
N PHE G 86 31.85 39.24 -14.88
CA PHE G 86 30.58 39.05 -15.61
C PHE G 86 29.34 39.43 -14.77
N ARG G 87 29.50 40.36 -13.82
CA ARG G 87 28.36 40.87 -13.08
C ARG G 87 27.48 41.65 -14.05
N ARG G 88 26.17 41.67 -13.81
CA ARG G 88 25.25 42.52 -14.57
C ARG G 88 25.16 42.17 -16.08
N MET G 89 25.58 40.96 -16.43
CA MET G 89 25.30 40.37 -17.74
C MET G 89 24.08 39.46 -17.58
N GLY G 90 23.29 39.68 -16.52
CA GLY G 90 22.12 38.86 -16.26
C GLY G 90 22.42 37.41 -15.92
N VAL G 91 23.55 37.18 -15.22
CA VAL G 91 24.01 35.82 -14.94
C VAL G 91 23.27 35.23 -13.77
N GLY G 92 23.37 35.84 -12.60
CA GLY G 92 22.66 35.37 -11.42
C GLY G 92 21.17 35.21 -11.62
N SER G 93 20.55 36.17 -12.32
CA SER G 93 19.12 36.06 -12.58
C SER G 93 18.81 34.85 -13.46
N ALA G 94 19.78 34.36 -14.23
CA ALA G 94 19.58 33.08 -14.91
C ALA G 94 19.63 31.90 -13.94
N LEU G 95 20.56 31.98 -12.97
CA LEU G 95 20.77 30.93 -11.99
C LEU G 95 19.53 30.87 -11.11
N MET G 96 19.09 32.04 -10.66
CA MET G 96 17.96 32.15 -9.75
C MET G 96 16.70 31.57 -10.43
N ASP G 97 16.41 32.03 -11.64
CA ASP G 97 15.37 31.42 -12.48
C ASP G 97 15.50 29.91 -12.48
N ALA G 98 16.67 29.43 -12.88
CA ALA G 98 16.93 27.99 -13.01
C ALA G 98 16.71 27.21 -11.72
N PHE G 99 17.14 27.82 -10.61
CA PHE G 99 16.95 27.28 -9.28
C PHE G 99 15.49 27.25 -8.93
N LEU G 100 14.76 28.33 -9.23
CA LEU G 100 13.33 28.39 -8.88
C LEU G 100 12.53 27.33 -9.63
N SER G 101 12.78 27.24 -10.93
CA SER G 101 12.16 26.21 -11.77
C SER G 101 12.56 24.78 -11.38
N LEU G 102 13.64 24.63 -10.60
CA LEU G 102 14.02 23.33 -10.08
C LEU G 102 13.22 23.02 -8.85
N CYS G 103 12.90 24.08 -8.10
CA CYS G 103 12.05 23.98 -6.91
C CYS G 103 10.67 23.54 -7.34
N ARG G 104 10.17 24.15 -8.41
CA ARG G 104 8.89 23.78 -8.96
C ARG G 104 8.92 22.32 -9.41
N GLU G 105 10.02 21.89 -10.04
CA GLU G 105 10.11 20.49 -10.49
C GLU G 105 9.88 19.58 -9.31
N GLN G 106 10.47 19.91 -8.18
CA GLN G 106 10.47 19.02 -7.01
C GLN G 106 9.48 19.38 -5.91
N ASN G 107 8.55 20.27 -6.24
CA ASN G 107 7.42 20.64 -5.36
C ASN G 107 7.84 21.34 -4.06
N MET G 108 8.92 22.09 -4.12
CA MET G 108 9.35 22.93 -3.02
C MET G 108 8.51 24.20 -3.07
N LEU G 109 8.05 24.65 -1.91
CA LEU G 109 7.02 25.70 -1.82
C LEU G 109 7.54 27.06 -1.50
N SER G 110 8.63 27.12 -0.74
CA SER G 110 9.28 28.40 -0.39
C SER G 110 10.78 28.26 -0.43
N VAL G 111 11.48 29.37 -0.52
CA VAL G 111 12.92 29.34 -0.44
C VAL G 111 13.31 30.38 0.59
N ARG G 112 14.21 30.01 1.50
CA ARG G 112 14.75 30.98 2.47
C ARG G 112 16.20 31.19 2.17
N LEU G 113 16.79 32.28 2.65
CA LEU G 113 18.23 32.50 2.48
C LEU G 113 18.70 33.47 3.53
N GLU G 114 20.01 33.49 3.83
CA GLU G 114 20.61 34.46 4.78
C GLU G 114 21.63 35.36 4.08
N VAL G 115 21.43 36.68 4.17
CA VAL G 115 22.30 37.66 3.54
C VAL G 115 22.78 38.68 4.58
N ARG G 116 24.01 39.16 4.42
CA ARG G 116 24.59 40.12 5.37
C ARG G 116 23.92 41.50 5.19
N THR G 117 23.58 42.17 6.30
CA THR G 117 22.68 43.34 6.22
C THR G 117 23.35 44.57 5.62
N ASP G 118 24.66 44.50 5.41
CA ASP G 118 25.42 45.59 4.80
C ASP G 118 25.72 45.27 3.33
N ASN G 119 24.80 44.56 2.66
CA ASN G 119 25.00 44.14 1.27
C ASN G 119 23.88 44.60 0.34
N ASP G 120 23.90 45.86 -0.06
CA ASP G 120 22.86 46.40 -0.95
C ASP G 120 22.60 45.51 -2.15
N GLU G 121 23.63 45.28 -2.95
CA GLU G 121 23.47 44.59 -4.21
C GLU G 121 22.68 43.32 -4.00
N ALA G 122 23.26 42.39 -3.26
CA ALA G 122 22.63 41.10 -3.04
C ALA G 122 21.19 41.25 -2.59
N ILE G 123 20.96 42.16 -1.65
CA ILE G 123 19.63 42.37 -1.07
C ILE G 123 18.68 42.96 -2.10
N ARG G 124 19.06 44.09 -2.68
CA ARG G 124 18.29 44.72 -3.75
C ARG G 124 17.94 43.69 -4.85
N PHE G 125 18.89 42.81 -5.14
CA PHE G 125 18.70 41.78 -6.15
C PHE G 125 17.64 40.78 -5.78
N TYR G 126 17.78 40.23 -4.58
CA TYR G 126 16.79 39.32 -4.04
C TYR G 126 15.41 39.99 -3.97
N LYS G 127 15.38 41.26 -3.57
CA LYS G 127 14.13 42.01 -3.60
C LYS G 127 13.51 41.96 -5.00
N LYS G 128 14.26 42.38 -6.01
CA LYS G 128 13.81 42.30 -7.40
C LYS G 128 13.14 40.93 -7.63
N TYR G 129 13.65 39.89 -6.97
CA TYR G 129 13.11 38.53 -7.17
C TYR G 129 11.98 38.12 -6.22
N GLY G 130 11.35 39.11 -5.60
CA GLY G 130 10.18 38.88 -4.77
C GLY G 130 10.50 38.68 -3.30
N PHE G 131 11.78 38.48 -2.97
CA PHE G 131 12.17 38.13 -1.62
C PHE G 131 11.92 39.29 -0.69
N VAL G 132 11.43 38.97 0.49
CA VAL G 132 11.17 39.91 1.56
C VAL G 132 12.06 39.50 2.76
N ILE G 133 12.38 40.48 3.60
CA ILE G 133 13.12 40.25 4.84
C ILE G 133 12.17 39.77 5.95
N THR G 134 12.54 38.70 6.65
CA THR G 134 11.66 38.06 7.61
C THR G 134 12.25 37.87 8.99
N ALA G 135 13.51 38.27 9.17
CA ALA G 135 14.08 38.30 10.49
C ALA G 135 15.38 39.10 10.49
N MET G 136 15.91 39.37 11.68
CA MET G 136 17.33 39.79 11.85
C MET G 136 18.00 38.74 12.71
N LEU G 137 19.13 38.21 12.26
CA LEU G 137 19.83 37.13 12.96
C LEU G 137 21.08 37.70 13.58
N PRO G 138 21.01 38.04 14.87
CA PRO G 138 22.16 38.75 15.42
C PRO G 138 23.42 37.87 15.36
N ASN G 139 24.57 38.52 15.17
CA ASN G 139 25.89 37.88 15.14
C ASN G 139 25.96 36.60 14.29
N TYR G 140 25.39 36.63 13.09
CA TYR G 140 25.21 35.38 12.34
C TYR G 140 26.48 34.86 11.70
N TYR G 141 27.24 35.76 11.08
CA TYR G 141 28.49 35.40 10.41
C TYR G 141 29.66 35.33 11.40
N SER G 142 30.82 34.86 10.93
CA SER G 142 32.01 34.64 11.78
C SER G 142 32.51 35.90 12.50
N ASP G 143 32.26 37.04 11.89
CA ASP G 143 32.74 38.32 12.35
C ASP G 143 31.69 39.07 13.13
N SER G 144 30.65 38.37 13.51
CA SER G 144 29.59 38.95 14.32
C SER G 144 28.77 39.89 13.48
N SER G 145 29.00 39.88 12.18
CA SER G 145 28.22 40.71 11.30
C SER G 145 26.87 40.10 11.34
N ASN G 146 25.88 40.89 11.00
CA ASN G 146 24.50 40.48 11.11
C ASN G 146 23.94 40.09 9.74
N ALA G 147 22.93 39.23 9.80
CA ALA G 147 22.28 38.71 8.60
C ALA G 147 20.80 39.02 8.66
N TYR G 148 20.18 39.22 7.50
CA TYR G 148 18.72 39.16 7.36
C TYR G 148 18.42 37.79 6.81
N THR G 149 17.48 37.06 7.40
CA THR G 149 16.87 35.98 6.66
C THR G 149 15.89 36.58 5.61
N MET G 150 15.99 36.18 4.35
CA MET G 150 15.04 36.63 3.34
C MET G 150 14.27 35.41 2.93
N TRP G 151 13.18 35.63 2.19
CA TRP G 151 12.23 34.53 1.96
C TRP G 151 11.27 34.87 0.82
N ARG G 152 10.78 33.83 0.11
CA ARG G 152 9.61 34.00 -0.76
C ARG G 152 8.94 32.69 -1.04
N ILE G 153 7.62 32.73 -1.32
CA ILE G 153 6.93 31.54 -1.83
C ILE G 153 7.28 31.47 -3.29
N VAL G 154 7.21 30.27 -3.84
CA VAL G 154 7.58 29.97 -5.19
C VAL G 154 6.43 30.18 -6.14
N LEU G 155 5.26 29.63 -5.84
CA LEU G 155 4.10 29.76 -6.73
C LEU G 155 3.77 31.22 -7.06
N GLU G 156 3.47 31.52 -8.30
CA GLU G 156 3.16 32.90 -8.64
C GLU G 156 2.05 32.96 -9.70
N HIS G 157 1.21 34.00 -9.60
CA HIS G 157 0.24 34.33 -10.62
C HIS G 157 0.23 35.86 -10.84
N VAL H 9 24.20 7.82 -49.70
CA VAL H 9 25.27 6.97 -50.32
C VAL H 9 26.63 7.67 -50.30
N ALA H 10 27.70 6.88 -50.25
CA ALA H 10 29.08 7.35 -50.42
C ALA H 10 29.50 8.43 -49.42
N GLY H 11 29.14 8.27 -48.15
CA GLY H 11 29.49 9.23 -47.11
C GLY H 11 30.01 8.57 -45.83
N THR H 12 30.67 9.37 -44.99
CA THR H 12 31.21 8.88 -43.72
C THR H 12 31.09 9.91 -42.57
N ILE H 13 31.12 9.43 -41.33
CA ILE H 13 31.04 10.29 -40.16
C ILE H 13 32.33 10.23 -39.33
N ARG H 14 32.89 11.41 -39.11
CA ARG H 14 34.11 11.56 -38.32
C ARG H 14 33.99 12.78 -37.41
N GLU H 15 34.67 12.65 -36.28
CA GLU H 15 34.80 13.71 -35.33
C GLU H 15 35.27 14.97 -36.06
N PHE H 16 34.70 16.12 -35.67
CA PHE H 16 35.05 17.41 -36.24
C PHE H 16 36.43 17.81 -35.76
N SER H 17 37.22 18.33 -36.70
CA SER H 17 38.52 18.93 -36.41
C SER H 17 38.48 20.42 -36.78
N PRO H 18 39.22 21.27 -36.03
CA PRO H 18 39.20 22.73 -36.21
C PRO H 18 39.13 23.17 -37.68
N LYS H 19 39.94 22.52 -38.51
CA LYS H 19 40.07 22.78 -39.95
C LYS H 19 38.75 22.95 -40.78
N ASP H 20 37.66 22.30 -40.38
CA ASP H 20 36.40 22.32 -41.14
C ASP H 20 35.58 23.63 -40.97
N ILE H 21 36.02 24.46 -40.03
CA ILE H 21 35.23 25.58 -39.50
C ILE H 21 34.55 26.51 -40.54
N GLU H 22 35.12 26.63 -41.75
CA GLU H 22 34.47 27.42 -42.82
C GLU H 22 33.21 26.75 -43.34
N SER H 23 33.28 25.44 -43.49
CA SER H 23 32.15 24.66 -43.95
C SER H 23 31.06 24.66 -42.88
N VAL H 24 31.45 24.45 -41.62
CA VAL H 24 30.50 24.43 -40.49
C VAL H 24 29.80 25.79 -40.32
N TYR H 25 30.59 26.86 -40.27
CA TYR H 25 30.03 28.21 -40.23
C TYR H 25 29.10 28.48 -41.40
N ARG H 26 29.49 28.04 -42.59
CA ARG H 26 28.72 28.24 -43.81
C ARG H 26 27.28 27.74 -43.66
N ILE H 27 27.11 26.57 -43.04
CA ILE H 27 25.79 25.94 -42.91
C ILE H 27 25.00 26.57 -41.75
N ALA H 28 25.72 26.80 -40.64
CA ALA H 28 25.21 27.50 -39.47
C ALA H 28 24.60 28.84 -39.87
N GLN H 29 25.36 29.58 -40.67
CA GLN H 29 24.88 30.82 -41.27
C GLN H 29 23.61 30.59 -42.13
N THR H 30 23.67 29.62 -43.06
CA THR H 30 22.66 29.49 -44.13
C THR H 30 21.29 29.01 -43.70
N SER H 31 21.27 27.79 -43.15
CA SER H 31 20.05 27.02 -42.87
C SER H 31 19.46 27.30 -41.48
N LEU H 32 20.28 27.85 -40.59
CA LEU H 32 19.88 28.27 -39.23
C LEU H 32 19.69 29.79 -39.10
N THR H 33 18.47 30.18 -38.69
CA THR H 33 18.11 31.59 -38.58
C THR H 33 19.04 32.28 -37.62
N GLU H 34 19.23 31.67 -36.47
CA GLU H 34 20.17 32.20 -35.51
C GLU H 34 21.55 32.36 -36.16
N TYR H 35 22.32 33.30 -35.62
CA TYR H 35 23.63 33.63 -36.15
C TYR H 35 24.71 33.18 -35.17
N TYR H 36 25.71 32.46 -35.68
CA TYR H 36 26.78 31.89 -34.85
C TYR H 36 28.16 32.22 -35.37
N THR H 37 29.00 32.77 -34.51
CA THR H 37 30.36 33.18 -34.89
C THR H 37 31.24 31.96 -35.06
N GLN H 38 32.31 32.11 -35.80
CA GLN H 38 33.33 31.06 -35.89
C GLN H 38 33.97 30.80 -34.52
N ALA H 39 34.23 31.88 -33.76
CA ALA H 39 35.01 31.79 -32.53
C ALA H 39 34.22 31.05 -31.47
N LEU H 40 32.92 31.33 -31.48
CA LEU H 40 32.00 30.74 -30.53
C LEU H 40 32.10 29.23 -30.64
N ILE H 41 31.89 28.75 -31.87
CA ILE H 41 31.78 27.31 -32.17
C ILE H 41 32.98 26.53 -31.66
N LEU H 42 34.14 27.12 -31.82
CA LEU H 42 35.38 26.50 -31.36
C LEU H 42 35.35 26.31 -29.86
N ASP H 43 34.72 27.25 -29.16
CA ASP H 43 34.55 27.15 -27.70
C ASP H 43 33.60 25.98 -27.36
N LEU H 44 32.54 25.80 -28.14
CA LEU H 44 31.59 24.68 -27.96
C LEU H 44 32.26 23.33 -28.15
N HIS H 45 33.14 23.32 -29.14
CA HIS H 45 33.92 22.15 -29.47
C HIS H 45 34.77 21.74 -28.28
N ARG H 46 35.18 22.70 -27.48
CA ARG H 46 35.99 22.42 -26.32
C ARG H 46 35.23 21.71 -25.21
N GLU H 47 33.94 21.97 -25.10
CA GLU H 47 33.15 21.40 -24.02
C GLU H 47 33.13 19.87 -24.07
N TRP H 48 32.70 19.34 -25.20
CA TRP H 48 32.64 17.89 -25.42
C TRP H 48 33.14 17.58 -26.81
N PRO H 49 34.46 17.33 -26.97
CA PRO H 49 34.93 17.33 -28.36
C PRO H 49 34.34 16.17 -29.17
N GLU H 50 34.19 15.04 -28.49
CA GLU H 50 33.79 13.76 -29.08
C GLU H 50 32.41 13.88 -29.70
N SER H 51 31.52 14.63 -29.00
CA SER H 51 30.14 14.92 -29.46
C SER H 51 30.06 15.73 -30.74
N PHE H 52 31.04 16.63 -30.95
CA PHE H 52 31.07 17.39 -32.18
C PHE H 52 31.31 16.41 -33.30
N MET H 53 30.52 16.48 -34.37
CA MET H 53 30.60 15.51 -35.44
C MET H 53 30.19 16.02 -36.79
N VAL H 54 30.74 15.33 -37.79
CA VAL H 54 30.82 15.81 -39.16
C VAL H 54 30.38 14.70 -40.09
N TYR H 55 29.52 15.05 -41.05
CA TYR H 55 29.25 14.15 -42.17
C TYR H 55 29.95 14.67 -43.42
N THR H 56 30.97 13.93 -43.82
CA THR H 56 31.81 14.30 -44.93
C THR H 56 31.41 13.44 -46.08
N VAL H 57 30.95 14.06 -47.15
CA VAL H 57 30.66 13.34 -48.36
C VAL H 57 31.76 13.77 -49.28
N ALA H 58 32.59 12.83 -49.70
CA ALA H 58 33.70 13.17 -50.56
C ALA H 58 34.78 13.95 -49.83
N GLY H 59 34.85 13.83 -48.52
CA GLY H 59 35.90 14.48 -47.78
C GLY H 59 35.58 15.94 -47.56
N SER H 60 34.40 16.35 -48.02
CA SER H 60 33.90 17.72 -47.78
C SER H 60 32.78 17.60 -46.74
N VAL H 61 32.66 18.56 -45.84
CA VAL H 61 31.64 18.50 -44.80
C VAL H 61 30.31 19.05 -45.32
N VAL H 62 29.22 18.32 -45.13
CA VAL H 62 27.90 18.77 -45.62
C VAL H 62 26.78 18.88 -44.57
N GLY H 63 27.05 18.36 -43.36
CA GLY H 63 26.19 18.55 -42.17
C GLY H 63 26.98 18.28 -40.90
N PHE H 64 26.43 18.68 -39.75
CA PHE H 64 27.13 18.50 -38.46
C PHE H 64 26.18 18.38 -37.24
N ILE H 65 26.79 18.02 -36.10
CA ILE H 65 26.10 17.98 -34.81
C ILE H 65 27.08 18.11 -33.65
N VAL H 66 26.85 19.07 -32.75
CA VAL H 66 27.65 19.19 -31.51
C VAL H 66 26.69 19.16 -30.32
N GLY H 67 27.18 18.65 -29.19
CA GLY H 67 26.39 18.55 -27.97
C GLY H 67 27.18 18.89 -26.73
N SER H 68 26.58 18.58 -25.58
CA SER H 68 27.24 18.73 -24.27
C SER H 68 26.44 18.11 -23.16
N LYS H 69 27.07 18.04 -22.00
CA LYS H 69 26.48 17.39 -20.85
C LYS H 69 25.78 18.44 -19.98
N TYR H 70 24.48 18.26 -19.71
CA TYR H 70 23.86 19.11 -18.72
C TYR H 70 24.36 18.59 -17.37
N SER H 71 24.40 17.26 -17.26
CA SER H 71 24.88 16.54 -16.08
C SER H 71 25.60 15.29 -16.54
N ARG H 72 26.19 14.59 -15.58
CA ARG H 72 26.95 13.38 -15.84
C ARG H 72 26.07 12.30 -16.50
N THR H 73 24.75 12.42 -16.34
CA THR H 73 23.81 11.51 -17.00
C THR H 73 23.13 12.15 -18.21
N GLU H 74 22.87 13.45 -18.15
CA GLU H 74 21.95 14.07 -19.11
C GLU H 74 22.65 14.90 -20.18
N ALA H 75 22.54 14.44 -21.42
CA ALA H 75 23.28 15.05 -22.53
C ALA H 75 22.44 16.07 -23.20
N ARG H 76 23.06 16.88 -24.06
CA ARG H 76 22.34 17.95 -24.76
C ARG H 76 22.86 18.30 -26.13
N ILE H 77 22.09 18.05 -27.17
CA ILE H 77 22.44 18.52 -28.49
C ILE H 77 22.42 20.01 -28.50
N LEU H 78 23.48 20.62 -28.99
CA LEU H 78 23.50 22.08 -29.05
C LEU H 78 23.25 22.60 -30.44
N LEU H 79 23.98 22.08 -31.42
CA LEU H 79 23.83 22.54 -32.79
C LEU H 79 23.63 21.39 -33.74
N PHE H 80 22.64 21.46 -34.61
CA PHE H 80 22.42 20.40 -35.57
C PHE H 80 21.78 20.89 -36.85
N ALA H 81 22.47 20.73 -37.97
CA ALA H 81 21.90 21.07 -39.27
C ALA H 81 22.64 20.46 -40.45
N VAL H 82 22.01 20.48 -41.61
CA VAL H 82 22.58 19.95 -42.83
C VAL H 82 22.19 20.88 -44.01
N ASP H 83 23.08 20.96 -45.00
CA ASP H 83 22.90 21.86 -46.14
C ASP H 83 21.56 21.64 -46.87
N GLU H 84 21.03 22.69 -47.50
CA GLU H 84 19.74 22.62 -48.25
C GLU H 84 19.80 21.69 -49.46
N ARG H 85 21.02 21.52 -49.94
CA ARG H 85 21.36 20.65 -51.04
C ARG H 85 21.09 19.21 -50.75
N PHE H 86 21.31 18.82 -49.50
CA PHE H 86 21.47 17.43 -49.15
C PHE H 86 20.34 16.76 -48.38
N ARG H 87 19.20 17.41 -48.26
CA ARG H 87 18.20 16.94 -47.33
C ARG H 87 17.72 15.53 -47.67
N ARG H 88 17.47 15.23 -48.93
CA ARG H 88 16.93 13.90 -49.23
C ARG H 88 17.99 12.81 -49.04
N MET H 89 19.22 13.24 -48.79
CA MET H 89 20.36 12.32 -48.75
C MET H 89 20.33 11.36 -47.57
N GLY H 90 19.75 11.79 -46.44
CA GLY H 90 19.67 10.95 -45.22
C GLY H 90 20.82 11.21 -44.25
N VAL H 91 21.31 12.44 -44.31
CA VAL H 91 22.51 12.84 -43.56
C VAL H 91 22.17 13.02 -42.09
N GLY H 92 21.10 13.78 -41.84
CA GLY H 92 20.55 13.96 -40.52
C GLY H 92 20.49 12.63 -39.80
N SER H 93 19.58 11.77 -40.27
CA SER H 93 19.39 10.44 -39.70
C SER H 93 20.72 9.81 -39.29
N ALA H 94 21.71 9.92 -40.17
CA ALA H 94 23.02 9.33 -39.91
C ALA H 94 23.71 9.96 -38.69
N LEU H 95 23.77 11.30 -38.69
CA LEU H 95 24.33 12.09 -37.59
C LEU H 95 23.68 11.83 -36.24
N MET H 96 22.35 11.78 -36.23
CA MET H 96 21.58 11.53 -35.02
C MET H 96 21.91 10.16 -34.43
N ASP H 97 21.89 9.11 -35.27
CA ASP H 97 22.22 7.71 -34.85
C ASP H 97 23.63 7.66 -34.31
N ALA H 98 24.51 8.40 -34.98
CA ALA H 98 25.88 8.61 -34.54
C ALA H 98 26.02 9.19 -33.13
N PHE H 99 25.18 10.18 -32.86
CA PHE H 99 25.15 10.88 -31.59
C PHE H 99 24.61 9.97 -30.52
N LEU H 100 23.51 9.28 -30.85
CA LEU H 100 22.77 8.47 -29.87
C LEU H 100 23.56 7.23 -29.51
N SER H 101 24.35 6.78 -30.49
CA SER H 101 25.28 5.69 -30.27
C SER H 101 26.22 6.09 -29.14
N LEU H 102 26.90 7.21 -29.36
CA LEU H 102 27.85 7.79 -28.41
C LEU H 102 27.27 7.90 -27.00
N CYS H 103 26.05 8.43 -26.91
CA CYS H 103 25.40 8.60 -25.62
C CYS H 103 25.35 7.26 -24.86
N ARG H 104 25.06 6.14 -25.54
CA ARG H 104 25.12 4.85 -24.84
C ARG H 104 26.55 4.60 -24.41
N GLU H 105 27.48 4.85 -25.33
CA GLU H 105 28.89 4.58 -25.11
C GLU H 105 29.40 5.25 -23.83
N GLN H 106 28.94 6.47 -23.53
CA GLN H 106 29.41 7.17 -22.31
C GLN H 106 28.46 7.10 -21.08
N ASN H 107 27.45 6.21 -21.15
CA ASN H 107 26.40 6.14 -20.12
C ASN H 107 25.66 7.46 -19.94
N MET H 108 25.07 7.91 -21.03
CA MET H 108 24.16 9.05 -21.03
C MET H 108 22.73 8.49 -21.17
N LEU H 109 21.88 8.84 -20.21
CA LEU H 109 20.55 8.23 -20.06
C LEU H 109 19.46 9.00 -20.79
N SER H 110 19.67 10.30 -20.94
CA SER H 110 18.69 11.17 -21.56
C SER H 110 19.37 12.32 -22.33
N VAL H 111 18.65 12.85 -23.30
CA VAL H 111 19.19 13.94 -24.11
C VAL H 111 18.11 14.99 -24.34
N ARG H 112 18.48 16.27 -24.14
CA ARG H 112 17.59 17.41 -24.35
C ARG H 112 18.04 18.22 -25.56
N LEU H 113 17.11 18.87 -26.22
CA LEU H 113 17.48 19.92 -27.14
C LEU H 113 16.47 21.06 -27.09
N GLU H 114 16.76 22.15 -27.81
CA GLU H 114 15.84 23.29 -27.95
C GLU H 114 15.60 23.51 -29.43
N VAL H 115 14.39 23.88 -29.82
CA VAL H 115 14.08 24.12 -31.24
C VAL H 115 12.93 25.12 -31.52
N ARG H 116 13.07 25.86 -32.63
CA ARG H 116 12.05 26.83 -33.08
C ARG H 116 10.64 26.22 -33.27
N THR H 117 9.60 26.98 -32.90
CA THR H 117 8.20 26.47 -32.84
C THR H 117 7.57 26.39 -34.23
N ASP H 118 8.08 27.23 -35.12
CA ASP H 118 7.64 27.32 -36.50
C ASP H 118 8.40 26.34 -37.41
N ASN H 119 9.40 25.67 -36.85
CA ASN H 119 10.22 24.72 -37.60
C ASN H 119 9.53 23.37 -37.75
N ASP H 120 8.54 23.32 -38.64
CA ASP H 120 7.73 22.11 -38.85
C ASP H 120 8.64 20.95 -39.25
N GLU H 121 9.67 21.25 -40.04
CA GLU H 121 10.61 20.25 -40.56
C GLU H 121 11.38 19.50 -39.48
N ALA H 122 12.21 20.23 -38.72
CA ALA H 122 13.07 19.61 -37.69
C ALA H 122 12.26 18.92 -36.59
N ILE H 123 11.14 19.54 -36.22
CA ILE H 123 10.27 19.00 -35.18
C ILE H 123 9.89 17.57 -35.51
N ARG H 124 9.27 17.39 -36.68
CA ARG H 124 8.88 16.06 -37.16
C ARG H 124 10.11 15.16 -37.10
N PHE H 125 11.24 15.64 -37.62
CA PHE H 125 12.45 14.84 -37.62
C PHE H 125 12.72 14.28 -36.22
N TYR H 126 12.82 15.18 -35.24
CA TYR H 126 13.12 14.77 -33.88
C TYR H 126 12.04 13.84 -33.32
N LYS H 127 10.77 14.16 -33.60
CA LYS H 127 9.66 13.36 -33.09
C LYS H 127 9.84 11.91 -33.52
N LYS H 128 10.10 11.69 -34.79
CA LYS H 128 10.36 10.33 -35.29
C LYS H 128 11.45 9.62 -34.47
N TYR H 129 12.41 10.40 -34.01
CA TYR H 129 13.53 9.87 -33.23
C TYR H 129 13.27 9.80 -31.71
N GLY H 130 12.02 10.03 -31.30
CA GLY H 130 11.60 9.74 -29.92
C GLY H 130 11.50 10.95 -29.04
N PHE H 131 12.03 12.06 -29.51
CA PHE H 131 12.00 13.31 -28.77
C PHE H 131 10.55 13.70 -28.62
N VAL H 132 10.19 14.25 -27.44
CA VAL H 132 8.85 14.79 -27.24
C VAL H 132 8.89 16.17 -26.63
N ILE H 133 7.96 17.06 -27.00
CA ILE H 133 8.02 18.44 -26.53
C ILE H 133 7.69 18.51 -25.03
N THR H 134 8.66 18.96 -24.23
CA THR H 134 8.53 19.02 -22.76
C THR H 134 8.47 20.41 -22.12
N ALA H 135 8.72 21.47 -22.89
CA ALA H 135 8.63 22.81 -22.34
C ALA H 135 8.57 23.82 -23.44
N MET H 136 7.90 24.94 -23.20
CA MET H 136 7.96 26.05 -24.14
C MET H 136 8.83 27.15 -23.56
N LEU H 137 9.61 27.81 -24.40
CA LEU H 137 10.56 28.82 -23.93
C LEU H 137 10.22 30.10 -24.64
N PRO H 138 9.46 30.99 -23.99
CA PRO H 138 8.99 32.13 -24.75
C PRO H 138 10.12 33.12 -25.06
N ASN H 139 10.22 33.47 -26.34
CA ASN H 139 11.24 34.34 -26.87
C ASN H 139 12.69 33.96 -26.55
N TYR H 140 12.99 32.68 -26.79
CA TYR H 140 14.33 32.14 -26.67
C TYR H 140 15.19 32.81 -27.70
N TYR H 141 14.60 33.00 -28.86
CA TYR H 141 15.33 33.39 -30.05
C TYR H 141 15.37 34.89 -30.19
N SER H 142 16.18 35.37 -31.13
CA SER H 142 16.40 36.78 -31.27
C SER H 142 15.11 37.24 -31.88
N ASP H 143 14.50 36.40 -32.69
CA ASP H 143 13.18 36.71 -33.19
C ASP H 143 12.27 36.85 -31.99
N SER H 144 12.65 36.26 -30.88
CA SER H 144 11.78 36.23 -29.72
C SER H 144 10.65 35.36 -30.17
N SER H 145 10.96 34.48 -31.10
CA SER H 145 10.00 33.48 -31.50
C SER H 145 10.26 32.36 -30.53
N ASN H 146 9.22 31.82 -29.92
CA ASN H 146 9.39 30.86 -28.86
C ASN H 146 9.98 29.57 -29.34
N ALA H 147 10.61 28.88 -28.39
CA ALA H 147 11.29 27.60 -28.62
C ALA H 147 10.62 26.46 -27.85
N TYR H 148 11.10 25.26 -28.09
CA TYR H 148 10.50 24.04 -27.55
C TYR H 148 11.63 23.23 -26.95
N THR H 149 11.71 23.08 -25.64
CA THR H 149 12.63 22.10 -25.08
C THR H 149 12.05 20.72 -25.37
N MET H 150 12.72 19.96 -26.24
CA MET H 150 12.36 18.54 -26.52
C MET H 150 13.34 17.58 -25.83
N TRP H 151 12.85 16.35 -25.67
CA TRP H 151 13.47 15.39 -24.79
C TRP H 151 13.15 13.91 -25.09
N ARG H 152 14.15 13.04 -24.93
CA ARG H 152 13.95 11.59 -24.98
C ARG H 152 14.95 10.84 -24.16
N ILE H 153 14.64 9.56 -23.91
CA ILE H 153 15.55 8.68 -23.17
C ILE H 153 16.52 7.91 -24.10
N VAL H 154 17.59 7.37 -23.53
CA VAL H 154 18.45 6.43 -24.22
C VAL H 154 18.68 5.21 -23.29
N LEU H 155 18.83 4.00 -23.88
CA LEU H 155 18.82 2.76 -23.08
C LEU H 155 19.67 1.64 -23.70
N GLU H 156 20.21 0.74 -22.87
CA GLU H 156 21.06 -0.42 -23.32
C GLU H 156 20.74 -0.97 -24.72
N ILE I 6 -7.29 8.99 43.92
CA ILE I 6 -6.29 8.56 44.87
C ILE I 6 -5.02 9.36 44.63
N ASN I 7 -5.15 10.66 44.76
CA ASN I 7 -4.20 11.64 44.22
C ASN I 7 -3.32 12.38 45.21
N ALA I 8 -2.34 13.09 44.67
CA ALA I 8 -1.54 14.00 45.45
C ALA I 8 -2.03 15.39 45.16
N VAL I 9 -2.48 16.07 46.21
CA VAL I 9 -3.04 17.41 46.09
C VAL I 9 -1.92 18.41 46.00
N ALA I 10 -2.17 19.64 45.57
CA ALA I 10 -3.51 20.21 45.32
C ALA I 10 -3.99 20.22 43.83
N GLY I 11 -3.22 20.86 42.95
CA GLY I 11 -3.60 21.12 41.55
C GLY I 11 -3.48 19.96 40.56
N THR I 12 -4.27 20.01 39.48
CA THR I 12 -4.17 19.03 38.38
C THR I 12 -4.29 19.73 37.01
N ILE I 13 -4.26 18.93 35.97
CA ILE I 13 -4.24 19.43 34.62
C ILE I 13 -5.25 18.67 33.81
N ARG I 14 -5.85 19.34 32.85
CA ARG I 14 -6.75 18.67 31.93
C ARG I 14 -6.81 19.38 30.61
N GLU I 15 -7.59 18.81 29.71
CA GLU I 15 -7.81 19.38 28.40
C GLU I 15 -8.85 20.49 28.43
N PHE I 16 -8.53 21.62 27.81
CA PHE I 16 -9.48 22.73 27.70
C PHE I 16 -10.73 22.30 26.94
N SER I 17 -11.84 22.71 27.54
CA SER I 17 -13.17 22.53 27.01
C SER I 17 -13.71 23.93 26.69
N PRO I 18 -14.72 24.02 25.77
CA PRO I 18 -15.38 25.29 25.44
C PRO I 18 -15.94 26.01 26.62
N LYS I 19 -16.29 25.26 27.67
CA LYS I 19 -16.86 25.86 28.87
C LYS I 19 -15.87 26.78 29.56
N ASP I 20 -14.57 26.49 29.43
CA ASP I 20 -13.50 27.21 30.15
C ASP I 20 -13.18 28.57 29.54
N ILE I 21 -13.80 28.84 28.39
CA ILE I 21 -13.46 30.02 27.59
C ILE I 21 -13.39 31.30 28.40
N GLU I 22 -14.40 31.54 29.23
CA GLU I 22 -14.48 32.78 30.00
C GLU I 22 -13.31 32.95 30.98
N SER I 23 -12.94 31.83 31.59
CA SER I 23 -11.82 31.78 32.55
C SER I 23 -10.59 32.12 31.80
N VAL I 24 -10.29 31.29 30.78
CA VAL I 24 -9.08 31.46 29.96
C VAL I 24 -8.97 32.92 29.48
N TYR I 25 -10.08 33.44 28.96
CA TYR I 25 -10.15 34.78 28.44
C TYR I 25 -9.87 35.87 29.49
N ARG I 26 -10.42 35.73 30.69
CA ARG I 26 -10.09 36.66 31.78
C ARG I 26 -8.56 36.74 32.00
N ILE I 27 -7.92 35.57 32.04
CA ILE I 27 -6.49 35.45 32.27
C ILE I 27 -5.70 36.13 31.17
N ALA I 28 -6.15 35.97 29.92
CA ALA I 28 -5.42 36.51 28.79
C ALA I 28 -5.53 38.05 28.73
N GLN I 29 -6.69 38.59 29.07
CA GLN I 29 -6.88 40.04 29.19
C GLN I 29 -5.96 40.58 30.26
N THR I 30 -6.01 40.00 31.47
CA THR I 30 -5.11 40.36 32.56
C THR I 30 -3.63 40.34 32.12
N SER I 31 -3.21 39.21 31.55
CA SER I 31 -1.79 38.83 31.52
C SER I 31 -1.00 39.12 30.24
N LEU I 32 -1.64 39.03 29.08
CA LEU I 32 -0.96 39.18 27.77
C LEU I 32 -1.31 40.48 27.06
N THR I 33 -0.30 41.12 26.46
CA THR I 33 -0.50 42.43 25.88
C THR I 33 -1.22 42.40 24.56
N GLU I 34 -0.98 41.38 23.77
CA GLU I 34 -1.67 41.26 22.51
C GLU I 34 -3.10 40.88 22.85
N TYR I 35 -4.03 41.35 22.05
CA TYR I 35 -5.45 41.17 22.32
C TYR I 35 -6.05 39.99 21.58
N TYR I 36 -6.49 38.97 22.29
CA TYR I 36 -7.07 37.78 21.65
C TYR I 36 -8.54 37.75 21.98
N THR I 37 -9.39 37.48 20.98
CA THR I 37 -10.84 37.46 21.22
C THR I 37 -11.22 36.05 21.54
N GLN I 38 -12.34 35.92 22.24
CA GLN I 38 -12.90 34.62 22.55
C GLN I 38 -13.21 33.79 21.33
N ALA I 39 -13.57 34.44 20.24
CA ALA I 39 -13.80 33.71 19.01
C ALA I 39 -12.49 33.08 18.59
N LEU I 40 -11.42 33.89 18.64
CA LEU I 40 -10.14 33.49 18.08
C LEU I 40 -9.61 32.28 18.81
N ILE I 41 -9.76 32.32 20.14
CA ILE I 41 -9.25 31.28 21.02
C ILE I 41 -9.93 29.92 20.77
N LEU I 42 -11.23 29.96 20.48
CA LEU I 42 -11.96 28.73 20.26
C LEU I 42 -11.53 28.14 18.93
N ASP I 43 -11.02 28.98 18.02
CA ASP I 43 -10.44 28.51 16.76
C ASP I 43 -9.13 27.82 17.00
N LEU I 44 -8.15 28.53 17.63
CA LEU I 44 -6.85 27.93 18.03
C LEU I 44 -7.05 26.55 18.59
N HIS I 45 -8.14 26.45 19.36
CA HIS I 45 -8.56 25.22 19.98
C HIS I 45 -8.92 24.15 18.95
N ARG I 46 -9.68 24.51 17.94
CA ARG I 46 -10.02 23.53 16.91
C ARG I 46 -8.78 23.02 16.16
N GLU I 47 -7.76 23.88 16.02
CA GLU I 47 -6.58 23.57 15.21
C GLU I 47 -5.78 22.41 15.76
N TRP I 48 -5.45 22.46 17.04
CA TRP I 48 -4.76 21.33 17.68
C TRP I 48 -5.29 21.11 19.06
N PRO I 49 -6.44 20.43 19.16
CA PRO I 49 -7.15 20.56 20.43
C PRO I 49 -6.43 20.04 21.66
N GLU I 50 -5.72 18.93 21.54
CA GLU I 50 -5.07 18.32 22.72
C GLU I 50 -3.96 19.23 23.24
N SER I 51 -3.47 20.09 22.36
CA SER I 51 -2.48 21.11 22.66
C SER I 51 -2.97 22.04 23.76
N PHE I 52 -4.27 22.37 23.73
CA PHE I 52 -4.90 23.33 24.64
C PHE I 52 -5.18 22.65 25.95
N MET I 53 -4.53 23.11 27.02
CA MET I 53 -4.54 22.43 28.31
C MET I 53 -4.66 23.42 29.44
N VAL I 54 -5.34 23.00 30.49
CA VAL I 54 -5.72 23.91 31.53
C VAL I 54 -5.21 23.38 32.81
N TYR I 55 -4.74 24.28 33.66
CA TYR I 55 -4.38 23.91 35.01
C TYR I 55 -5.46 24.37 35.95
N THR I 56 -5.97 23.44 36.77
CA THR I 56 -7.10 23.72 37.62
C THR I 56 -6.75 23.52 39.07
N VAL I 57 -7.15 24.48 39.88
CA VAL I 57 -7.01 24.38 41.31
C VAL I 57 -8.40 24.42 41.88
N ALA I 58 -8.81 23.35 42.54
CA ALA I 58 -10.15 23.31 43.08
C ALA I 58 -11.19 23.34 41.99
N GLY I 59 -10.85 22.83 40.83
CA GLY I 59 -11.79 22.81 39.73
C GLY I 59 -11.81 24.14 39.02
N SER I 60 -11.00 25.07 39.48
CA SER I 60 -10.95 26.39 38.89
C SER I 60 -9.78 26.52 37.97
N VAL I 61 -9.97 27.26 36.90
CA VAL I 61 -8.90 27.44 35.91
C VAL I 61 -8.01 28.57 36.45
N VAL I 62 -6.73 28.25 36.60
CA VAL I 62 -5.77 29.25 37.07
C VAL I 62 -4.67 29.51 36.05
N GLY I 63 -4.66 28.71 34.98
CA GLY I 63 -3.64 28.84 33.94
C GLY I 63 -3.83 27.93 32.75
N PHE I 64 -3.28 28.32 31.62
CA PHE I 64 -3.51 27.57 30.39
C PHE I 64 -2.34 27.70 29.38
N ILE I 65 -2.30 26.74 28.46
CA ILE I 65 -1.38 26.73 27.35
C ILE I 65 -2.01 26.04 26.13
N VAL I 66 -1.75 26.61 24.97
CA VAL I 66 -2.32 26.10 23.72
C VAL I 66 -1.25 26.26 22.66
N GLY I 67 -1.17 25.28 21.76
CA GLY I 67 -0.15 25.29 20.74
C GLY I 67 -0.67 25.03 19.35
N SER I 68 0.27 24.81 18.45
CA SER I 68 -0.03 24.48 17.06
C SER I 68 1.13 23.70 16.43
N LYS I 69 0.99 23.36 15.17
CA LYS I 69 2.04 22.68 14.42
C LYS I 69 2.51 23.70 13.43
N TYR I 70 3.82 23.91 13.37
CA TYR I 70 4.43 24.77 12.37
C TYR I 70 4.69 23.87 11.18
N SER I 71 5.34 22.73 11.44
CA SER I 71 5.59 21.70 10.45
C SER I 71 5.31 20.36 11.12
N ARG I 72 5.21 19.30 10.33
CA ARG I 72 4.98 17.94 10.86
C ARG I 72 5.83 17.64 12.12
N THR I 73 7.00 18.28 12.20
CA THR I 73 7.97 18.06 13.26
C THR I 73 7.94 19.16 14.33
N GLU I 74 7.78 20.41 13.91
CA GLU I 74 7.97 21.55 14.80
C GLU I 74 6.64 22.01 15.38
N ALA I 75 6.54 22.03 16.71
CA ALA I 75 5.37 22.56 17.41
C ALA I 75 5.59 24.01 17.65
N ARG I 76 4.54 24.66 18.16
CA ARG I 76 4.55 26.10 18.37
C ARG I 76 3.66 26.50 19.54
N ILE I 77 3.97 27.61 20.16
CA ILE I 77 3.29 28.03 21.37
C ILE I 77 2.58 29.35 21.16
N LEU I 78 1.27 29.25 20.97
CA LEU I 78 0.43 30.40 20.64
C LEU I 78 0.01 31.23 21.83
N LEU I 79 -0.31 30.62 22.96
CA LEU I 79 -0.61 31.38 24.16
C LEU I 79 -0.18 30.63 25.38
N PHE I 80 0.29 31.32 26.40
CA PHE I 80 0.66 30.65 27.63
C PHE I 80 0.57 31.64 28.76
N ALA I 81 -0.30 31.41 29.75
CA ALA I 81 -0.43 32.38 30.84
C ALA I 81 -0.99 31.79 32.10
N VAL I 82 -0.79 32.47 33.22
CA VAL I 82 -1.25 32.02 34.53
C VAL I 82 -1.92 33.14 35.31
N ASP I 83 -2.86 32.81 36.17
CA ASP I 83 -3.55 33.85 36.89
C ASP I 83 -2.52 34.59 37.72
N GLU I 84 -2.65 35.89 37.79
CA GLU I 84 -1.64 36.70 38.40
C GLU I 84 -1.50 36.23 39.82
N ARG I 85 -2.62 35.86 40.40
CA ARG I 85 -2.63 35.38 41.77
C ARG I 85 -1.84 34.11 41.88
N PHE I 86 -1.92 33.24 40.89
CA PHE I 86 -1.31 31.93 41.03
C PHE I 86 0.12 31.76 40.57
N ARG I 87 0.73 32.80 40.05
CA ARG I 87 2.16 32.86 39.95
C ARG I 87 2.56 33.15 41.38
N ARG I 88 3.81 32.96 41.74
CA ARG I 88 4.84 32.65 40.80
C ARG I 88 5.35 31.26 41.03
N MET I 89 4.66 30.50 41.87
CA MET I 89 5.15 29.18 42.17
C MET I 89 4.22 28.07 41.80
N GLY I 90 4.65 27.23 40.87
CA GLY I 90 3.92 26.03 40.57
C GLY I 90 3.55 25.78 39.12
N VAL I 91 2.51 26.48 38.68
CA VAL I 91 1.76 26.05 37.53
C VAL I 91 2.40 26.02 36.15
N GLY I 92 3.08 27.08 35.75
CA GLY I 92 3.54 27.17 34.39
C GLY I 92 4.53 26.08 34.12
N SER I 93 5.46 25.93 35.04
CA SER I 93 6.37 24.81 34.96
C SER I 93 5.54 23.55 34.75
N ALA I 94 4.47 23.41 35.53
CA ALA I 94 3.55 22.27 35.39
C ALA I 94 2.91 22.07 34.00
N LEU I 95 2.55 23.17 33.31
CA LEU I 95 1.96 23.15 31.94
C LEU I 95 3.02 22.88 30.86
N MET I 96 4.03 23.73 30.83
CA MET I 96 5.12 23.59 29.87
C MET I 96 5.57 22.14 29.74
N ASP I 97 5.89 21.46 30.84
CA ASP I 97 6.29 20.02 30.69
C ASP I 97 5.12 19.13 30.33
N ALA I 98 3.91 19.51 30.72
CA ALA I 98 2.72 18.83 30.22
C ALA I 98 2.60 18.98 28.69
N PHE I 99 3.04 20.14 28.19
CA PHE I 99 3.00 20.46 26.77
C PHE I 99 4.10 19.76 26.02
N LEU I 100 5.26 19.56 26.67
CA LEU I 100 6.41 18.84 26.03
C LEU I 100 6.12 17.37 25.94
N SER I 101 5.64 16.76 27.03
CA SER I 101 5.17 15.37 27.00
C SER I 101 4.25 15.06 25.83
N LEU I 102 3.51 16.07 25.36
CA LEU I 102 2.56 15.90 24.25
C LEU I 102 3.26 15.96 22.93
N CYS I 103 4.31 16.77 22.90
CA CYS I 103 5.22 16.77 21.78
C CYS I 103 5.92 15.37 21.68
N ARG I 104 6.24 14.78 22.82
CA ARG I 104 6.87 13.48 22.81
C ARG I 104 5.90 12.38 22.34
N GLU I 105 4.74 12.32 22.97
CA GLU I 105 3.67 11.37 22.64
C GLU I 105 3.21 11.45 21.16
N GLN I 106 3.47 12.57 20.50
CA GLN I 106 3.07 12.73 19.11
C GLN I 106 4.26 12.95 18.20
N ASN I 107 5.46 12.74 18.73
CA ASN I 107 6.69 12.79 17.92
C ASN I 107 6.87 14.12 17.17
N MET I 108 6.67 15.22 17.88
CA MET I 108 7.16 16.52 17.46
C MET I 108 8.59 16.59 17.98
N LEU I 109 9.44 17.32 17.28
CA LEU I 109 10.89 17.26 17.49
C LEU I 109 11.47 18.52 18.13
N SER I 110 10.90 19.68 17.79
CA SER I 110 11.30 20.96 18.41
C SER I 110 10.08 21.84 18.72
N VAL I 111 10.27 22.87 19.53
CA VAL I 111 9.21 23.80 19.81
C VAL I 111 9.69 25.22 19.73
N ARG I 112 8.92 26.05 19.03
CA ARG I 112 9.26 27.44 18.82
C ARG I 112 8.18 28.33 19.44
N LEU I 113 8.57 29.57 19.71
CA LEU I 113 7.66 30.55 20.24
C LEU I 113 8.21 31.93 20.02
N GLU I 114 7.37 32.93 20.26
CA GLU I 114 7.73 34.33 20.05
C GLU I 114 7.36 35.02 21.35
N VAL I 115 8.13 36.03 21.73
CA VAL I 115 7.89 36.70 23.00
C VAL I 115 8.30 38.16 22.91
N ARG I 116 7.57 39.04 23.55
CA ARG I 116 7.86 40.43 23.36
C ARG I 116 9.26 40.47 23.84
N THR I 117 10.08 41.32 23.24
CA THR I 117 11.47 41.40 23.63
C THR I 117 11.55 41.87 25.06
N ASP I 118 10.52 42.60 25.47
CA ASP I 118 10.44 43.18 26.78
C ASP I 118 10.40 42.20 27.92
N ASN I 119 9.72 41.09 27.75
CA ASN I 119 9.17 40.39 28.88
C ASN I 119 10.23 39.62 29.64
N ASP I 120 10.65 40.19 30.76
CA ASP I 120 11.74 39.69 31.58
C ASP I 120 11.54 38.36 32.25
N GLU I 121 10.38 38.11 32.81
CA GLU I 121 10.15 36.82 33.45
C GLU I 121 9.89 35.71 32.45
N ALA I 122 9.10 36.01 31.44
CA ALA I 122 8.76 34.99 30.47
C ALA I 122 10.04 34.44 29.85
N ILE I 123 10.89 35.35 29.38
CA ILE I 123 12.21 34.99 28.84
C ILE I 123 12.98 34.12 29.82
N ARG I 124 13.13 34.67 31.04
CA ARG I 124 13.77 34.00 32.14
C ARG I 124 13.13 32.66 32.33
N PHE I 125 11.80 32.60 32.25
CA PHE I 125 11.07 31.35 32.42
C PHE I 125 11.42 30.34 31.30
N TYR I 126 11.50 30.83 30.08
CA TYR I 126 11.76 29.93 28.97
C TYR I 126 13.20 29.45 29.02
N LYS I 127 14.10 30.38 29.39
CA LYS I 127 15.51 30.08 29.46
C LYS I 127 15.79 28.99 30.50
N LYS I 128 15.11 29.05 31.64
CA LYS I 128 15.19 27.97 32.63
C LYS I 128 14.82 26.68 31.97
N TYR I 129 14.07 26.75 30.88
CA TYR I 129 13.54 25.57 30.21
C TYR I 129 14.34 25.09 29.01
N GLY I 130 15.49 25.70 28.79
CA GLY I 130 16.39 25.26 27.72
C GLY I 130 16.17 26.00 26.42
N PHE I 131 15.25 26.98 26.45
CA PHE I 131 14.95 27.79 25.27
C PHE I 131 16.07 28.80 25.06
N VAL I 132 16.32 29.17 23.81
CA VAL I 132 17.34 30.18 23.51
C VAL I 132 16.86 31.09 22.38
N ILE I 133 17.18 32.38 22.45
CA ILE I 133 16.76 33.28 21.39
C ILE I 133 17.51 33.00 20.05
N THR I 134 16.76 33.02 18.95
CA THR I 134 17.29 32.69 17.62
C THR I 134 16.95 33.72 16.54
N ALA I 135 16.23 34.77 16.90
CA ALA I 135 15.88 35.82 15.92
C ALA I 135 15.32 37.01 16.63
N MET I 136 15.29 38.12 15.93
CA MET I 136 14.57 39.28 16.38
C MET I 136 13.66 39.55 15.21
N LEU I 137 12.36 39.57 15.46
CA LEU I 137 11.39 39.77 14.38
C LEU I 137 11.00 41.23 14.38
N PRO I 138 11.25 41.94 13.31
CA PRO I 138 11.18 43.39 13.39
C PRO I 138 9.75 43.84 13.40
N ASN I 139 9.40 44.69 14.36
CA ASN I 139 8.06 45.27 14.41
C ASN I 139 7.04 44.19 14.23
N TYR I 140 7.17 43.20 15.10
CA TYR I 140 6.42 41.96 14.95
C TYR I 140 4.96 42.14 15.29
N TYR I 141 4.75 42.88 16.37
CA TYR I 141 3.47 42.99 17.00
C TYR I 141 2.56 44.02 16.37
N SER I 142 1.34 44.06 16.86
CA SER I 142 0.35 44.99 16.38
C SER I 142 0.91 46.38 16.64
N ASP I 143 1.66 46.53 17.72
CA ASP I 143 2.33 47.78 18.01
C ASP I 143 3.38 48.06 16.96
N SER I 144 3.81 47.01 16.27
CA SER I 144 4.95 47.12 15.37
C SER I 144 6.24 47.00 16.16
N SER I 145 6.11 46.76 17.46
CA SER I 145 7.23 46.53 18.35
C SER I 145 7.80 45.17 18.05
N ASN I 146 9.05 44.99 18.40
CA ASN I 146 9.74 43.75 18.07
C ASN I 146 9.61 42.60 19.06
N ALA I 147 10.00 41.43 18.57
CA ALA I 147 9.87 40.10 19.17
C ALA I 147 11.06 39.21 18.94
N TYR I 148 11.46 38.46 19.96
CA TYR I 148 12.48 37.45 19.80
C TYR I 148 11.78 36.20 19.40
N THR I 149 12.39 35.38 18.56
CA THR I 149 11.93 34.01 18.43
C THR I 149 12.81 33.10 19.25
N MET I 150 12.19 32.32 20.11
CA MET I 150 12.87 31.34 20.94
C MET I 150 12.59 29.90 20.48
N TRP I 151 13.53 29.01 20.78
CA TRP I 151 13.53 27.69 20.22
C TRP I 151 14.24 26.73 21.13
N ARG I 152 13.73 25.51 21.16
CA ARG I 152 14.40 24.44 21.87
C ARG I 152 14.18 23.13 21.20
N ILE I 153 15.02 22.18 21.53
CA ILE I 153 14.90 20.87 20.95
C ILE I 153 14.15 20.06 21.99
N VAL I 154 13.25 19.19 21.53
CA VAL I 154 12.36 18.48 22.44
C VAL I 154 13.07 17.40 23.26
N LEU I 155 14.04 16.73 22.65
CA LEU I 155 14.60 15.49 23.18
C LEU I 155 15.69 15.76 24.17
N GLU I 156 15.70 15.04 25.29
CA GLU I 156 16.75 15.17 26.30
C GLU I 156 17.41 13.83 26.69
N HIS I 157 18.69 13.94 27.05
CA HIS I 157 19.46 12.81 27.57
C HIS I 157 20.07 13.21 28.92
N HIS I 158 20.08 12.29 29.88
CA HIS I 158 20.63 12.56 31.21
C HIS I 158 21.70 11.53 31.58
N HIS I 159 22.96 11.98 31.53
CA HIS I 159 24.13 11.13 31.76
C HIS I 159 24.38 10.95 33.26
N VAL J 9 -24.18 -7.58 52.28
CA VAL J 9 -24.55 -6.65 51.16
C VAL J 9 -25.50 -7.42 50.23
N ALA J 10 -26.77 -7.06 50.24
CA ALA J 10 -27.20 -5.84 50.90
C ALA J 10 -26.56 -4.60 50.32
N GLY J 11 -26.73 -4.41 49.02
CA GLY J 11 -26.16 -3.29 48.29
C GLY J 11 -27.11 -2.19 47.83
N THR J 12 -26.66 -0.95 47.98
CA THR J 12 -27.35 0.23 47.50
C THR J 12 -26.35 1.12 46.80
N ILE J 13 -26.76 1.89 45.81
CA ILE J 13 -25.78 2.74 45.15
C ILE J 13 -26.45 4.01 44.65
N ARG J 14 -26.00 5.16 45.14
CA ARG J 14 -26.68 6.43 44.89
C ARG J 14 -25.70 7.58 44.77
N GLU J 15 -26.14 8.67 44.14
CA GLU J 15 -25.28 9.84 44.03
C GLU J 15 -24.98 10.43 45.39
N PHE J 16 -23.78 10.96 45.52
CA PHE J 16 -23.31 11.59 46.75
C PHE J 16 -24.06 12.89 46.96
N SER J 17 -24.46 13.13 48.21
CA SER J 17 -24.99 14.44 48.64
C SER J 17 -23.96 15.09 49.52
N PRO J 18 -23.89 16.42 49.51
CA PRO J 18 -23.00 17.15 50.43
C PRO J 18 -23.25 16.83 51.92
N LYS J 19 -24.47 16.41 52.23
CA LYS J 19 -24.82 15.94 53.57
C LYS J 19 -24.04 14.66 53.97
N ASP J 20 -23.51 13.94 52.99
CA ASP J 20 -22.71 12.74 53.25
C ASP J 20 -21.28 13.08 53.64
N ILE J 21 -20.92 14.36 53.64
CA ILE J 21 -19.51 14.73 53.71
C ILE J 21 -18.79 14.13 54.96
N GLU J 22 -19.47 14.11 56.11
CA GLU J 22 -18.85 13.69 57.39
C GLU J 22 -18.41 12.22 57.36
N SER J 23 -19.21 11.37 56.72
CA SER J 23 -18.94 9.94 56.70
C SER J 23 -17.90 9.57 55.64
N VAL J 24 -17.83 10.38 54.59
CA VAL J 24 -16.88 10.15 53.50
C VAL J 24 -15.53 10.73 53.93
N TYR J 25 -15.54 11.77 54.75
CA TYR J 25 -14.31 12.26 55.34
C TYR J 25 -13.70 11.23 56.29
N ARG J 26 -14.54 10.44 56.93
CA ARG J 26 -14.08 9.35 57.80
C ARG J 26 -13.41 8.28 56.95
N ILE J 27 -14.17 7.71 56.01
CA ILE J 27 -13.66 6.62 55.16
C ILE J 27 -12.38 7.00 54.40
N ALA J 28 -12.26 8.27 54.05
CA ALA J 28 -11.08 8.80 53.38
C ALA J 28 -9.84 8.97 54.29
N GLN J 29 -9.95 8.65 55.57
CA GLN J 29 -8.75 8.61 56.38
C GLN J 29 -8.46 7.20 56.89
N THR J 30 -9.48 6.50 57.37
CA THR J 30 -9.30 5.13 57.81
C THR J 30 -8.71 4.27 56.67
N SER J 31 -9.13 4.53 55.44
CA SER J 31 -8.74 3.68 54.31
C SER J 31 -7.61 4.26 53.45
N LEU J 32 -7.57 5.57 53.27
CA LEU J 32 -6.54 6.17 52.42
C LEU J 32 -5.40 6.75 53.24
N THR J 33 -4.19 6.46 52.78
CA THR J 33 -2.97 6.89 53.45
C THR J 33 -2.79 8.41 53.35
N GLU J 34 -3.10 8.98 52.18
CA GLU J 34 -3.04 10.41 52.00
C GLU J 34 -4.19 11.07 52.77
N TYR J 35 -4.03 12.36 53.08
CA TYR J 35 -5.00 13.11 53.88
C TYR J 35 -5.84 14.07 53.03
N TYR J 36 -7.13 13.77 52.92
CA TYR J 36 -8.08 14.54 52.08
C TYR J 36 -9.11 15.28 52.93
N THR J 37 -9.00 16.60 52.97
CA THR J 37 -9.89 17.40 53.83
C THR J 37 -11.34 17.34 53.37
N GLN J 38 -12.24 17.81 54.23
CA GLN J 38 -13.65 17.86 53.90
C GLN J 38 -13.88 18.81 52.74
N ALA J 39 -13.19 19.96 52.78
CA ALA J 39 -13.42 21.02 51.80
C ALA J 39 -12.97 20.60 50.40
N LEU J 40 -11.82 19.90 50.39
CA LEU J 40 -11.16 19.39 49.17
C LEU J 40 -12.04 18.36 48.48
N ILE J 41 -12.60 17.42 49.24
CA ILE J 41 -13.58 16.46 48.72
C ILE J 41 -14.78 17.18 48.12
N LEU J 42 -15.29 18.18 48.82
CA LEU J 42 -16.49 18.86 48.35
C LEU J 42 -16.28 19.62 47.05
N ASP J 43 -15.05 20.10 46.85
CA ASP J 43 -14.66 20.71 45.57
C ASP J 43 -14.50 19.72 44.44
N LEU J 44 -14.01 18.53 44.77
CA LEU J 44 -13.93 17.45 43.78
C LEU J 44 -15.31 17.13 43.26
N HIS J 45 -16.27 17.11 44.18
CA HIS J 45 -17.65 16.94 43.79
C HIS J 45 -17.98 17.79 42.56
N ARG J 46 -17.53 19.04 42.54
CA ARG J 46 -17.88 19.97 41.48
C ARG J 46 -17.70 19.40 40.06
N GLU J 47 -16.52 18.87 39.78
CA GLU J 47 -16.10 18.62 38.40
C GLU J 47 -17.08 17.75 37.67
N TRP J 48 -17.37 16.59 38.21
CA TRP J 48 -18.27 15.67 37.55
C TRP J 48 -19.15 14.99 38.60
N PRO J 49 -20.18 15.72 39.11
CA PRO J 49 -20.84 15.19 40.28
C PRO J 49 -21.58 13.90 40.05
N GLU J 50 -22.21 13.76 38.90
CA GLU J 50 -22.94 12.52 38.66
C GLU J 50 -22.08 11.33 38.99
N SER J 51 -20.78 11.47 38.73
CA SER J 51 -19.79 10.39 38.89
C SER J 51 -19.36 10.14 40.33
N PHE J 52 -19.91 10.93 41.25
CA PHE J 52 -19.57 10.86 42.65
C PHE J 52 -20.64 10.02 43.31
N MET J 53 -20.33 8.76 43.58
CA MET J 53 -21.32 7.80 44.03
C MET J 53 -20.92 7.12 45.30
N VAL J 54 -21.93 6.86 46.14
CA VAL J 54 -21.78 6.20 47.42
C VAL J 54 -22.48 4.86 47.35
N TYR J 55 -21.84 3.86 47.96
CA TYR J 55 -22.47 2.56 48.17
C TYR J 55 -22.91 2.50 49.61
N THR J 56 -24.22 2.46 49.87
CA THR J 56 -24.70 2.43 51.25
C THR J 56 -25.37 1.10 51.69
N VAL J 57 -25.14 0.75 52.96
CA VAL J 57 -25.59 -0.51 53.51
C VAL J 57 -26.19 -0.24 54.90
N ALA J 58 -27.46 -0.61 55.08
CA ALA J 58 -28.22 -0.34 56.30
C ALA J 58 -28.55 1.14 56.48
N GLY J 59 -28.60 1.88 55.37
CA GLY J 59 -28.78 3.33 55.40
C GLY J 59 -27.59 4.12 55.92
N SER J 60 -26.42 3.48 56.05
CA SER J 60 -25.17 4.13 56.51
C SER J 60 -24.09 3.94 55.43
N VAL J 61 -23.30 4.98 55.17
CA VAL J 61 -22.37 4.98 54.02
C VAL J 61 -21.13 4.11 54.29
N VAL J 62 -20.88 3.13 53.43
CA VAL J 62 -19.73 2.23 53.58
C VAL J 62 -18.67 2.32 52.45
N GLY J 63 -18.97 3.04 51.38
CA GLY J 63 -18.04 3.19 50.26
C GLY J 63 -18.36 4.34 49.33
N PHE J 64 -17.38 4.80 48.57
CA PHE J 64 -17.59 5.90 47.64
C PHE J 64 -16.58 5.91 46.51
N ILE J 65 -16.88 6.63 45.45
CA ILE J 65 -15.91 6.81 44.39
C ILE J 65 -16.20 8.09 43.63
N VAL J 66 -15.18 8.79 43.17
CA VAL J 66 -15.41 10.00 42.39
C VAL J 66 -14.67 9.98 41.08
N GLY J 67 -15.12 10.79 40.14
CA GLY J 67 -14.60 10.76 38.79
C GLY J 67 -14.60 12.17 38.30
N SER J 68 -13.81 12.43 37.27
CA SER J 68 -13.73 13.73 36.66
C SER J 68 -13.24 13.49 35.28
N LYS J 69 -13.37 14.47 34.42
CA LYS J 69 -13.03 14.24 33.00
C LYS J 69 -11.79 14.99 32.58
N TYR J 70 -10.78 14.29 32.11
CA TYR J 70 -9.61 14.90 31.53
C TYR J 70 -9.97 15.63 30.26
N SER J 71 -10.88 15.03 29.52
CA SER J 71 -11.26 15.48 28.20
C SER J 71 -12.64 14.95 27.93
N ARG J 72 -13.27 15.40 26.86
CA ARG J 72 -14.67 15.11 26.66
C ARG J 72 -14.86 13.61 26.63
N THR J 73 -13.93 12.90 26.02
CA THR J 73 -14.01 11.45 25.98
C THR J 73 -13.05 10.67 26.85
N GLU J 74 -12.32 11.33 27.75
CA GLU J 74 -11.45 10.61 28.64
C GLU J 74 -11.85 10.84 30.06
N ALA J 75 -12.29 9.78 30.74
CA ALA J 75 -12.77 9.89 32.11
C ALA J 75 -11.62 9.56 33.05
N ARG J 76 -11.77 10.01 34.28
CA ARG J 76 -10.77 9.86 35.33
C ARG J 76 -11.46 9.52 36.62
N ILE J 77 -10.97 8.53 37.36
CA ILE J 77 -11.55 8.26 38.66
C ILE J 77 -10.62 8.90 39.69
N LEU J 78 -11.04 10.02 40.25
CA LEU J 78 -10.18 10.77 41.11
C LEU J 78 -9.84 9.77 42.16
N LEU J 79 -10.83 9.41 42.95
CA LEU J 79 -10.55 8.52 44.04
C LEU J 79 -11.71 7.66 44.45
N PHE J 80 -11.40 6.55 45.07
CA PHE J 80 -12.45 5.77 45.65
C PHE J 80 -11.89 4.80 46.66
N ALA J 81 -12.70 4.48 47.65
CA ALA J 81 -12.31 3.61 48.73
C ALA J 81 -13.51 2.99 49.43
N VAL J 82 -13.25 1.93 50.19
CA VAL J 82 -14.31 1.19 50.85
C VAL J 82 -14.01 1.04 52.31
N ASP J 83 -15.05 0.83 53.12
CA ASP J 83 -14.86 0.84 54.55
C ASP J 83 -13.99 -0.33 54.97
N GLU J 84 -13.14 -0.06 55.97
CA GLU J 84 -12.32 -1.10 56.58
C GLU J 84 -13.15 -2.35 56.91
N ARG J 85 -14.37 -2.14 57.44
CA ARG J 85 -15.22 -3.22 57.95
C ARG J 85 -16.08 -3.92 56.89
N PHE J 86 -15.85 -3.61 55.61
CA PHE J 86 -16.69 -4.17 54.56
C PHE J 86 -15.88 -4.66 53.36
N ARG J 87 -14.61 -5.02 53.58
CA ARG J 87 -13.74 -5.52 52.48
C ARG J 87 -14.38 -6.65 51.64
N ARG J 88 -15.37 -7.30 52.20
CA ARG J 88 -16.23 -8.21 51.49
C ARG J 88 -17.65 -7.82 51.98
N MET J 89 -18.70 -8.03 51.19
CA MET J 89 -18.60 -8.60 49.86
C MET J 89 -18.71 -7.51 48.80
N GLY J 90 -17.61 -7.33 48.07
CA GLY J 90 -17.59 -6.57 46.81
C GLY J 90 -18.38 -5.27 46.72
N VAL J 91 -18.18 -4.39 47.70
CA VAL J 91 -18.66 -3.01 47.62
C VAL J 91 -17.97 -2.34 46.46
N GLY J 92 -16.62 -2.39 46.49
CA GLY J 92 -15.78 -1.78 45.46
C GLY J 92 -16.13 -2.26 44.08
N SER J 93 -16.19 -3.58 43.93
CA SER J 93 -16.64 -4.21 42.68
C SER J 93 -17.87 -3.52 42.08
N ALA J 94 -18.87 -3.27 42.91
CA ALA J 94 -20.13 -2.71 42.44
C ALA J 94 -20.01 -1.23 42.12
N LEU J 95 -19.31 -0.50 42.97
CA LEU J 95 -18.96 0.92 42.72
C LEU J 95 -18.27 1.10 41.36
N MET J 96 -17.22 0.30 41.14
CA MET J 96 -16.48 0.30 39.89
C MET J 96 -17.41 -0.03 38.73
N ASP J 97 -18.23 -1.06 38.89
CA ASP J 97 -19.19 -1.40 37.85
C ASP J 97 -20.11 -0.21 37.55
N ALA J 98 -20.47 0.54 38.58
CA ALA J 98 -21.40 1.63 38.41
C ALA J 98 -20.73 2.75 37.67
N PHE J 99 -19.44 2.94 37.95
CA PHE J 99 -18.68 4.05 37.40
C PHE J 99 -18.52 3.80 35.91
N LEU J 100 -18.10 2.58 35.56
CA LEU J 100 -18.06 2.18 34.16
C LEU J 100 -19.44 2.42 33.45
N SER J 101 -20.51 1.85 34.00
CA SER J 101 -21.87 2.09 33.49
C SER J 101 -22.08 3.56 33.13
N LEU J 102 -21.62 4.46 34.01
CA LEU J 102 -21.75 5.88 33.77
C LEU J 102 -20.87 6.34 32.60
N CYS J 103 -19.68 5.76 32.49
CA CYS J 103 -18.76 6.10 31.41
C CYS J 103 -19.31 5.66 30.06
N ARG J 104 -19.86 4.45 30.02
CA ARG J 104 -20.51 3.94 28.81
C ARG J 104 -21.60 4.92 28.40
N GLU J 105 -22.46 5.29 29.35
CA GLU J 105 -23.68 6.07 29.10
C GLU J 105 -23.36 7.46 28.55
N GLN J 106 -22.40 8.17 29.17
CA GLN J 106 -21.99 9.53 28.72
C GLN J 106 -20.85 9.57 27.67
N ASN J 107 -20.59 8.42 27.05
CA ASN J 107 -19.69 8.32 25.90
C ASN J 107 -18.25 8.70 26.19
N MET J 108 -17.81 8.32 27.39
CA MET J 108 -16.40 8.33 27.70
C MET J 108 -15.84 7.02 27.14
N LEU J 109 -14.71 7.13 26.46
CA LEU J 109 -14.14 5.98 25.82
C LEU J 109 -13.07 5.33 26.67
N SER J 110 -12.34 6.10 27.46
CA SER J 110 -11.19 5.56 28.17
C SER J 110 -11.24 6.05 29.58
N VAL J 111 -10.63 5.31 30.51
CA VAL J 111 -10.62 5.70 31.92
C VAL J 111 -9.26 5.47 32.57
N ARG J 112 -8.69 6.53 33.16
CA ARG J 112 -7.39 6.49 33.84
C ARG J 112 -7.46 6.68 35.34
N LEU J 113 -6.44 6.18 36.05
CA LEU J 113 -6.32 6.41 37.48
C LEU J 113 -4.89 6.25 37.97
N GLU J 114 -4.67 6.78 39.18
CA GLU J 114 -3.38 6.77 39.86
C GLU J 114 -3.43 5.76 41.01
N VAL J 115 -2.31 5.11 41.31
CA VAL J 115 -2.25 4.18 42.43
C VAL J 115 -0.84 4.06 43.03
N ARG J 116 -0.73 3.85 44.35
CA ARG J 116 0.57 3.57 45.00
C ARG J 116 1.13 2.27 44.42
N THR J 117 2.45 2.22 44.23
CA THR J 117 3.09 1.13 43.48
C THR J 117 3.15 -0.15 44.31
N ASP J 118 3.23 0.02 45.62
CA ASP J 118 3.24 -1.11 46.53
C ASP J 118 1.85 -1.63 46.88
N ASN J 119 0.81 -0.90 46.50
CA ASN J 119 -0.55 -1.32 46.79
C ASN J 119 -0.99 -2.46 45.86
N ASP J 120 -0.66 -3.68 46.27
CA ASP J 120 -1.04 -4.88 45.53
C ASP J 120 -2.53 -5.10 45.58
N GLU J 121 -3.14 -4.81 46.73
CA GLU J 121 -4.57 -5.02 46.95
C GLU J 121 -5.33 -4.36 45.82
N ALA J 122 -5.03 -3.10 45.60
CA ALA J 122 -5.68 -2.30 44.58
C ALA J 122 -5.24 -2.68 43.18
N ILE J 123 -3.95 -2.89 42.99
CA ILE J 123 -3.45 -3.15 41.67
C ILE J 123 -4.05 -4.44 41.11
N ARG J 124 -4.19 -5.50 41.93
CA ARG J 124 -4.81 -6.73 41.43
C ARG J 124 -6.28 -6.49 41.14
N PHE J 125 -6.96 -5.75 42.01
CA PHE J 125 -8.37 -5.39 41.78
C PHE J 125 -8.55 -4.68 40.44
N TYR J 126 -7.82 -3.59 40.24
CA TYR J 126 -7.89 -2.86 38.98
C TYR J 126 -7.62 -3.76 37.77
N LYS J 127 -6.53 -4.54 37.85
CA LYS J 127 -6.16 -5.44 36.76
C LYS J 127 -7.24 -6.48 36.52
N LYS J 128 -8.03 -6.78 37.54
CA LYS J 128 -9.24 -7.61 37.37
C LYS J 128 -10.23 -6.96 36.39
N TYR J 129 -10.37 -5.63 36.50
CA TYR J 129 -11.28 -4.84 35.64
C TYR J 129 -10.63 -4.31 34.35
N GLY J 130 -9.46 -4.85 33.97
CA GLY J 130 -8.83 -4.56 32.69
C GLY J 130 -7.93 -3.33 32.66
N PHE J 131 -7.63 -2.79 33.83
CA PHE J 131 -6.76 -1.66 33.90
C PHE J 131 -5.31 -2.09 33.73
N VAL J 132 -4.63 -1.42 32.83
CA VAL J 132 -3.27 -1.77 32.48
C VAL J 132 -2.37 -0.63 32.93
N ILE J 133 -1.14 -0.95 33.31
CA ILE J 133 -0.17 0.09 33.67
C ILE J 133 0.27 0.80 32.37
N THR J 134 0.32 2.13 32.38
CA THR J 134 0.78 2.93 31.23
C THR J 134 1.95 3.87 31.47
N ALA J 135 2.29 4.07 32.74
CA ALA J 135 3.24 5.11 33.17
C ALA J 135 3.59 4.95 34.64
N MET J 136 4.67 5.62 35.04
CA MET J 136 5.10 5.69 36.46
C MET J 136 4.99 7.13 36.86
N LEU J 137 4.81 7.38 38.15
CA LEU J 137 4.74 8.76 38.65
C LEU J 137 5.60 8.82 39.91
N PRO J 138 6.92 8.97 39.72
CA PRO J 138 7.88 9.02 40.82
C PRO J 138 7.72 10.26 41.73
N ASN J 139 7.69 10.03 43.04
CA ASN J 139 7.49 11.07 44.06
C ASN J 139 6.20 11.83 43.85
N TYR J 140 5.16 11.08 43.49
CA TYR J 140 3.87 11.65 43.15
C TYR J 140 3.12 12.00 44.41
N TYR J 141 3.11 11.06 45.35
CA TYR J 141 2.34 11.22 46.57
C TYR J 141 3.06 12.15 47.55
N SER J 142 2.46 12.32 48.73
CA SER J 142 3.02 13.19 49.77
C SER J 142 4.27 12.60 50.40
N ASP J 143 4.27 11.28 50.60
CA ASP J 143 5.39 10.58 51.22
C ASP J 143 6.52 10.25 50.22
N SER J 144 6.67 11.06 49.18
CA SER J 144 7.68 10.84 48.13
C SER J 144 7.71 9.41 47.54
N SER J 145 6.59 8.70 47.67
CA SER J 145 6.49 7.34 47.16
C SER J 145 6.04 7.36 45.71
N ASN J 146 6.58 6.43 44.97
CA ASN J 146 6.24 6.27 43.57
C ASN J 146 4.72 6.03 43.42
N ALA J 147 4.18 6.29 42.23
CA ALA J 147 2.78 5.96 41.88
C ALA J 147 2.67 5.47 40.44
N TYR J 148 1.55 4.86 40.09
CA TYR J 148 1.34 4.33 38.73
C TYR J 148 0.12 4.99 38.11
N THR J 149 0.18 5.31 36.83
CA THR J 149 -1.03 5.70 36.12
C THR J 149 -1.50 4.43 35.48
N MET J 150 -2.73 4.01 35.76
CA MET J 150 -3.32 2.84 35.10
C MET J 150 -4.44 3.30 34.21
N TRP J 151 -4.72 2.53 33.17
CA TRP J 151 -5.58 3.00 32.13
C TRP J 151 -6.35 1.87 31.56
N ARG J 152 -7.64 2.05 31.51
CA ARG J 152 -8.48 1.12 30.82
C ARG J 152 -9.27 1.85 29.75
N ILE J 153 -9.67 1.05 28.77
CA ILE J 153 -10.55 1.48 27.73
C ILE J 153 -12.00 1.03 28.05
N VAL J 154 -12.94 1.96 27.95
CA VAL J 154 -14.39 1.68 28.04
C VAL J 154 -14.93 1.46 26.62
N LEU J 155 -15.97 0.66 26.51
CA LEU J 155 -16.34 0.11 25.23
C LEU J 155 -17.86 0.12 24.97
N GLU J 156 -18.23 0.33 23.71
CA GLU J 156 -19.63 0.35 23.24
C GLU J 156 -20.57 -0.55 24.08
N ASN K 7 32.31 18.82 26.03
CA ASN K 7 32.65 17.48 25.58
C ASN K 7 33.29 16.65 26.69
N ALA K 8 32.93 16.95 27.93
CA ALA K 8 33.59 16.38 29.13
C ALA K 8 32.77 15.44 30.01
N VAL K 9 33.37 14.30 30.26
CA VAL K 9 32.87 13.21 31.10
C VAL K 9 34.17 12.52 31.49
N ALA K 10 34.12 11.53 32.37
CA ALA K 10 35.27 10.64 32.49
C ALA K 10 34.85 9.21 32.30
N GLY K 11 35.22 8.62 31.17
CA GLY K 11 34.72 7.31 30.79
C GLY K 11 33.44 7.53 30.01
N THR K 12 33.03 6.59 29.17
CA THR K 12 31.84 6.80 28.36
C THR K 12 31.15 5.56 27.87
N ILE K 13 29.92 5.74 27.40
CA ILE K 13 29.17 4.64 26.78
C ILE K 13 29.38 4.58 25.26
N ARG K 14 29.74 3.42 24.77
CA ARG K 14 29.68 3.22 23.38
C ARG K 14 29.07 1.85 23.07
N GLU K 15 28.67 1.68 21.82
CA GLU K 15 28.13 0.44 21.32
C GLU K 15 29.17 -0.64 21.37
N PHE K 16 28.74 -1.90 21.51
CA PHE K 16 29.67 -3.03 21.57
C PHE K 16 30.38 -3.19 20.22
N SER K 17 31.50 -3.92 20.20
CA SER K 17 32.15 -4.32 18.95
C SER K 17 32.84 -5.64 19.16
N PRO K 18 32.95 -6.47 18.12
CA PRO K 18 33.43 -7.83 18.35
C PRO K 18 34.88 -7.93 18.86
N LYS K 19 35.63 -6.84 18.75
CA LYS K 19 36.96 -6.74 19.33
C LYS K 19 36.91 -6.72 20.88
N ASP K 20 35.84 -6.20 21.46
CA ASP K 20 35.67 -6.22 22.92
C ASP K 20 35.31 -7.61 23.48
N ILE K 21 35.19 -8.63 22.62
CA ILE K 21 34.62 -9.88 23.06
C ILE K 21 35.30 -10.38 24.33
N GLU K 22 36.63 -10.30 24.36
CA GLU K 22 37.37 -10.88 25.46
C GLU K 22 37.17 -10.08 26.76
N SER K 23 37.02 -8.76 26.62
CA SER K 23 36.72 -7.92 27.77
C SER K 23 35.43 -8.35 28.43
N VAL K 24 34.39 -8.45 27.60
CA VAL K 24 33.06 -8.77 28.06
C VAL K 24 33.04 -10.18 28.62
N TYR K 25 33.66 -11.12 27.89
CA TYR K 25 33.73 -12.53 28.33
C TYR K 25 34.39 -12.72 29.72
N ARG K 26 35.43 -11.93 29.98
CA ARG K 26 36.11 -11.91 31.28
C ARG K 26 35.16 -11.47 32.41
N ILE K 27 34.31 -10.49 32.09
CA ILE K 27 33.35 -9.90 33.03
C ILE K 27 32.14 -10.83 33.22
N ALA K 28 31.62 -11.32 32.11
CA ALA K 28 30.60 -12.36 32.11
C ALA K 28 30.99 -13.57 32.99
N GLN K 29 32.24 -14.03 32.87
CA GLN K 29 32.73 -15.16 33.67
C GLN K 29 32.68 -14.83 35.14
N THR K 30 33.29 -13.72 35.51
CA THR K 30 33.54 -13.44 36.91
C THR K 30 32.35 -12.84 37.69
N SER K 31 31.42 -12.17 37.00
CA SER K 31 30.24 -11.55 37.65
C SER K 31 28.93 -12.35 37.66
N LEU K 32 28.87 -13.47 36.94
CA LEU K 32 27.61 -14.16 36.71
C LEU K 32 27.84 -15.67 36.86
N THR K 33 26.91 -16.36 37.53
CA THR K 33 27.07 -17.79 37.81
C THR K 33 26.84 -18.59 36.54
N GLU K 34 25.94 -18.12 35.71
CA GLU K 34 25.65 -18.84 34.48
C GLU K 34 26.78 -18.73 33.50
N TYR K 35 26.96 -19.77 32.72
CA TYR K 35 28.10 -19.87 31.79
C TYR K 35 27.79 -19.45 30.35
N TYR K 36 28.22 -18.24 30.00
CA TYR K 36 28.07 -17.68 28.65
C TYR K 36 29.40 -17.73 27.94
N THR K 37 29.47 -18.56 26.89
CA THR K 37 30.68 -18.72 26.09
C THR K 37 31.00 -17.42 25.39
N GLN K 38 32.17 -17.39 24.77
CA GLN K 38 32.59 -16.28 23.95
C GLN K 38 31.72 -16.14 22.69
N ALA K 39 31.54 -17.25 21.99
CA ALA K 39 30.76 -17.23 20.74
C ALA K 39 29.26 -17.07 20.96
N LEU K 40 28.72 -17.56 22.08
CA LEU K 40 27.30 -17.31 22.39
C LEU K 40 27.06 -15.83 22.60
N ILE K 41 27.97 -15.15 23.31
CA ILE K 41 27.84 -13.71 23.49
C ILE K 41 27.86 -12.97 22.15
N LEU K 42 28.78 -13.37 21.27
CA LEU K 42 28.93 -12.72 19.99
C LEU K 42 27.67 -12.97 19.10
N ASP K 43 26.94 -14.04 19.42
CA ASP K 43 25.60 -14.28 18.84
C ASP K 43 24.60 -13.28 19.37
N LEU K 44 24.55 -13.12 20.70
CA LEU K 44 23.57 -12.21 21.31
C LEU K 44 23.66 -10.82 20.70
N HIS K 45 24.81 -10.58 20.07
CA HIS K 45 25.08 -9.33 19.44
C HIS K 45 24.09 -9.11 18.32
N ARG K 46 23.92 -10.13 17.49
CA ARG K 46 23.16 -9.98 16.24
C ARG K 46 21.66 -9.76 16.43
N GLU K 47 21.13 -10.27 17.53
CA GLU K 47 19.71 -10.11 17.80
C GLU K 47 19.28 -8.64 17.72
N TRP K 48 19.97 -7.79 18.48
CA TRP K 48 19.60 -6.38 18.59
C TRP K 48 20.91 -5.66 18.83
N PRO K 49 21.71 -5.52 17.78
CA PRO K 49 23.09 -5.17 18.05
C PRO K 49 23.24 -3.82 18.69
N GLU K 50 22.31 -2.91 18.41
CA GLU K 50 22.42 -1.54 18.88
C GLU K 50 22.09 -1.40 20.36
N SER K 51 21.58 -2.46 20.98
CA SER K 51 21.24 -2.44 22.41
C SER K 51 22.35 -3.08 23.21
N PHE K 52 23.45 -3.42 22.54
CA PHE K 52 24.62 -3.99 23.20
C PHE K 52 25.60 -2.85 23.34
N MET K 53 25.76 -2.36 24.55
CA MET K 53 26.61 -1.22 24.79
C MET K 53 27.56 -1.55 25.92
N VAL K 54 28.65 -0.81 25.94
CA VAL K 54 29.70 -1.08 26.87
C VAL K 54 30.05 0.25 27.45
N TYR K 55 30.64 0.18 28.64
CA TYR K 55 31.24 1.31 29.34
C TYR K 55 32.75 1.17 29.29
N THR K 56 33.41 2.14 28.69
CA THR K 56 34.84 2.04 28.53
C THR K 56 35.50 3.21 29.20
N VAL K 57 36.53 2.95 30.01
CA VAL K 57 37.17 4.01 30.76
C VAL K 57 38.45 4.54 30.16
N ALA K 58 39.35 3.65 29.83
CA ALA K 58 40.61 4.05 29.24
C ALA K 58 40.67 3.53 27.85
N GLY K 59 39.52 3.25 27.27
CA GLY K 59 39.43 2.29 26.20
C GLY K 59 39.49 0.90 26.80
N SER K 60 39.32 0.82 28.10
CA SER K 60 39.30 -0.43 28.80
C SER K 60 37.86 -0.54 29.16
N VAL K 61 37.28 -1.71 28.93
CA VAL K 61 35.88 -1.90 29.15
C VAL K 61 35.67 -2.37 30.56
N VAL K 62 34.82 -1.67 31.28
CA VAL K 62 34.49 -2.08 32.62
C VAL K 62 33.05 -2.51 32.81
N GLY K 63 32.26 -2.48 31.75
CA GLY K 63 30.85 -2.85 31.89
C GLY K 63 30.11 -3.02 30.58
N PHE K 64 29.06 -3.83 30.57
CA PHE K 64 28.24 -3.99 29.37
C PHE K 64 26.80 -4.40 29.66
N ILE K 65 25.91 -4.03 28.73
CA ILE K 65 24.52 -4.46 28.76
C ILE K 65 24.17 -4.91 27.35
N VAL K 66 23.22 -5.82 27.24
CA VAL K 66 22.79 -6.30 25.94
C VAL K 66 21.37 -6.80 26.06
N GLY K 67 20.50 -6.30 25.20
CA GLY K 67 19.11 -6.70 25.24
C GLY K 67 18.63 -7.47 24.02
N SER K 68 17.37 -7.88 24.14
CA SER K 68 16.58 -8.40 23.04
C SER K 68 15.15 -7.87 23.15
N LYS K 69 14.43 -8.02 22.05
CA LYS K 69 13.02 -7.67 21.97
C LYS K 69 12.23 -8.94 22.28
N TYR K 70 11.63 -9.03 23.47
CA TYR K 70 10.83 -10.19 23.88
C TYR K 70 9.54 -10.20 23.08
N SER K 71 9.07 -9.01 22.75
CA SER K 71 7.91 -8.82 21.93
C SER K 71 8.14 -7.52 21.16
N ARG K 72 7.15 -7.11 20.37
CA ARG K 72 7.34 -5.96 19.53
C ARG K 72 7.39 -4.71 20.38
N THR K 73 6.75 -4.70 21.55
CA THR K 73 6.78 -3.49 22.47
C THR K 73 7.50 -3.67 23.84
N GLU K 74 7.80 -4.93 24.19
CA GLU K 74 8.41 -5.24 25.48
C GLU K 74 9.88 -5.63 25.28
N ALA K 75 10.76 -4.92 25.98
CA ALA K 75 12.18 -5.23 25.92
C ALA K 75 12.54 -6.22 27.02
N ARG K 76 13.70 -6.84 26.89
CA ARG K 76 14.23 -7.76 27.89
C ARG K 76 15.75 -7.57 28.06
N ILE K 77 16.24 -7.52 29.28
CA ILE K 77 17.67 -7.37 29.48
C ILE K 77 18.33 -8.75 29.60
N LEU K 78 19.27 -9.05 28.73
CA LEU K 78 19.71 -10.44 28.56
C LEU K 78 20.91 -10.81 29.43
N LEU K 79 21.88 -9.91 29.40
CA LEU K 79 23.05 -9.91 30.26
C LEU K 79 23.35 -8.51 30.75
N PHE K 80 23.60 -8.34 32.04
CA PHE K 80 24.00 -7.06 32.57
C PHE K 80 25.11 -7.25 33.58
N ALA K 81 26.29 -6.67 33.37
CA ALA K 81 27.36 -6.82 34.35
C ALA K 81 28.46 -5.77 34.30
N VAL K 82 29.11 -5.51 35.44
CA VAL K 82 30.27 -4.61 35.53
C VAL K 82 31.44 -5.26 36.23
N ASP K 83 32.64 -4.86 35.88
CA ASP K 83 33.83 -5.42 36.53
C ASP K 83 33.74 -5.32 38.04
N GLU K 84 34.19 -6.34 38.76
CA GLU K 84 34.15 -6.30 40.22
C GLU K 84 34.80 -5.01 40.68
N ARG K 85 35.90 -4.66 40.01
CA ARG K 85 36.76 -3.53 40.39
C ARG K 85 36.04 -2.19 40.29
N PHE K 86 35.00 -2.13 39.48
CA PHE K 86 34.30 -0.88 39.22
C PHE K 86 32.86 -0.72 39.68
N ARG K 87 32.36 -1.62 40.50
CA ARG K 87 30.96 -1.57 40.86
C ARG K 87 30.63 -0.40 41.78
N ARG K 88 29.40 0.05 41.75
CA ARG K 88 28.91 1.04 42.71
C ARG K 88 29.46 2.39 42.41
N MET K 89 30.11 2.51 41.28
CA MET K 89 30.65 3.76 40.86
C MET K 89 29.62 4.50 40.03
N GLY K 90 28.49 3.86 39.80
CA GLY K 90 27.43 4.51 38.96
C GLY K 90 27.53 4.19 37.48
N VAL K 91 28.37 3.19 37.17
CA VAL K 91 28.58 2.69 35.81
C VAL K 91 27.36 1.96 35.30
N GLY K 92 26.81 1.10 36.16
CA GLY K 92 25.65 0.32 35.82
C GLY K 92 24.46 1.19 35.60
N SER K 93 24.34 2.26 36.37
CA SER K 93 23.30 3.26 36.13
C SER K 93 23.49 3.88 34.75
N ALA K 94 24.73 4.12 34.38
CA ALA K 94 25.05 4.63 33.05
C ALA K 94 24.43 3.75 31.92
N LEU K 95 24.69 2.43 32.00
CA LEU K 95 24.21 1.50 31.00
C LEU K 95 22.71 1.39 31.00
N MET K 96 22.11 1.28 32.19
CA MET K 96 20.64 1.19 32.31
C MET K 96 19.99 2.43 31.75
N ASP K 97 20.45 3.61 32.19
CA ASP K 97 20.03 4.88 31.60
C ASP K 97 20.01 4.86 30.06
N ALA K 98 21.05 4.24 29.47
CA ALA K 98 21.23 4.22 28.01
C ALA K 98 20.33 3.18 27.34
N PHE K 99 20.23 2.01 27.93
CA PHE K 99 19.33 0.98 27.44
C PHE K 99 17.93 1.56 27.45
N LEU K 100 17.49 2.09 28.60
CA LEU K 100 16.16 2.71 28.71
C LEU K 100 15.91 3.76 27.62
N SER K 101 16.90 4.62 27.33
CA SER K 101 16.73 5.65 26.29
C SER K 101 16.63 5.07 24.85
N LEU K 102 17.29 3.95 24.59
CA LEU K 102 17.11 3.23 23.32
C LEU K 102 15.76 2.63 23.20
N CYS K 103 15.14 2.29 24.33
CA CYS K 103 13.79 1.76 24.32
C CYS K 103 12.86 2.86 23.95
N ARG K 104 13.11 4.06 24.45
CA ARG K 104 12.22 5.18 24.16
C ARG K 104 12.29 5.52 22.65
N GLU K 105 13.52 5.53 22.14
CA GLU K 105 13.82 5.88 20.76
C GLU K 105 13.36 4.83 19.75
N GLN K 106 13.01 3.63 20.21
CA GLN K 106 12.43 2.62 19.33
C GLN K 106 11.12 2.08 19.92
N ASN K 107 10.38 2.98 20.57
CA ASN K 107 8.98 2.77 21.00
C ASN K 107 8.70 1.42 21.63
N MET K 108 9.58 1.00 22.53
CA MET K 108 9.34 -0.14 23.44
C MET K 108 8.77 0.48 24.71
N LEU K 109 7.74 -0.16 25.30
CA LEU K 109 6.90 0.50 26.33
C LEU K 109 7.13 -0.08 27.72
N SER K 110 7.77 -1.25 27.78
CA SER K 110 8.15 -1.86 29.04
C SER K 110 9.43 -2.69 28.86
N VAL K 111 10.11 -2.97 29.98
CA VAL K 111 11.25 -3.89 29.98
C VAL K 111 11.11 -4.96 31.05
N ARG K 112 11.63 -6.17 30.78
CA ARG K 112 11.61 -7.28 31.74
C ARG K 112 13.00 -7.88 31.89
N LEU K 113 13.20 -8.67 32.96
CA LEU K 113 14.46 -9.42 33.11
C LEU K 113 14.35 -10.55 34.10
N GLU K 114 15.28 -11.49 34.00
CA GLU K 114 15.41 -12.55 34.97
C GLU K 114 16.59 -12.25 35.87
N VAL K 115 16.48 -12.69 37.12
CA VAL K 115 17.52 -12.44 38.10
C VAL K 115 17.40 -13.47 39.18
N ARG K 116 18.52 -14.07 39.56
CA ARG K 116 18.59 -15.03 40.69
C ARG K 116 17.90 -14.52 41.98
N THR K 117 17.24 -15.42 42.68
CA THR K 117 16.51 -15.02 43.88
C THR K 117 17.49 -14.61 44.97
N ASP K 118 18.71 -15.15 44.92
CA ASP K 118 19.79 -14.84 45.88
C ASP K 118 20.50 -13.50 45.64
N ASN K 119 20.34 -12.93 44.43
CA ASN K 119 21.23 -11.88 43.90
C ASN K 119 20.83 -10.50 44.36
N ASP K 120 20.78 -10.33 45.67
CA ASP K 120 20.22 -9.14 46.29
C ASP K 120 20.81 -7.82 45.73
N GLU K 121 22.13 -7.78 45.49
CA GLU K 121 22.81 -6.59 44.94
C GLU K 121 22.18 -6.11 43.63
N ALA K 122 21.79 -7.05 42.77
CA ALA K 122 21.09 -6.74 41.52
C ALA K 122 19.66 -6.31 41.84
N ILE K 123 18.91 -7.23 42.44
CA ILE K 123 17.51 -7.00 42.80
C ILE K 123 17.34 -5.62 43.38
N ARG K 124 18.32 -5.21 44.16
CA ARG K 124 18.33 -3.86 44.68
C ARG K 124 18.41 -2.85 43.51
N PHE K 125 19.48 -2.95 42.73
CA PHE K 125 19.80 -1.97 41.72
C PHE K 125 18.57 -1.74 40.91
N TYR K 126 17.99 -2.86 40.48
CA TYR K 126 16.82 -2.86 39.60
C TYR K 126 15.68 -2.19 40.33
N LYS K 127 15.45 -2.61 41.56
CA LYS K 127 14.34 -2.12 42.31
C LYS K 127 14.50 -0.61 42.45
N LYS K 128 15.73 -0.14 42.60
CA LYS K 128 16.02 1.30 42.65
C LYS K 128 15.56 2.02 41.37
N TYR K 129 15.57 1.30 40.24
CA TYR K 129 15.12 1.86 38.95
C TYR K 129 13.64 1.65 38.65
N GLY K 130 12.86 1.29 39.66
CA GLY K 130 11.42 1.18 39.51
C GLY K 130 10.95 -0.24 39.26
N PHE K 131 11.87 -1.14 38.92
CA PHE K 131 11.52 -2.52 38.61
C PHE K 131 10.86 -3.23 39.79
N VAL K 132 10.02 -4.22 39.47
CA VAL K 132 9.15 -4.91 40.40
C VAL K 132 9.22 -6.42 40.17
N ILE K 133 9.15 -7.21 41.24
CA ILE K 133 9.03 -8.64 41.05
C ILE K 133 7.63 -8.99 40.56
N THR K 134 7.54 -9.77 39.49
CA THR K 134 6.25 -10.20 38.95
C THR K 134 6.08 -11.71 38.91
N ALA K 135 7.16 -12.45 39.09
CA ALA K 135 7.08 -13.91 39.08
C ALA K 135 8.28 -14.54 39.82
N MET K 136 8.16 -15.81 40.17
CA MET K 136 9.29 -16.62 40.62
C MET K 136 9.32 -17.69 39.62
N LEU K 137 10.52 -18.09 39.20
CA LEU K 137 10.69 -19.04 38.11
C LEU K 137 11.40 -20.29 38.63
N PRO K 138 10.66 -21.39 38.76
CA PRO K 138 11.19 -22.65 39.25
C PRO K 138 12.30 -23.18 38.38
N ASN K 139 13.41 -23.54 39.02
CA ASN K 139 14.51 -24.26 38.35
C ASN K 139 14.97 -23.59 37.06
N TYR K 140 15.10 -22.27 37.14
CA TYR K 140 15.30 -21.47 35.96
C TYR K 140 16.71 -21.64 35.45
N TYR K 141 17.70 -21.60 36.34
CA TYR K 141 19.08 -21.62 35.91
C TYR K 141 19.65 -23.04 35.85
N SER K 142 20.90 -23.12 35.44
CA SER K 142 21.62 -24.35 35.19
C SER K 142 21.74 -25.15 36.43
N ASP K 143 21.99 -24.47 37.54
CA ASP K 143 22.14 -25.15 38.80
C ASP K 143 20.79 -25.61 39.31
N SER K 144 19.74 -25.23 38.61
CA SER K 144 18.37 -25.56 38.97
C SER K 144 17.84 -24.59 39.99
N SER K 145 18.60 -23.53 40.19
CA SER K 145 18.20 -22.46 41.07
C SER K 145 17.11 -21.63 40.45
N ASN K 146 16.35 -20.97 41.30
CA ASN K 146 15.25 -20.11 40.90
C ASN K 146 15.65 -18.74 40.41
N ALA K 147 14.67 -18.04 39.88
CA ALA K 147 14.81 -16.71 39.30
C ALA K 147 13.56 -15.89 39.63
N TYR K 148 13.71 -14.59 39.85
CA TYR K 148 12.58 -13.71 39.80
C TYR K 148 12.45 -13.23 38.37
N THR K 149 11.28 -12.71 38.05
CA THR K 149 11.09 -11.89 36.87
C THR K 149 10.84 -10.47 37.41
N MET K 150 11.53 -9.50 36.85
CA MET K 150 11.29 -8.12 37.20
C MET K 150 10.88 -7.33 35.92
N TRP K 151 10.21 -6.20 36.16
CA TRP K 151 9.44 -5.52 35.14
C TRP K 151 9.22 -4.07 35.55
N ARG K 152 9.18 -3.16 34.57
CA ARG K 152 8.74 -1.80 34.84
C ARG K 152 8.24 -1.22 33.53
N ILE K 153 7.37 -0.21 33.56
CA ILE K 153 7.05 0.52 32.33
C ILE K 153 8.18 1.48 32.06
N VAL K 154 8.35 1.86 30.80
CA VAL K 154 9.34 2.85 30.40
C VAL K 154 8.87 4.30 30.58
N LEU K 155 7.59 4.57 30.42
CA LEU K 155 7.06 5.92 30.59
C LEU K 155 7.14 6.48 32.04
N GLU K 156 7.56 7.73 32.18
CA GLU K 156 7.59 8.43 33.47
C GLU K 156 7.02 9.87 33.46
N HIS K 157 6.34 10.23 34.56
CA HIS K 157 5.79 11.59 34.75
C HIS K 157 5.99 12.11 36.19
N HIS K 158 6.66 13.24 36.35
CA HIS K 158 6.98 13.78 37.68
C HIS K 158 6.31 15.14 37.89
N HIS K 159 5.50 15.28 38.94
CA HIS K 159 4.64 16.46 39.14
C HIS K 159 5.07 17.27 40.37
N ASN L 7 -27.04 -33.33 15.63
CA ASN L 7 -26.92 -34.73 15.26
C ASN L 7 -26.32 -35.59 16.34
N ALA L 8 -25.00 -35.71 16.35
CA ALA L 8 -24.37 -36.54 17.34
C ALA L 8 -24.75 -35.98 18.69
N VAL L 9 -25.20 -36.86 19.58
CA VAL L 9 -25.68 -36.50 20.89
C VAL L 9 -24.53 -36.29 21.88
N ALA L 10 -24.76 -35.55 22.95
CA ALA L 10 -26.05 -34.91 23.24
C ALA L 10 -25.86 -33.77 24.24
N GLY L 11 -26.44 -32.63 23.91
CA GLY L 11 -26.13 -31.35 24.58
C GLY L 11 -24.82 -30.79 24.05
N THR L 12 -24.91 -29.71 23.26
CA THR L 12 -23.76 -29.23 22.46
C THR L 12 -23.30 -27.82 22.87
N ILE L 13 -22.26 -27.33 22.18
CA ILE L 13 -21.51 -26.14 22.59
C ILE L 13 -21.75 -24.89 21.71
N ARG L 14 -22.36 -23.84 22.26
CA ARG L 14 -22.70 -22.69 21.46
C ARG L 14 -22.23 -21.43 22.13
N GLU L 15 -22.08 -20.37 21.36
CA GLU L 15 -21.56 -19.11 21.85
C GLU L 15 -22.51 -18.37 22.77
N PHE L 16 -21.92 -17.65 23.71
CA PHE L 16 -22.64 -16.98 24.75
C PHE L 16 -23.55 -15.95 24.17
N SER L 17 -24.67 -15.74 24.85
CA SER L 17 -25.53 -14.60 24.59
C SER L 17 -25.82 -13.99 25.93
N PRO L 18 -26.09 -12.72 25.97
CA PRO L 18 -26.19 -11.99 27.22
C PRO L 18 -27.32 -12.54 28.05
N LYS L 19 -28.23 -13.24 27.42
CA LYS L 19 -29.37 -13.78 28.14
C LYS L 19 -28.91 -14.72 29.24
N ASP L 20 -27.79 -15.37 28.96
CA ASP L 20 -27.30 -16.52 29.70
C ASP L 20 -26.57 -16.10 30.94
N ILE L 21 -26.48 -14.80 31.18
CA ILE L 21 -25.61 -14.32 32.21
C ILE L 21 -26.02 -14.94 33.52
N GLU L 22 -27.31 -15.11 33.73
CA GLU L 22 -27.76 -15.53 35.05
C GLU L 22 -27.19 -16.86 35.44
N SER L 23 -27.21 -17.84 34.56
CA SER L 23 -26.69 -19.15 34.90
C SER L 23 -25.21 -19.13 35.09
N VAL L 24 -24.54 -18.53 34.14
CA VAL L 24 -23.09 -18.44 34.17
C VAL L 24 -22.66 -17.75 35.48
N TYR L 25 -23.32 -16.66 35.82
CA TYR L 25 -23.02 -15.99 37.07
C TYR L 25 -23.16 -16.93 38.25
N ARG L 26 -24.26 -17.69 38.30
CA ARG L 26 -24.46 -18.70 39.35
C ARG L 26 -23.30 -19.71 39.39
N ILE L 27 -22.86 -20.17 38.22
CA ILE L 27 -21.73 -21.12 38.13
C ILE L 27 -20.37 -20.52 38.60
N ALA L 28 -20.13 -19.27 38.24
CA ALA L 28 -18.99 -18.52 38.72
C ALA L 28 -19.00 -18.47 40.24
N GLN L 29 -20.19 -18.23 40.82
CA GLN L 29 -20.38 -18.10 42.28
C GLN L 29 -20.01 -19.38 43.01
N THR L 30 -20.50 -20.49 42.48
CA THR L 30 -20.20 -21.80 43.01
C THR L 30 -18.71 -22.14 42.83
N SER L 31 -18.30 -22.24 41.56
CA SER L 31 -17.09 -22.98 41.17
C SER L 31 -15.78 -22.25 41.32
N LEU L 32 -15.84 -20.92 41.29
CA LEU L 32 -14.63 -20.09 41.33
C LEU L 32 -14.55 -19.34 42.63
N THR L 33 -13.40 -19.37 43.28
CA THR L 33 -13.25 -18.78 44.60
C THR L 33 -13.22 -17.26 44.48
N GLU L 34 -12.57 -16.78 43.42
CA GLU L 34 -12.46 -15.36 43.17
C GLU L 34 -13.86 -14.79 42.80
N TYR L 35 -14.17 -13.58 43.26
CA TYR L 35 -15.53 -13.02 43.12
C TYR L 35 -15.73 -12.15 41.87
N TYR L 36 -16.36 -12.71 40.83
CA TYR L 36 -16.68 -11.96 39.63
C TYR L 36 -18.14 -11.58 39.56
N THR L 37 -18.42 -10.27 39.61
CA THR L 37 -19.80 -9.76 39.49
C THR L 37 -20.35 -9.92 38.07
N GLN L 38 -21.66 -9.76 37.94
CA GLN L 38 -22.38 -9.99 36.69
C GLN L 38 -21.98 -9.03 35.56
N ALA L 39 -21.79 -7.76 35.92
CA ALA L 39 -21.41 -6.74 34.94
C ALA L 39 -19.99 -7.00 34.46
N LEU L 40 -19.09 -7.25 35.41
CA LEU L 40 -17.73 -7.68 35.09
C LEU L 40 -17.76 -8.82 34.09
N ILE L 41 -18.63 -9.79 34.31
CA ILE L 41 -18.73 -10.94 33.42
C ILE L 41 -19.35 -10.54 32.06
N LEU L 42 -20.33 -9.65 32.08
CA LEU L 42 -20.93 -9.16 30.85
C LEU L 42 -19.93 -8.36 30.03
N ASP L 43 -18.94 -7.79 30.72
CA ASP L 43 -17.90 -6.95 30.12
C ASP L 43 -16.84 -7.76 29.40
N LEU L 44 -16.33 -8.81 30.05
CA LEU L 44 -15.37 -9.72 29.40
C LEU L 44 -15.96 -10.26 28.07
N HIS L 45 -17.29 -10.40 28.06
CA HIS L 45 -17.99 -10.78 26.84
C HIS L 45 -17.66 -9.79 25.75
N ARG L 46 -17.61 -8.51 26.11
CA ARG L 46 -17.35 -7.43 25.17
C ARG L 46 -15.97 -7.51 24.48
N GLU L 47 -14.95 -7.92 25.23
CA GLU L 47 -13.57 -7.86 24.74
C GLU L 47 -13.26 -8.91 23.68
N TRP L 48 -13.67 -10.16 23.88
CA TRP L 48 -13.49 -11.21 22.86
C TRP L 48 -14.72 -12.14 22.82
N PRO L 49 -15.80 -11.69 22.16
CA PRO L 49 -17.04 -12.42 22.38
C PRO L 49 -17.04 -13.87 21.93
N GLU L 50 -16.33 -14.16 20.85
CA GLU L 50 -16.27 -15.51 20.32
C GLU L 50 -15.67 -16.46 21.32
N SER L 51 -14.72 -15.97 22.11
CA SER L 51 -13.99 -16.81 23.06
C SER L 51 -14.95 -17.28 24.12
N PHE L 52 -16.00 -16.48 24.34
CA PHE L 52 -17.00 -16.79 25.35
C PHE L 52 -18.07 -17.76 24.88
N MET L 53 -17.99 -19.02 25.33
CA MET L 53 -18.82 -20.08 24.80
C MET L 53 -19.42 -20.87 25.91
N VAL L 54 -20.61 -21.42 25.66
CA VAL L 54 -21.34 -22.17 26.68
C VAL L 54 -21.63 -23.56 26.17
N TYR L 55 -21.62 -24.51 27.10
CA TYR L 55 -22.03 -25.88 26.84
C TYR L 55 -23.41 -26.01 27.44
N THR L 56 -24.30 -26.65 26.72
CA THR L 56 -25.69 -26.59 27.09
C THR L 56 -26.32 -27.95 26.92
N VAL L 57 -26.78 -28.51 28.04
CA VAL L 57 -27.64 -29.71 28.05
C VAL L 57 -29.08 -29.27 28.31
N ALA L 58 -30.00 -29.82 27.51
CA ALA L 58 -31.41 -29.50 27.63
C ALA L 58 -31.67 -27.98 27.54
N GLY L 59 -30.97 -27.30 26.64
CA GLY L 59 -31.10 -25.84 26.47
C GLY L 59 -30.54 -25.00 27.62
N SER L 60 -30.57 -25.54 28.85
CA SER L 60 -29.94 -24.87 30.01
C SER L 60 -28.43 -25.04 29.96
N VAL L 61 -27.76 -24.15 30.68
CA VAL L 61 -26.31 -23.98 30.62
C VAL L 61 -25.64 -24.76 31.78
N VAL L 62 -24.63 -25.56 31.45
CA VAL L 62 -23.88 -26.29 32.48
C VAL L 62 -22.44 -25.82 32.66
N GLY L 63 -21.85 -25.20 31.64
CA GLY L 63 -20.45 -24.84 31.68
C GLY L 63 -20.03 -23.86 30.63
N PHE L 64 -19.01 -23.07 30.94
CA PHE L 64 -18.59 -21.97 30.08
C PHE L 64 -17.09 -21.77 30.12
N ILE L 65 -16.55 -21.13 29.08
CA ILE L 65 -15.15 -20.69 28.99
C ILE L 65 -15.17 -19.31 28.34
N VAL L 66 -14.17 -18.48 28.65
CA VAL L 66 -14.07 -17.18 28.01
C VAL L 66 -12.62 -16.74 28.00
N GLY L 67 -12.22 -16.10 26.90
CA GLY L 67 -10.83 -15.71 26.69
C GLY L 67 -10.52 -14.23 26.75
N SER L 68 -9.26 -13.94 26.47
CA SER L 68 -8.79 -12.61 26.16
C SER L 68 -7.51 -12.72 25.32
N LYS L 69 -7.20 -11.65 24.60
CA LYS L 69 -6.03 -11.64 23.71
C LYS L 69 -4.91 -10.89 24.45
N TYR L 70 -4.13 -11.64 25.23
CA TYR L 70 -3.14 -11.06 26.16
C TYR L 70 -2.03 -10.35 25.40
N SER L 71 -1.57 -11.00 24.32
CA SER L 71 -0.73 -10.36 23.31
C SER L 71 -1.48 -10.50 21.99
N ARG L 72 -0.82 -10.15 20.90
CA ARG L 72 -1.38 -10.33 19.57
C ARG L 72 -1.45 -11.83 19.18
N THR L 73 -0.60 -12.65 19.80
CA THR L 73 -0.58 -14.09 19.48
C THR L 73 -0.73 -15.05 20.65
N GLU L 74 -0.78 -14.50 21.85
CA GLU L 74 -0.88 -15.27 23.07
C GLU L 74 -2.23 -14.94 23.72
N ALA L 75 -3.02 -15.99 23.94
CA ALA L 75 -4.38 -15.84 24.39
C ALA L 75 -4.45 -16.27 25.83
N ARG L 76 -5.40 -15.70 26.57
CA ARG L 76 -5.55 -15.97 27.99
C ARG L 76 -6.94 -16.47 28.43
N ILE L 77 -6.97 -17.58 29.16
CA ILE L 77 -8.24 -18.08 29.76
C ILE L 77 -8.64 -17.39 31.07
N LEU L 78 -9.64 -16.54 31.01
CA LEU L 78 -9.98 -15.70 32.15
C LEU L 78 -10.90 -16.42 33.10
N LEU L 79 -11.92 -17.04 32.54
CA LEU L 79 -12.86 -17.82 33.30
C LEU L 79 -13.15 -19.12 32.54
N PHE L 80 -13.26 -20.19 33.31
CA PHE L 80 -13.52 -21.51 32.77
C PHE L 80 -14.05 -22.35 33.93
N ALA L 81 -15.26 -22.89 33.81
CA ALA L 81 -15.94 -23.52 34.94
C ALA L 81 -17.13 -24.33 34.47
N VAL L 82 -17.29 -25.54 35.05
CA VAL L 82 -18.45 -26.41 34.80
C VAL L 82 -19.23 -26.57 36.10
N ASP L 83 -20.55 -26.77 35.99
CA ASP L 83 -21.45 -26.94 37.14
C ASP L 83 -21.22 -28.28 37.83
N GLU L 84 -21.18 -28.22 39.17
CA GLU L 84 -20.90 -29.39 40.04
C GLU L 84 -21.48 -30.71 39.58
N ARG L 85 -22.73 -30.68 39.15
CA ARG L 85 -23.44 -31.88 38.77
C ARG L 85 -22.92 -32.44 37.45
N PHE L 86 -22.36 -31.57 36.60
CA PHE L 86 -22.02 -31.97 35.22
C PHE L 86 -20.52 -32.05 34.99
N ARG L 87 -19.76 -32.14 36.06
CA ARG L 87 -18.33 -32.32 35.94
C ARG L 87 -17.96 -33.73 35.51
N ARG L 88 -16.79 -33.89 34.95
CA ARG L 88 -16.35 -35.23 34.63
C ARG L 88 -17.38 -35.91 33.78
N MET L 89 -17.92 -35.18 32.81
CA MET L 89 -18.73 -35.79 31.79
C MET L 89 -18.15 -35.57 30.43
N GLY L 90 -16.94 -35.03 30.38
CA GLY L 90 -16.35 -34.57 29.11
C GLY L 90 -16.72 -33.13 28.75
N VAL L 91 -17.34 -32.41 29.68
CA VAL L 91 -17.93 -31.09 29.42
C VAL L 91 -16.84 -30.04 29.12
N GLY L 92 -16.02 -29.74 30.13
CA GLY L 92 -14.89 -28.81 30.01
C GLY L 92 -13.86 -29.22 28.97
N SER L 93 -13.54 -30.51 28.89
CA SER L 93 -12.72 -30.99 27.78
C SER L 93 -13.27 -30.42 26.47
N ALA L 94 -14.57 -30.56 26.25
CA ALA L 94 -15.21 -30.07 25.01
C ALA L 94 -15.07 -28.57 24.85
N LEU L 95 -15.20 -27.83 25.95
CA LEU L 95 -14.93 -26.38 25.98
C LEU L 95 -13.47 -26.06 25.65
N MET L 96 -12.54 -26.80 26.26
CA MET L 96 -11.12 -26.60 25.99
C MET L 96 -10.81 -26.77 24.48
N ASP L 97 -11.29 -27.87 23.91
CA ASP L 97 -11.08 -28.14 22.51
C ASP L 97 -11.74 -27.10 21.63
N ALA L 98 -12.83 -26.49 22.09
CA ALA L 98 -13.56 -25.50 21.31
C ALA L 98 -12.78 -24.21 21.25
N PHE L 99 -12.06 -23.93 22.34
CA PHE L 99 -11.33 -22.68 22.54
C PHE L 99 -10.03 -22.81 21.77
N LEU L 100 -9.37 -23.96 21.89
CA LEU L 100 -8.16 -24.23 21.11
C LEU L 100 -8.42 -24.19 19.60
N SER L 101 -9.56 -24.72 19.17
CA SER L 101 -10.00 -24.60 17.78
C SER L 101 -10.17 -23.16 17.36
N LEU L 102 -10.62 -22.32 18.30
CA LEU L 102 -10.73 -20.88 18.06
C LEU L 102 -9.38 -20.16 18.02
N CYS L 103 -8.47 -20.53 18.93
CA CYS L 103 -7.10 -20.01 18.93
C CYS L 103 -6.40 -20.26 17.59
N ARG L 104 -6.68 -21.43 17.03
CA ARG L 104 -6.16 -21.74 15.73
C ARG L 104 -6.78 -20.82 14.70
N GLU L 105 -8.11 -20.78 14.64
CA GLU L 105 -8.79 -19.93 13.66
C GLU L 105 -8.15 -18.55 13.61
N GLN L 106 -8.03 -17.94 14.77
CA GLN L 106 -7.58 -16.59 14.81
C GLN L 106 -6.08 -16.51 15.03
N ASN L 107 -5.36 -17.55 14.62
CA ASN L 107 -3.89 -17.56 14.58
C ASN L 107 -3.18 -17.04 15.84
N MET L 108 -3.79 -17.37 16.99
CA MET L 108 -3.16 -17.37 18.32
C MET L 108 -2.32 -18.61 18.39
N LEU L 109 -1.11 -18.49 18.91
CA LEU L 109 -0.17 -19.61 18.84
C LEU L 109 0.33 -20.12 20.17
N SER L 110 -0.12 -19.44 21.23
CA SER L 110 0.07 -19.88 22.62
C SER L 110 -1.11 -19.46 23.52
N VAL L 111 -1.42 -20.30 24.51
CA VAL L 111 -2.44 -19.99 25.51
C VAL L 111 -1.77 -19.99 26.90
N ARG L 112 -2.16 -19.06 27.75
CA ARG L 112 -1.65 -19.04 29.09
C ARG L 112 -2.83 -18.90 30.02
N LEU L 113 -2.68 -19.34 31.24
CA LEU L 113 -3.77 -19.22 32.17
C LEU L 113 -3.20 -19.14 33.55
N GLU L 114 -3.94 -18.57 34.49
CA GLU L 114 -3.52 -18.57 35.89
C GLU L 114 -4.49 -19.40 36.73
N VAL L 115 -3.93 -20.34 37.50
CA VAL L 115 -4.73 -21.24 38.35
C VAL L 115 -4.21 -21.19 39.77
N ARG L 116 -5.10 -21.45 40.72
CA ARG L 116 -4.70 -21.58 42.11
C ARG L 116 -3.69 -22.71 42.28
N THR L 117 -2.71 -22.50 43.13
CA THR L 117 -1.66 -23.48 43.35
C THR L 117 -2.19 -24.67 44.11
N ASP L 118 -3.28 -24.46 44.87
CA ASP L 118 -3.93 -25.54 45.60
C ASP L 118 -5.01 -26.29 44.82
N ASN L 119 -5.46 -25.74 43.68
CA ASN L 119 -6.59 -26.29 42.89
C ASN L 119 -6.23 -27.56 42.09
N ASP L 120 -6.02 -28.65 42.81
CA ASP L 120 -5.63 -29.96 42.27
C ASP L 120 -6.43 -30.33 41.03
N GLU L 121 -7.76 -30.33 41.17
CA GLU L 121 -8.69 -30.77 40.11
C GLU L 121 -8.38 -30.10 38.77
N ALA L 122 -8.30 -28.77 38.79
CA ALA L 122 -8.03 -27.96 37.58
C ALA L 122 -6.65 -28.25 36.99
N ILE L 123 -5.60 -28.04 37.78
CA ILE L 123 -4.21 -28.27 37.33
C ILE L 123 -4.07 -29.61 36.61
N ARG L 124 -4.64 -30.67 37.16
CA ARG L 124 -4.55 -31.99 36.55
C ARG L 124 -5.18 -31.99 35.16
N PHE L 125 -6.29 -31.27 35.03
CA PHE L 125 -6.99 -31.13 33.76
C PHE L 125 -6.10 -30.43 32.72
N TYR L 126 -5.74 -29.19 33.01
CA TYR L 126 -4.85 -28.42 32.14
C TYR L 126 -3.59 -29.18 31.77
N LYS L 127 -2.96 -29.80 32.78
CA LYS L 127 -1.77 -30.61 32.54
C LYS L 127 -2.07 -31.59 31.44
N LYS L 128 -3.23 -32.27 31.55
CA LYS L 128 -3.68 -33.25 30.55
C LYS L 128 -3.74 -32.65 29.14
N TYR L 129 -4.15 -31.39 29.05
CA TYR L 129 -4.09 -30.67 27.77
C TYR L 129 -2.70 -30.08 27.48
N GLY L 130 -1.65 -30.71 27.98
CA GLY L 130 -0.28 -30.34 27.63
C GLY L 130 0.27 -29.13 28.35
N PHE L 131 -0.61 -28.33 28.96
CA PHE L 131 -0.21 -27.14 29.67
C PHE L 131 0.82 -27.52 30.74
N VAL L 132 1.75 -26.59 31.00
CA VAL L 132 2.92 -26.76 31.88
C VAL L 132 2.92 -25.53 32.83
N ILE L 133 3.45 -25.72 34.05
CA ILE L 133 3.57 -24.64 35.03
C ILE L 133 4.81 -23.82 34.74
N THR L 134 4.62 -22.71 34.03
CA THR L 134 5.72 -21.84 33.59
C THR L 134 6.31 -20.94 34.66
N ALA L 135 5.48 -20.46 35.57
CA ALA L 135 5.96 -19.51 36.55
C ALA L 135 5.04 -19.54 37.78
N MET L 136 5.46 -18.92 38.87
CA MET L 136 4.62 -18.83 40.04
C MET L 136 4.44 -17.39 40.43
N LEU L 137 3.20 -16.98 40.63
CA LEU L 137 2.92 -15.60 40.95
C LEU L 137 2.52 -15.58 42.41
N PRO L 138 3.34 -14.95 43.26
CA PRO L 138 3.02 -14.88 44.66
C PRO L 138 1.96 -13.83 44.94
N ASN L 139 1.01 -14.18 45.82
CA ASN L 139 -0.05 -13.28 46.22
C ASN L 139 -0.91 -12.82 45.05
N TYR L 140 -1.17 -13.71 44.11
CA TYR L 140 -1.89 -13.31 42.91
C TYR L 140 -3.36 -13.14 43.20
N TYR L 141 -3.87 -13.96 44.09
CA TYR L 141 -5.29 -13.94 44.41
C TYR L 141 -5.64 -13.03 45.56
N SER L 142 -6.91 -12.70 45.67
CA SER L 142 -7.41 -11.78 46.68
C SER L 142 -7.12 -12.34 48.06
N ASP L 143 -7.13 -13.65 48.19
CA ASP L 143 -6.71 -14.28 49.42
C ASP L 143 -5.26 -13.98 49.65
N SER L 144 -4.57 -13.65 48.56
CA SER L 144 -3.12 -13.58 48.50
C SER L 144 -2.56 -14.96 48.27
N SER L 145 -3.42 -15.94 48.06
CA SER L 145 -2.97 -17.26 47.72
C SER L 145 -2.26 -17.09 46.40
N ASN L 146 -1.18 -17.81 46.23
CA ASN L 146 -0.37 -17.71 45.04
C ASN L 146 -0.99 -18.46 43.88
N ALA L 147 -0.71 -18.03 42.65
CA ALA L 147 -1.16 -18.74 41.46
C ALA L 147 0.01 -19.37 40.72
N TYR L 148 -0.30 -20.28 39.82
CA TYR L 148 0.63 -20.62 38.77
C TYR L 148 0.22 -20.00 37.43
N THR L 149 1.20 -19.69 36.61
CA THR L 149 0.98 -19.50 35.19
C THR L 149 1.16 -20.88 34.61
N MET L 150 0.28 -21.25 33.70
CA MET L 150 0.40 -22.51 33.00
C MET L 150 0.36 -22.18 31.52
N TRP L 151 1.00 -23.03 30.73
CA TRP L 151 1.32 -22.66 29.37
C TRP L 151 1.44 -23.81 28.40
N ARG L 152 0.85 -23.60 27.23
CA ARG L 152 0.93 -24.59 26.18
C ARG L 152 1.02 -23.93 24.82
N ILE L 153 1.56 -24.68 23.88
CA ILE L 153 1.59 -24.25 22.52
C ILE L 153 0.26 -24.63 21.91
N VAL L 154 -0.26 -23.81 21.00
CA VAL L 154 -1.48 -24.18 20.28
C VAL L 154 -1.21 -25.24 19.22
N LEU L 155 -0.13 -25.06 18.45
CA LEU L 155 0.21 -26.01 17.43
C LEU L 155 0.67 -27.33 18.01
N GLU L 156 0.30 -28.43 17.36
CA GLU L 156 0.76 -29.73 17.78
C GLU L 156 0.79 -30.70 16.62
N HIS L 157 1.79 -31.59 16.63
CA HIS L 157 1.89 -32.69 15.66
C HIS L 157 1.56 -32.26 14.20
N ALA M 8 43.26 34.34 5.48
CA ALA M 8 43.65 32.88 5.47
C ALA M 8 45.13 32.68 5.81
N VAL M 9 45.48 31.48 6.29
CA VAL M 9 46.87 31.13 6.62
C VAL M 9 47.31 29.93 5.78
N ALA M 10 48.60 29.61 5.86
CA ALA M 10 49.15 28.30 5.52
C ALA M 10 49.91 27.66 6.72
N GLY M 11 49.67 26.36 6.90
CA GLY M 11 50.26 25.55 7.97
C GLY M 11 50.10 24.08 7.59
N THR M 12 50.25 23.19 8.55
CA THR M 12 50.29 21.77 8.25
C THR M 12 49.41 21.00 9.23
N ILE M 13 48.88 19.85 8.81
CA ILE M 13 48.20 18.96 9.73
C ILE M 13 48.98 17.68 9.86
N ARG M 14 49.11 17.18 11.08
CA ARG M 14 49.66 15.84 11.33
C ARG M 14 48.93 15.22 12.52
N GLU M 15 49.06 13.91 12.71
CA GLU M 15 48.53 13.28 13.92
C GLU M 15 49.33 13.67 15.18
N PHE M 16 48.65 13.60 16.31
CA PHE M 16 49.17 14.06 17.59
C PHE M 16 50.12 13.03 18.16
N SER M 17 51.18 13.51 18.81
CA SER M 17 52.18 12.65 19.47
C SER M 17 52.40 13.16 20.89
N PRO M 18 52.52 12.22 21.88
CA PRO M 18 52.44 12.61 23.28
C PRO M 18 53.27 13.84 23.65
N LYS M 19 54.32 14.11 22.88
CA LYS M 19 55.17 15.31 23.08
C LYS M 19 54.41 16.65 23.03
N ASP M 20 53.29 16.68 22.32
CA ASP M 20 52.53 17.91 22.16
C ASP M 20 51.58 18.15 23.37
N ILE M 21 51.62 17.22 24.34
CA ILE M 21 50.66 17.22 25.46
C ILE M 21 50.44 18.58 26.13
N GLU M 22 51.50 19.37 26.26
CA GLU M 22 51.42 20.64 26.99
C GLU M 22 50.88 21.74 26.09
N SER M 23 51.33 21.76 24.82
CA SER M 23 50.91 22.78 23.88
C SER M 23 49.45 22.60 23.56
N VAL M 24 49.03 21.34 23.45
CA VAL M 24 47.61 21.00 23.27
C VAL M 24 46.80 21.31 24.54
N TYR M 25 47.22 20.74 25.66
CA TYR M 25 46.59 20.98 26.96
C TYR M 25 46.31 22.49 27.10
N ARG M 26 47.31 23.30 26.78
CA ARG M 26 47.21 24.74 26.95
C ARG M 26 46.01 25.22 26.19
N ILE M 27 45.96 24.95 24.91
CA ILE M 27 44.86 25.47 24.12
C ILE M 27 43.62 24.92 24.74
N ALA M 28 43.70 23.68 25.18
CA ALA M 28 42.54 23.02 25.68
C ALA M 28 42.05 23.81 26.86
N GLN M 29 42.97 24.27 27.68
CA GLN M 29 42.57 24.95 28.89
C GLN M 29 42.76 26.44 28.81
N THR M 30 43.13 26.92 27.63
CA THR M 30 43.12 28.34 27.32
C THR M 30 41.81 28.70 26.61
N SER M 31 41.04 27.67 26.30
CA SER M 31 39.81 27.78 25.57
C SER M 31 38.98 26.58 25.94
N LEU M 32 37.73 26.58 25.51
CA LEU M 32 36.83 25.47 25.72
C LEU M 32 36.12 25.52 27.05
N THR M 33 36.44 26.49 27.88
CA THR M 33 35.54 26.85 28.95
C THR M 33 35.41 25.68 29.89
N GLU M 34 36.29 24.70 29.74
CA GLU M 34 36.12 23.47 30.47
C GLU M 34 37.46 22.88 30.79
N TYR M 35 37.55 22.09 31.84
CA TYR M 35 38.84 21.65 32.33
C TYR M 35 39.11 20.20 32.11
N TYR M 36 40.12 19.93 31.30
CA TYR M 36 40.55 18.58 30.95
C TYR M 36 41.96 18.24 31.41
N THR M 37 42.05 17.36 32.40
CA THR M 37 43.34 16.86 32.87
C THR M 37 44.17 16.39 31.66
N GLN M 38 45.40 16.87 31.54
CA GLN M 38 46.36 16.24 30.64
C GLN M 38 46.20 14.72 30.60
N ALA M 39 45.97 14.12 31.77
CA ALA M 39 45.96 12.66 31.86
C ALA M 39 44.85 12.08 31.04
N LEU M 40 43.70 12.74 31.10
CA LEU M 40 42.54 12.43 30.25
C LEU M 40 42.93 12.60 28.75
N ILE M 41 43.22 13.83 28.33
CA ILE M 41 43.61 14.14 26.95
C ILE M 41 44.55 13.10 26.34
N LEU M 42 45.36 12.45 27.15
CA LEU M 42 46.30 11.48 26.62
C LEU M 42 45.66 10.09 26.45
N ASP M 43 44.58 9.81 27.19
CA ASP M 43 43.78 8.57 27.02
C ASP M 43 43.10 8.51 25.66
N LEU M 44 42.51 9.65 25.31
CA LEU M 44 41.76 9.83 24.08
C LEU M 44 42.62 9.47 22.89
N HIS M 45 43.86 9.90 22.93
CA HIS M 45 44.81 9.62 21.89
C HIS M 45 44.95 8.12 21.66
N ARG M 46 44.70 7.31 22.69
CA ARG M 46 44.88 5.87 22.51
C ARG M 46 43.68 5.17 21.87
N GLU M 47 42.48 5.70 22.09
CA GLU M 47 41.24 5.06 21.59
C GLU M 47 41.11 5.06 20.06
N TRP M 48 41.21 6.21 19.45
CA TRP M 48 41.27 6.29 18.01
C TRP M 48 42.42 7.19 17.66
N PRO M 49 43.64 6.62 17.55
CA PRO M 49 44.80 7.52 17.53
C PRO M 49 44.89 8.49 16.35
N GLU M 50 44.49 8.05 15.15
CA GLU M 50 44.62 8.91 13.95
C GLU M 50 43.56 10.01 13.92
N SER M 51 42.50 9.85 14.70
CA SER M 51 41.52 10.90 14.83
C SER M 51 42.11 12.14 15.49
N PHE M 52 43.09 11.94 16.38
CA PHE M 52 43.75 13.06 17.03
C PHE M 52 44.64 13.73 16.00
N MET M 53 44.41 15.00 15.73
CA MET M 53 45.14 15.68 14.69
C MET M 53 45.43 17.09 15.13
N VAL M 54 46.56 17.58 14.67
CA VAL M 54 47.00 18.87 15.10
C VAL M 54 47.35 19.70 13.90
N TYR M 55 47.05 20.98 13.97
CA TYR M 55 47.37 21.91 12.93
C TYR M 55 48.41 22.82 13.46
N THR M 56 49.52 22.89 12.74
CA THR M 56 50.69 23.52 13.29
C THR M 56 51.23 24.61 12.36
N VAL M 57 51.29 25.85 12.83
CA VAL M 57 52.05 26.91 12.11
C VAL M 57 53.38 27.21 12.81
N ALA M 58 54.39 27.48 11.97
CA ALA M 58 55.77 27.67 12.38
C ALA M 58 56.19 26.62 13.41
N GLY M 59 55.80 25.38 13.16
CA GLY M 59 56.25 24.27 14.00
C GLY M 59 55.61 24.19 15.38
N SER M 60 54.64 25.07 15.62
CA SER M 60 53.89 25.09 16.87
C SER M 60 52.44 24.74 16.60
N VAL M 61 51.93 23.75 17.33
CA VAL M 61 50.50 23.49 17.42
C VAL M 61 49.73 24.80 17.64
N VAL M 62 48.68 25.02 16.86
CA VAL M 62 47.74 26.12 17.12
C VAL M 62 46.28 25.68 17.04
N GLY M 63 46.06 24.38 16.83
CA GLY M 63 44.73 23.80 16.86
C GLY M 63 44.79 22.29 16.95
N PHE M 64 43.69 21.66 17.32
CA PHE M 64 43.64 20.21 17.25
C PHE M 64 42.21 19.75 17.26
N ILE M 65 42.02 18.45 17.00
CA ILE M 65 40.73 17.82 16.98
C ILE M 65 40.92 16.32 17.20
N VAL M 66 40.08 15.70 18.01
CA VAL M 66 40.22 14.25 18.25
C VAL M 66 38.83 13.64 18.30
N GLY M 67 38.73 12.35 18.00
CA GLY M 67 37.45 11.70 18.07
C GLY M 67 37.52 10.27 18.54
N SER M 68 36.42 9.55 18.32
CA SER M 68 36.29 8.13 18.66
C SER M 68 35.10 7.54 17.95
N LYS M 69 34.97 6.22 18.03
CA LYS M 69 33.96 5.54 17.23
C LYS M 69 32.88 5.01 18.14
N TYR M 70 31.64 5.47 17.94
CA TYR M 70 30.58 5.05 18.83
C TYR M 70 30.18 3.66 18.43
N SER M 71 29.92 3.48 17.15
CA SER M 71 29.54 2.18 16.60
C SER M 71 30.50 1.93 15.48
N ARG M 72 30.42 0.76 14.87
CA ARG M 72 31.30 0.43 13.74
C ARG M 72 31.33 1.60 12.74
N THR M 73 30.19 2.27 12.67
CA THR M 73 29.86 3.16 11.57
C THR M 73 29.50 4.62 12.01
N GLU M 74 29.44 4.86 13.32
CA GLU M 74 29.12 6.19 13.84
C GLU M 74 30.34 6.79 14.51
N ALA M 75 30.79 7.91 14.00
CA ALA M 75 31.99 8.54 14.51
C ALA M 75 31.61 9.64 15.43
N ARG M 76 32.57 10.03 16.26
CA ARG M 76 32.31 10.97 17.35
C ARG M 76 33.45 11.92 17.63
N ILE M 77 33.22 13.22 17.44
CA ILE M 77 34.17 14.26 17.79
C ILE M 77 34.11 14.57 19.28
N LEU M 78 35.22 14.33 19.98
CA LEU M 78 35.25 14.48 21.43
C LEU M 78 35.80 15.82 21.88
N LEU M 79 36.87 16.30 21.25
CA LEU M 79 37.44 17.62 21.56
C LEU M 79 37.77 18.34 20.26
N PHE M 80 37.50 19.63 20.20
CA PHE M 80 37.82 20.39 19.00
C PHE M 80 38.16 21.81 19.40
N ALA M 81 39.37 22.25 19.07
CA ALA M 81 39.84 23.57 19.54
C ALA M 81 40.98 24.19 18.73
N VAL M 82 40.94 25.53 18.63
CA VAL M 82 41.94 26.35 17.98
C VAL M 82 42.40 27.47 18.89
N ASP M 83 43.69 27.63 19.02
CA ASP M 83 44.24 28.65 19.87
C ASP M 83 43.60 29.89 19.36
N GLU M 84 43.22 30.77 20.27
CA GLU M 84 42.36 31.89 19.94
C GLU M 84 43.01 32.83 18.95
N ARG M 85 44.31 33.00 19.07
CA ARG M 85 45.00 34.01 18.33
C ARG M 85 44.81 33.71 16.87
N PHE M 86 44.39 32.49 16.57
CA PHE M 86 44.44 32.00 15.22
C PHE M 86 43.05 31.86 14.63
N ARG M 87 42.13 32.73 15.05
CA ARG M 87 40.71 32.55 14.71
C ARG M 87 40.34 32.88 13.26
N ARG M 88 40.92 33.94 12.70
CA ARG M 88 40.58 34.36 11.33
C ARG M 88 41.15 33.45 10.26
N MET M 89 42.00 32.52 10.65
CA MET M 89 42.94 31.88 9.72
C MET M 89 42.52 30.51 9.15
N GLY M 90 41.28 30.12 9.36
CA GLY M 90 40.76 28.91 8.70
C GLY M 90 41.30 27.62 9.24
N VAL M 91 41.86 27.66 10.45
CA VAL M 91 42.44 26.49 11.10
C VAL M 91 41.41 25.38 11.36
N GLY M 92 40.25 25.77 11.88
CA GLY M 92 39.19 24.81 12.21
C GLY M 92 38.59 24.17 10.98
N SER M 93 38.27 25.01 10.00
CA SER M 93 37.82 24.50 8.72
C SER M 93 38.76 23.38 8.22
N ALA M 94 40.07 23.63 8.32
CA ALA M 94 41.06 22.67 7.86
C ALA M 94 41.06 21.34 8.63
N LEU M 95 40.98 21.40 9.96
CA LEU M 95 40.86 20.21 10.83
C LEU M 95 39.54 19.43 10.65
N MET M 96 38.44 20.18 10.51
CA MET M 96 37.13 19.58 10.37
C MET M 96 37.13 18.75 9.08
N ASP M 97 37.58 19.40 8.00
CA ASP M 97 37.81 18.77 6.72
C ASP M 97 38.64 17.51 6.81
N ALA M 98 39.79 17.62 7.45
CA ALA M 98 40.66 16.47 7.60
C ALA M 98 39.98 15.34 8.37
N PHE M 99 39.19 15.72 9.39
CA PHE M 99 38.46 14.73 10.19
C PHE M 99 37.34 14.07 9.39
N LEU M 100 36.60 14.87 8.62
CA LEU M 100 35.51 14.37 7.78
C LEU M 100 36.08 13.49 6.69
N SER M 101 37.24 13.87 6.16
CA SER M 101 37.93 13.02 5.20
C SER M 101 38.35 11.67 5.76
N LEU M 102 38.81 11.65 7.00
CA LEU M 102 39.21 10.40 7.63
C LEU M 102 38.01 9.47 7.86
N CYS M 103 36.91 10.00 8.39
CA CYS M 103 35.63 9.29 8.51
C CYS M 103 35.31 8.64 7.17
N ARG M 104 35.38 9.44 6.11
CA ARG M 104 35.16 8.94 4.75
C ARG M 104 36.01 7.68 4.50
N GLU M 105 37.35 7.81 4.47
CA GLU M 105 38.21 6.66 4.14
C GLU M 105 38.11 5.51 5.13
N GLN M 106 37.63 5.77 6.35
CA GLN M 106 37.50 4.69 7.36
C GLN M 106 36.11 4.07 7.28
N ASN M 107 35.26 4.63 6.43
CA ASN M 107 33.86 4.18 6.26
C ASN M 107 32.89 4.46 7.46
N MET M 108 33.19 5.52 8.18
CA MET M 108 32.25 6.08 9.11
C MET M 108 31.14 6.75 8.30
N LEU M 109 29.89 6.46 8.67
CA LEU M 109 28.74 7.05 7.98
C LEU M 109 28.20 8.34 8.60
N SER M 110 28.32 8.51 9.92
CA SER M 110 27.85 9.75 10.57
C SER M 110 28.76 10.22 11.71
N VAL M 111 28.84 11.51 11.91
CA VAL M 111 29.66 12.04 12.98
C VAL M 111 28.79 12.82 13.94
N ARG M 112 29.00 12.64 15.26
CA ARG M 112 28.34 13.52 16.22
C ARG M 112 29.25 14.22 17.21
N LEU M 113 28.78 15.35 17.74
CA LEU M 113 29.57 16.16 18.63
C LEU M 113 28.75 16.94 19.62
N GLU M 114 29.32 17.21 20.80
CA GLU M 114 28.63 17.91 21.87
C GLU M 114 29.15 19.36 21.96
N VAL M 115 28.28 20.28 22.36
CA VAL M 115 28.69 21.66 22.56
C VAL M 115 27.82 22.37 23.63
N ARG M 116 28.32 23.46 24.19
CA ARG M 116 27.59 24.29 25.15
C ARG M 116 26.56 25.13 24.40
N THR M 117 25.42 25.41 25.01
CA THR M 117 24.32 26.12 24.32
C THR M 117 24.51 27.65 24.18
N ASP M 118 25.49 28.18 24.93
CA ASP M 118 25.87 29.58 24.88
C ASP M 118 26.95 29.85 23.86
N ASN M 119 27.64 28.79 23.42
CA ASN M 119 28.81 28.91 22.55
C ASN M 119 28.38 29.03 21.10
N ASP M 120 27.85 30.19 20.75
CA ASP M 120 27.25 30.41 19.43
C ASP M 120 28.34 30.44 18.38
N GLU M 121 29.47 31.03 18.79
CA GLU M 121 30.74 30.94 18.05
C GLU M 121 30.91 29.57 17.35
N ALA M 122 30.89 28.52 18.17
CA ALA M 122 31.04 27.17 17.67
C ALA M 122 29.87 26.73 16.83
N ILE M 123 28.66 26.95 17.34
CA ILE M 123 27.46 26.37 16.72
C ILE M 123 27.35 26.84 15.25
N ARG M 124 27.57 28.12 15.00
CA ARG M 124 27.49 28.61 13.61
C ARG M 124 28.43 27.81 12.71
N PHE M 125 29.68 27.64 13.12
CA PHE M 125 30.63 26.77 12.41
C PHE M 125 30.12 25.34 12.13
N TYR M 126 29.64 24.64 13.17
CA TYR M 126 29.13 23.28 12.99
C TYR M 126 27.93 23.25 12.08
N LYS M 127 27.10 24.29 12.19
CA LYS M 127 25.90 24.38 11.38
C LYS M 127 26.30 24.44 9.92
N LYS M 128 27.22 25.37 9.64
CA LYS M 128 27.80 25.58 8.30
C LYS M 128 28.35 24.30 7.72
N TYR M 129 28.87 23.44 8.58
CA TYR M 129 29.37 22.12 8.17
C TYR M 129 28.24 21.11 8.07
N GLY M 130 27.01 21.56 8.35
CA GLY M 130 25.83 20.75 8.13
C GLY M 130 25.46 19.91 9.33
N PHE M 131 26.03 20.25 10.48
CA PHE M 131 25.63 19.60 11.70
C PHE M 131 24.27 20.15 12.10
N VAL M 132 23.39 19.25 12.55
CA VAL M 132 22.09 19.65 13.04
C VAL M 132 22.01 19.31 14.50
N ILE M 133 21.34 20.17 15.27
CA ILE M 133 20.97 19.91 16.66
C ILE M 133 19.96 18.76 16.70
N THR M 134 20.14 17.81 17.62
CA THR M 134 19.24 16.65 17.74
C THR M 134 18.77 16.32 19.17
N ALA M 135 19.46 16.89 20.17
CA ALA M 135 19.17 16.62 21.56
C ALA M 135 19.82 17.61 22.53
N MET M 136 19.32 17.57 23.74
CA MET M 136 19.65 18.53 24.77
C MET M 136 20.17 17.74 25.96
N LEU M 137 21.42 17.97 26.31
CA LEU M 137 22.03 17.30 27.42
C LEU M 137 22.06 18.27 28.57
N PRO M 138 21.02 18.24 29.43
CA PRO M 138 20.97 19.27 30.47
C PRO M 138 21.90 18.91 31.64
N ASN M 139 22.54 19.90 32.24
CA ASN M 139 23.57 19.63 33.24
C ASN M 139 24.57 18.58 32.78
N TYR M 140 25.10 18.77 31.57
CA TYR M 140 26.16 17.93 31.01
C TYR M 140 27.47 18.33 31.70
N TYR M 141 27.78 19.63 31.66
CA TYR M 141 29.09 20.17 32.05
C TYR M 141 29.34 20.26 33.57
N SER M 142 30.62 20.43 33.92
CA SER M 142 31.05 20.52 35.32
C SER M 142 30.34 21.65 36.04
N ASP M 143 30.23 22.83 35.42
CA ASP M 143 29.48 23.95 36.03
C ASP M 143 27.98 23.86 35.72
N SER M 144 27.49 22.65 35.51
CA SER M 144 26.07 22.37 35.35
C SER M 144 25.37 23.19 34.25
N SER M 145 26.11 23.49 33.18
CA SER M 145 25.57 24.20 32.03
C SER M 145 25.08 23.21 30.98
N ASN M 146 24.03 23.56 30.26
CA ASN M 146 23.44 22.62 29.30
C ASN M 146 24.28 22.47 28.04
N ALA M 147 24.13 21.33 27.36
CA ALA M 147 24.83 21.05 26.10
C ALA M 147 23.88 20.57 25.00
N TYR M 148 24.37 20.60 23.76
CA TYR M 148 23.63 20.15 22.58
C TYR M 148 24.38 19.00 21.94
N THR M 149 23.69 17.92 21.56
CA THR M 149 24.28 16.88 20.69
C THR M 149 23.95 17.25 19.26
N MET M 150 24.97 17.51 18.44
CA MET M 150 24.79 17.82 17.01
C MET M 150 25.25 16.66 16.14
N TRP M 151 24.68 16.51 14.94
CA TRP M 151 24.87 15.28 14.15
C TRP M 151 24.79 15.59 12.68
N ARG M 152 25.42 14.74 11.86
CA ARG M 152 25.30 14.80 10.36
C ARG M 152 25.76 13.52 9.65
N ILE M 153 25.46 13.46 8.37
CA ILE M 153 25.73 12.26 7.58
C ILE M 153 26.99 12.51 6.80
N VAL M 154 27.63 11.43 6.37
CA VAL M 154 28.84 11.46 5.56
C VAL M 154 28.63 10.57 4.31
N LEU M 155 28.84 11.15 3.13
CA LEU M 155 28.56 10.47 1.86
C LEU M 155 29.84 10.18 1.04
N GLU M 156 29.89 9.05 0.33
CA GLU M 156 31.04 8.74 -0.53
C GLU M 156 30.75 9.08 -2.00
N VAL N 9 -45.76 -27.96 -3.74
CA VAL N 9 -46.62 -29.08 -4.11
C VAL N 9 -48.05 -28.78 -3.70
N ALA N 10 -48.78 -29.81 -3.30
CA ALA N 10 -50.10 -29.63 -2.73
C ALA N 10 -50.06 -28.87 -1.40
N GLY N 11 -49.02 -29.14 -0.63
CA GLY N 11 -48.88 -28.73 0.75
C GLY N 11 -48.54 -27.30 1.08
N THR N 12 -48.67 -26.98 2.36
CA THR N 12 -48.17 -25.74 2.91
C THR N 12 -47.21 -26.03 4.06
N ILE N 13 -46.65 -24.98 4.63
CA ILE N 13 -45.61 -25.05 5.66
C ILE N 13 -46.22 -24.49 6.91
N ARG N 14 -45.78 -24.96 8.07
CA ARG N 14 -46.18 -24.33 9.32
C ARG N 14 -45.20 -24.65 10.39
N GLU N 15 -45.34 -23.93 11.51
CA GLU N 15 -44.50 -24.14 12.69
C GLU N 15 -44.84 -25.49 13.34
N PHE N 16 -43.91 -26.02 14.11
CA PHE N 16 -44.06 -27.34 14.75
C PHE N 16 -44.81 -27.12 16.03
N SER N 17 -45.78 -28.00 16.28
CA SER N 17 -46.49 -28.10 17.56
C SER N 17 -46.34 -29.55 18.02
N PRO N 18 -46.09 -29.78 19.32
CA PRO N 18 -45.81 -31.14 19.81
C PRO N 18 -46.68 -32.24 19.24
N LYS N 19 -47.93 -31.93 18.91
CA LYS N 19 -48.83 -32.90 18.28
C LYS N 19 -48.16 -33.70 17.15
N ASP N 20 -47.15 -33.12 16.50
CA ASP N 20 -46.52 -33.71 15.32
C ASP N 20 -45.40 -34.73 15.63
N ILE N 21 -45.08 -34.95 16.90
CA ILE N 21 -43.91 -35.72 17.29
C ILE N 21 -43.83 -37.15 16.73
N GLU N 22 -44.92 -37.90 16.72
CA GLU N 22 -44.86 -39.26 16.18
C GLU N 22 -44.55 -39.19 14.68
N SER N 23 -45.15 -38.18 14.04
CA SER N 23 -44.98 -37.92 12.61
C SER N 23 -43.52 -37.62 12.28
N VAL N 24 -42.90 -36.76 13.08
CA VAL N 24 -41.50 -36.43 12.89
C VAL N 24 -40.59 -37.62 13.28
N TYR N 25 -40.93 -38.36 14.34
CA TYR N 25 -40.07 -39.46 14.80
C TYR N 25 -39.88 -40.40 13.63
N ARG N 26 -41.01 -40.75 13.01
CA ARG N 26 -41.08 -41.71 11.90
C ARG N 26 -40.23 -41.27 10.69
N ILE N 27 -40.32 -39.99 10.36
CA ILE N 27 -39.54 -39.47 9.25
C ILE N 27 -38.05 -39.51 9.59
N ALA N 28 -37.65 -38.91 10.71
CA ALA N 28 -36.27 -39.00 11.16
C ALA N 28 -35.75 -40.45 11.18
N GLN N 29 -36.60 -41.38 11.60
CA GLN N 29 -36.20 -42.77 11.76
C GLN N 29 -35.85 -43.44 10.41
N THR N 30 -36.69 -43.22 9.42
CA THR N 30 -36.53 -43.79 8.09
C THR N 30 -35.58 -42.99 7.17
N SER N 31 -35.64 -41.67 7.26
CA SER N 31 -34.81 -40.78 6.44
C SER N 31 -33.37 -40.65 6.96
N LEU N 32 -33.22 -40.29 8.22
CA LEU N 32 -31.90 -40.09 8.78
C LEU N 32 -31.24 -41.38 9.31
N THR N 33 -29.94 -41.47 9.11
CA THR N 33 -29.14 -42.61 9.53
C THR N 33 -29.19 -42.86 11.05
N GLU N 34 -28.90 -41.80 11.80
CA GLU N 34 -28.75 -41.92 13.24
C GLU N 34 -30.12 -42.03 13.93
N TYR N 35 -30.07 -42.41 15.21
CA TYR N 35 -31.26 -42.65 16.03
C TYR N 35 -31.59 -41.45 16.93
N TYR N 36 -32.77 -40.88 16.73
CA TYR N 36 -33.22 -39.72 17.49
C TYR N 36 -34.49 -40.05 18.25
N THR N 37 -34.35 -40.22 19.56
CA THR N 37 -35.49 -40.37 20.46
C THR N 37 -36.48 -39.19 20.43
N GLN N 38 -37.76 -39.50 20.68
CA GLN N 38 -38.80 -38.48 20.71
C GLN N 38 -38.42 -37.41 21.69
N ALA N 39 -37.71 -37.79 22.74
CA ALA N 39 -37.37 -36.83 23.79
C ALA N 39 -36.42 -35.80 23.26
N LEU N 40 -35.38 -36.31 22.61
CA LEU N 40 -34.32 -35.46 22.07
C LEU N 40 -34.88 -34.52 20.99
N ILE N 41 -35.90 -34.98 20.27
CA ILE N 41 -36.48 -34.19 19.18
C ILE N 41 -37.32 -33.08 19.75
N LEU N 42 -38.14 -33.39 20.74
CA LEU N 42 -38.84 -32.34 21.47
C LEU N 42 -37.84 -31.31 22.01
N ASP N 43 -36.74 -31.76 22.60
CA ASP N 43 -35.78 -30.83 23.18
C ASP N 43 -35.30 -29.68 22.26
N LEU N 44 -35.25 -29.92 20.95
CA LEU N 44 -34.73 -28.95 19.99
C LEU N 44 -35.74 -27.81 19.72
N HIS N 45 -37.03 -28.14 19.90
CA HIS N 45 -38.13 -27.19 19.75
C HIS N 45 -38.05 -26.10 20.82
N ARG N 46 -37.34 -26.37 21.92
CA ARG N 46 -37.16 -25.36 22.97
C ARG N 46 -36.16 -24.24 22.62
N GLU N 47 -35.04 -24.61 22.01
CA GLU N 47 -33.98 -23.64 21.68
C GLU N 47 -34.41 -22.57 20.69
N TRP N 48 -35.05 -22.99 19.59
CA TRP N 48 -35.56 -22.05 18.59
C TRP N 48 -36.86 -22.65 18.06
N PRO N 49 -37.99 -22.36 18.75
CA PRO N 49 -39.21 -23.09 18.40
C PRO N 49 -39.80 -22.69 17.05
N GLU N 50 -39.57 -21.44 16.65
CA GLU N 50 -40.09 -20.95 15.38
C GLU N 50 -39.24 -21.41 14.19
N SER N 51 -38.05 -21.95 14.47
CA SER N 51 -37.16 -22.47 13.41
C SER N 51 -37.50 -23.91 13.10
N PHE N 52 -38.44 -24.47 13.85
CA PHE N 52 -38.81 -25.87 13.74
C PHE N 52 -40.04 -25.79 12.91
N MET N 53 -40.00 -26.33 11.71
CA MET N 53 -41.12 -26.22 10.81
C MET N 53 -41.38 -27.52 10.11
N VAL N 54 -42.61 -27.67 9.66
CA VAL N 54 -43.03 -28.90 9.01
C VAL N 54 -43.77 -28.55 7.74
N TYR N 55 -43.68 -29.46 6.76
CA TYR N 55 -44.40 -29.33 5.52
C TYR N 55 -45.50 -30.34 5.55
N THR N 56 -46.73 -29.84 5.46
CA THR N 56 -47.89 -30.68 5.58
C THR N 56 -48.52 -30.82 4.20
N VAL N 57 -48.94 -32.05 3.90
CA VAL N 57 -49.61 -32.46 2.65
C VAL N 57 -50.62 -33.56 2.96
N ALA N 58 -51.87 -33.38 2.53
CA ALA N 58 -53.00 -34.24 2.93
C ALA N 58 -53.32 -34.03 4.41
N GLY N 59 -53.00 -32.83 4.93
CA GLY N 59 -53.06 -32.57 6.36
C GLY N 59 -52.12 -33.42 7.21
N SER N 60 -51.05 -33.92 6.58
CA SER N 60 -50.10 -34.83 7.22
C SER N 60 -48.65 -34.39 6.98
N VAL N 61 -47.88 -34.28 8.06
CA VAL N 61 -46.49 -33.84 8.01
C VAL N 61 -45.70 -34.80 7.13
N VAL N 62 -45.00 -34.25 6.13
CA VAL N 62 -44.19 -35.05 5.18
C VAL N 62 -42.73 -34.60 5.08
N GLY N 63 -42.36 -33.63 5.90
CA GLY N 63 -40.98 -33.19 5.99
C GLY N 63 -40.84 -32.15 7.07
N PHE N 64 -39.61 -31.94 7.54
CA PHE N 64 -39.41 -31.02 8.65
C PHE N 64 -37.97 -30.57 8.70
N ILE N 65 -37.78 -29.34 9.14
CA ILE N 65 -36.46 -28.81 9.38
C ILE N 65 -36.48 -28.08 10.70
N VAL N 66 -35.37 -28.13 11.42
CA VAL N 66 -35.28 -27.42 12.68
C VAL N 66 -33.87 -26.96 12.95
N GLY N 67 -33.73 -25.78 13.53
CA GLY N 67 -32.42 -25.20 13.76
C GLY N 67 -32.19 -24.74 15.18
N SER N 68 -31.00 -24.20 15.41
CA SER N 68 -30.69 -23.45 16.61
C SER N 68 -29.76 -22.32 16.25
N LYS N 69 -29.54 -21.41 17.17
CA LYS N 69 -28.64 -20.30 16.91
C LYS N 69 -27.36 -20.58 17.63
N TYR N 70 -26.27 -20.67 16.90
CA TYR N 70 -24.99 -20.80 17.52
C TYR N 70 -24.63 -19.54 18.25
N SER N 71 -24.93 -18.42 17.62
CA SER N 71 -24.43 -17.15 18.05
C SER N 71 -25.48 -16.14 17.68
N ARG N 72 -25.24 -14.90 18.06
CA ARG N 72 -26.24 -13.88 17.86
C ARG N 72 -26.55 -13.83 16.38
N THR N 73 -25.56 -14.16 15.58
CA THR N 73 -25.72 -14.00 14.13
C THR N 73 -25.68 -15.31 13.35
N GLU N 74 -24.93 -16.31 13.84
CA GLU N 74 -24.79 -17.57 13.12
C GLU N 74 -25.86 -18.54 13.53
N ALA N 75 -26.59 -19.08 12.54
CA ALA N 75 -27.66 -20.07 12.75
C ALA N 75 -27.17 -21.48 12.43
N ARG N 76 -27.90 -22.47 12.93
CA ARG N 76 -27.58 -23.87 12.61
C ARG N 76 -28.79 -24.59 12.06
N ILE N 77 -28.53 -25.62 11.27
CA ILE N 77 -29.58 -26.55 10.94
C ILE N 77 -29.14 -27.82 11.62
N LEU N 78 -30.05 -28.37 12.42
CA LEU N 78 -29.77 -29.56 13.23
C LEU N 78 -30.30 -30.83 12.61
N LEU N 79 -31.60 -30.86 12.35
CA LEU N 79 -32.19 -31.94 11.54
C LEU N 79 -32.86 -31.36 10.34
N PHE N 80 -32.81 -32.14 9.26
CA PHE N 80 -33.49 -31.80 8.02
C PHE N 80 -33.87 -33.10 7.33
N ALA N 81 -35.16 -33.38 7.18
CA ALA N 81 -35.55 -34.63 6.51
C ALA N 81 -36.92 -34.57 5.82
N VAL N 82 -37.04 -35.35 4.74
CA VAL N 82 -38.29 -35.44 3.97
C VAL N 82 -38.69 -36.89 3.74
N ASP N 83 -39.97 -37.16 3.94
CA ASP N 83 -40.50 -38.50 3.86
C ASP N 83 -39.98 -39.20 2.58
N GLU N 84 -39.59 -40.46 2.70
CA GLU N 84 -39.04 -41.22 1.58
C GLU N 84 -39.95 -41.25 0.33
N ARG N 85 -41.27 -41.13 0.51
CA ARG N 85 -42.21 -41.24 -0.62
C ARG N 85 -42.54 -39.90 -1.26
N PHE N 86 -42.04 -38.80 -0.70
CA PHE N 86 -42.36 -37.43 -1.17
C PHE N 86 -41.12 -36.67 -1.67
N ARG N 87 -40.07 -37.44 -2.02
CA ARG N 87 -38.76 -36.86 -2.35
C ARG N 87 -38.73 -36.03 -3.65
N ARG N 88 -39.66 -36.30 -4.57
CA ARG N 88 -39.66 -35.60 -5.86
C ARG N 88 -40.72 -34.51 -5.95
N MET N 89 -41.03 -33.84 -4.86
CA MET N 89 -42.01 -32.76 -4.94
C MET N 89 -41.49 -31.43 -4.39
N GLY N 90 -40.15 -31.30 -4.26
CA GLY N 90 -39.51 -30.07 -3.76
C GLY N 90 -40.08 -29.62 -2.43
N VAL N 91 -40.11 -30.57 -1.51
CA VAL N 91 -40.56 -30.36 -0.15
C VAL N 91 -39.37 -29.85 0.62
N GLY N 92 -38.23 -30.52 0.43
CA GLY N 92 -36.94 -30.07 0.95
C GLY N 92 -36.62 -28.66 0.48
N SER N 93 -36.86 -28.43 -0.80
CA SER N 93 -36.51 -27.16 -1.46
C SER N 93 -37.32 -26.05 -0.82
N ALA N 94 -38.50 -26.42 -0.31
CA ALA N 94 -39.49 -25.47 0.25
C ALA N 94 -39.25 -25.14 1.69
N LEU N 95 -38.83 -26.16 2.47
CA LEU N 95 -38.51 -26.04 3.90
C LEU N 95 -37.23 -25.22 4.08
N MET N 96 -36.23 -25.49 3.23
CA MET N 96 -34.94 -24.79 3.25
C MET N 96 -35.12 -23.32 3.02
N ASP N 97 -36.06 -23.03 2.12
CA ASP N 97 -36.36 -21.66 1.78
C ASP N 97 -36.95 -20.95 2.98
N ALA N 98 -37.99 -21.56 3.54
CA ALA N 98 -38.69 -20.99 4.67
C ALA N 98 -37.74 -20.76 5.85
N PHE N 99 -36.77 -21.68 6.02
CA PHE N 99 -35.78 -21.58 7.09
C PHE N 99 -34.88 -20.37 6.86
N LEU N 100 -34.48 -20.20 5.59
CA LEU N 100 -33.63 -19.06 5.21
C LEU N 100 -34.38 -17.73 5.37
N SER N 101 -35.60 -17.69 4.83
CA SER N 101 -36.48 -16.56 5.07
C SER N 101 -36.48 -16.11 6.52
N LEU N 102 -36.64 -17.08 7.44
CA LEU N 102 -36.60 -16.85 8.90
C LEU N 102 -35.26 -16.28 9.34
N CYS N 103 -34.17 -16.75 8.73
CA CYS N 103 -32.83 -16.27 9.06
C CYS N 103 -32.70 -14.80 8.74
N ARG N 104 -33.06 -14.39 7.52
CA ARG N 104 -33.01 -12.96 7.16
C ARG N 104 -34.10 -12.14 7.86
N GLU N 105 -35.15 -12.78 8.35
CA GLU N 105 -36.19 -12.06 9.12
C GLU N 105 -35.78 -11.75 10.58
N GLN N 106 -34.79 -12.51 11.04
CA GLN N 106 -34.19 -12.33 12.34
C GLN N 106 -32.77 -11.85 12.20
N ASN N 107 -32.42 -11.35 11.03
CA ASN N 107 -31.13 -10.75 10.87
C ASN N 107 -29.99 -11.66 11.27
N MET N 108 -30.02 -12.88 10.77
CA MET N 108 -28.92 -13.81 10.98
C MET N 108 -28.08 -13.89 9.74
N LEU N 109 -26.80 -13.62 9.88
CA LEU N 109 -25.88 -13.62 8.74
C LEU N 109 -25.54 -14.93 8.07
N SER N 110 -25.36 -15.99 8.85
CA SER N 110 -24.85 -17.25 8.27
C SER N 110 -25.60 -18.47 8.78
N VAL N 111 -25.66 -19.52 7.99
CA VAL N 111 -26.13 -20.79 8.55
C VAL N 111 -25.14 -21.90 8.21
N ARG N 112 -24.91 -22.77 9.20
CA ARG N 112 -24.05 -23.91 9.02
C ARG N 112 -24.80 -25.19 9.37
N LEU N 113 -24.29 -26.33 8.90
CA LEU N 113 -24.90 -27.60 9.22
C LEU N 113 -23.90 -28.72 9.11
N GLU N 114 -24.27 -29.90 9.62
CA GLU N 114 -23.36 -31.05 9.63
C GLU N 114 -24.00 -32.10 8.78
N VAL N 115 -23.20 -32.75 7.92
CA VAL N 115 -23.70 -33.78 6.96
C VAL N 115 -22.70 -34.93 6.74
N ARG N 116 -23.18 -36.15 6.55
CA ARG N 116 -22.27 -37.28 6.41
C ARG N 116 -21.61 -37.28 5.01
N THR N 117 -20.31 -37.55 4.97
CA THR N 117 -19.55 -37.51 3.72
C THR N 117 -20.09 -38.51 2.64
N ASP N 118 -20.74 -39.58 3.07
CA ASP N 118 -21.36 -40.54 2.14
C ASP N 118 -22.80 -40.16 1.75
N ASN N 119 -23.29 -38.99 2.20
CA ASN N 119 -24.66 -38.58 1.94
C ASN N 119 -24.71 -37.70 0.70
N ASP N 120 -24.30 -38.27 -0.43
CA ASP N 120 -24.19 -37.54 -1.70
C ASP N 120 -25.47 -36.80 -2.06
N GLU N 121 -26.60 -37.50 -1.96
CA GLU N 121 -27.95 -36.95 -2.12
C GLU N 121 -28.08 -35.60 -1.40
N ALA N 122 -27.92 -35.63 -0.08
CA ALA N 122 -28.12 -34.46 0.74
C ALA N 122 -27.08 -33.38 0.45
N ILE N 123 -25.80 -33.75 0.44
CA ILE N 123 -24.68 -32.80 0.24
C ILE N 123 -24.86 -31.94 -1.01
N ARG N 124 -25.29 -32.56 -2.10
CA ARG N 124 -25.48 -31.85 -3.36
C ARG N 124 -26.69 -30.96 -3.25
N PHE N 125 -27.75 -31.44 -2.61
CA PHE N 125 -28.89 -30.58 -2.29
C PHE N 125 -28.45 -29.33 -1.53
N TYR N 126 -27.63 -29.54 -0.50
CA TYR N 126 -27.16 -28.43 0.30
C TYR N 126 -26.25 -27.55 -0.55
N LYS N 127 -25.42 -28.17 -1.39
CA LYS N 127 -24.52 -27.44 -2.29
C LYS N 127 -25.30 -26.56 -3.27
N LYS N 128 -26.30 -27.16 -3.90
CA LYS N 128 -27.20 -26.49 -4.84
C LYS N 128 -27.77 -25.21 -4.24
N TYR N 129 -27.91 -25.20 -2.93
CA TYR N 129 -28.37 -24.04 -2.19
C TYR N 129 -27.24 -23.13 -1.80
N GLY N 130 -26.03 -23.40 -2.29
CA GLY N 130 -24.86 -22.54 -2.04
C GLY N 130 -24.14 -22.72 -0.70
N PHE N 131 -24.25 -23.91 -0.12
CA PHE N 131 -23.46 -24.26 1.02
C PHE N 131 -22.15 -24.85 0.50
N VAL N 132 -21.03 -24.47 1.11
CA VAL N 132 -19.73 -25.06 0.79
C VAL N 132 -19.21 -25.86 1.95
N ILE N 133 -18.41 -26.89 1.66
CA ILE N 133 -17.77 -27.64 2.73
C ILE N 133 -16.70 -26.71 3.29
N THR N 134 -16.58 -26.62 4.60
CA THR N 134 -15.55 -25.80 5.25
C THR N 134 -14.54 -26.61 6.07
N ALA N 135 -14.98 -27.71 6.70
CA ALA N 135 -14.09 -28.60 7.46
C ALA N 135 -14.63 -30.03 7.53
N MET N 136 -13.86 -30.87 8.17
CA MET N 136 -14.22 -32.23 8.38
C MET N 136 -14.19 -32.51 9.86
N LEU N 137 -15.25 -33.13 10.36
CA LEU N 137 -15.27 -33.53 11.74
C LEU N 137 -14.90 -34.98 11.68
N PRO N 138 -13.79 -35.36 12.27
CA PRO N 138 -13.10 -36.56 11.84
C PRO N 138 -13.94 -37.80 12.00
N ASN N 139 -14.59 -37.97 13.14
CA ASN N 139 -15.48 -39.10 13.36
C ASN N 139 -16.69 -38.63 14.12
N TYR N 140 -17.51 -37.83 13.47
CA TYR N 140 -18.63 -37.17 14.14
C TYR N 140 -19.73 -38.08 14.60
N TYR N 141 -20.08 -39.02 13.74
CA TYR N 141 -21.26 -39.81 13.95
C TYR N 141 -21.08 -40.94 14.89
N SER N 142 -22.19 -41.55 15.27
CA SER N 142 -22.13 -42.70 16.14
C SER N 142 -21.40 -43.80 15.44
N ASP N 143 -21.61 -43.92 14.15
CA ASP N 143 -21.08 -45.06 13.42
C ASP N 143 -19.59 -44.88 13.25
N SER N 144 -19.08 -43.82 13.85
CA SER N 144 -17.68 -43.52 13.77
C SER N 144 -17.32 -43.26 12.33
N SER N 145 -18.15 -42.46 11.71
CA SER N 145 -17.96 -42.00 10.35
C SER N 145 -17.83 -40.49 10.36
N ASN N 146 -17.36 -39.97 9.23
CA ASN N 146 -17.01 -38.57 9.13
C ASN N 146 -18.18 -37.75 8.68
N ALA N 147 -18.21 -36.53 9.20
CA ALA N 147 -19.19 -35.54 8.84
C ALA N 147 -18.44 -34.40 8.22
N TYR N 148 -19.10 -33.73 7.27
CA TYR N 148 -18.68 -32.42 6.81
C TYR N 148 -19.44 -31.36 7.57
N THR N 149 -18.84 -30.17 7.63
CA THR N 149 -19.53 -29.00 8.08
C THR N 149 -19.67 -28.09 6.88
N MET N 150 -20.88 -27.64 6.60
CA MET N 150 -21.12 -26.78 5.43
C MET N 150 -21.74 -25.47 5.86
N TRP N 151 -21.51 -24.43 5.05
CA TRP N 151 -21.71 -23.05 5.47
C TRP N 151 -22.12 -22.17 4.31
N ARG N 152 -22.93 -21.15 4.60
CA ARG N 152 -23.24 -20.10 3.61
C ARG N 152 -23.69 -18.83 4.31
N ILE N 153 -23.95 -17.78 3.53
CA ILE N 153 -24.28 -16.47 4.05
C ILE N 153 -25.70 -16.11 3.65
N VAL N 154 -26.32 -15.25 4.45
CA VAL N 154 -27.67 -14.75 4.21
C VAL N 154 -27.68 -13.22 4.30
N LEU N 155 -27.94 -12.56 3.16
CA LEU N 155 -28.07 -11.09 3.07
C LEU N 155 -29.31 -10.74 2.24
N GLU N 156 -29.82 -9.51 2.35
CA GLU N 156 -31.11 -9.15 1.73
C GLU N 156 -31.10 -7.76 1.05
N HIS N 157 -31.72 -7.65 -0.13
CA HIS N 157 -31.93 -6.35 -0.84
C HIS N 157 -33.41 -6.04 -1.05
N ALA O 8 13.08 -42.14 18.84
CA ALA O 8 13.88 -43.40 19.07
C ALA O 8 13.78 -44.39 17.89
N VAL O 9 12.58 -44.90 17.64
CA VAL O 9 12.32 -45.74 16.45
C VAL O 9 12.84 -44.96 15.25
N ALA O 10 13.79 -45.57 14.53
CA ALA O 10 14.49 -44.91 13.42
C ALA O 10 13.56 -44.67 12.23
N GLY O 11 14.06 -43.87 11.30
CA GLY O 11 13.32 -43.54 10.09
C GLY O 11 12.40 -42.37 10.31
N THR O 12 12.70 -41.25 9.64
CA THR O 12 11.87 -40.06 9.71
C THR O 12 11.86 -39.36 8.37
N ILE O 13 10.97 -38.38 8.22
CA ILE O 13 10.81 -37.61 6.98
C ILE O 13 11.79 -36.43 6.88
N ARG O 14 12.24 -36.16 5.65
CA ARG O 14 13.00 -34.97 5.33
C ARG O 14 12.64 -34.59 3.92
N GLU O 15 13.17 -33.47 3.45
CA GLU O 15 12.81 -33.03 2.11
C GLU O 15 13.60 -33.83 1.09
N PHE O 16 13.00 -33.95 -0.09
CA PHE O 16 13.67 -34.50 -1.25
C PHE O 16 14.89 -33.67 -1.60
N SER O 17 15.91 -34.33 -2.10
CA SER O 17 17.13 -33.66 -2.55
C SER O 17 17.57 -34.37 -3.81
N PRO O 18 18.14 -33.64 -4.78
CA PRO O 18 18.51 -34.32 -6.02
C PRO O 18 19.49 -35.49 -5.88
N LYS O 19 20.13 -35.65 -4.73
CA LYS O 19 20.86 -36.90 -4.46
C LYS O 19 19.90 -38.09 -4.35
N ASP O 20 18.66 -37.83 -3.95
CA ASP O 20 17.70 -38.90 -3.69
C ASP O 20 17.20 -39.61 -4.96
N ILE O 21 17.44 -39.02 -6.13
CA ILE O 21 16.73 -39.40 -7.37
C ILE O 21 16.74 -40.90 -7.62
N GLU O 22 17.93 -41.50 -7.59
CA GLU O 22 18.07 -42.91 -7.95
C GLU O 22 17.10 -43.78 -7.12
N SER O 23 17.02 -43.49 -5.83
CA SER O 23 16.22 -44.27 -4.90
C SER O 23 14.76 -44.07 -5.20
N VAL O 24 14.35 -42.81 -5.29
CA VAL O 24 12.96 -42.41 -5.50
C VAL O 24 12.42 -42.70 -6.91
N TYR O 25 13.30 -42.79 -7.89
CA TYR O 25 12.93 -43.22 -9.24
C TYR O 25 12.75 -44.73 -9.31
N ARG O 26 13.68 -45.46 -8.69
CA ARG O 26 13.59 -46.92 -8.54
C ARG O 26 12.24 -47.36 -7.92
N ILE O 27 11.83 -46.68 -6.84
CA ILE O 27 10.57 -46.92 -6.12
C ILE O 27 9.40 -46.58 -7.02
N ALA O 28 9.55 -45.49 -7.76
CA ALA O 28 8.49 -45.02 -8.63
C ALA O 28 8.09 -46.04 -9.73
N GLN O 29 9.08 -46.71 -10.32
CA GLN O 29 8.79 -47.65 -11.41
C GLN O 29 8.24 -49.01 -10.93
N THR O 30 8.76 -49.51 -9.82
CA THR O 30 8.27 -50.75 -9.21
C THR O 30 6.90 -50.59 -8.54
N SER O 31 6.49 -49.36 -8.25
CA SER O 31 5.24 -49.07 -7.52
C SER O 31 4.18 -48.35 -8.35
N LEU O 32 4.55 -47.84 -9.53
CA LEU O 32 3.63 -47.06 -10.37
C LEU O 32 3.58 -47.54 -11.84
N THR O 33 2.35 -47.74 -12.31
CA THR O 33 2.08 -48.24 -13.67
C THR O 33 2.43 -47.19 -14.73
N GLU O 34 2.41 -45.92 -14.33
CA GLU O 34 2.60 -44.79 -15.21
C GLU O 34 4.07 -44.41 -15.24
N TYR O 35 4.57 -44.04 -16.42
CA TYR O 35 6.02 -43.88 -16.61
C TYR O 35 6.55 -42.49 -16.28
N TYR O 36 7.12 -42.35 -15.09
CA TYR O 36 7.83 -41.13 -14.75
C TYR O 36 9.34 -41.29 -14.98
N THR O 37 9.91 -40.44 -15.84
CA THR O 37 11.34 -40.42 -16.06
C THR O 37 12.04 -39.81 -14.84
N GLN O 38 13.36 -39.79 -14.87
CA GLN O 38 14.12 -39.19 -13.76
C GLN O 38 14.03 -37.67 -13.83
N ALA O 39 14.17 -37.14 -15.04
CA ALA O 39 14.23 -35.68 -15.24
C ALA O 39 12.86 -35.03 -15.02
N LEU O 40 11.78 -35.79 -15.29
CA LEU O 40 10.41 -35.33 -15.02
C LEU O 40 10.15 -35.26 -13.55
N ILE O 41 10.62 -36.26 -12.80
CA ILE O 41 10.52 -36.24 -11.35
C ILE O 41 11.30 -35.07 -10.78
N LEU O 42 12.46 -34.84 -11.34
CA LEU O 42 13.35 -33.82 -10.85
C LEU O 42 12.82 -32.42 -11.19
N ASP O 43 11.90 -32.34 -12.18
CA ASP O 43 11.15 -31.10 -12.56
C ASP O 43 9.94 -30.86 -11.71
N LEU O 44 9.37 -31.93 -11.17
CA LEU O 44 8.34 -31.80 -10.15
C LEU O 44 8.95 -31.23 -8.87
N HIS O 45 10.23 -31.51 -8.63
CA HIS O 45 10.92 -30.96 -7.49
C HIS O 45 10.99 -29.44 -7.51
N ARG O 46 11.29 -28.86 -8.67
CA ARG O 46 11.42 -27.39 -8.79
C ARG O 46 10.11 -26.64 -8.61
N GLU O 47 9.02 -27.20 -9.08
CA GLU O 47 7.75 -26.49 -9.02
C GLU O 47 7.33 -26.26 -7.58
N TRP O 48 7.37 -27.30 -6.74
CA TRP O 48 6.97 -27.13 -5.34
C TRP O 48 7.90 -27.85 -4.38
N PRO O 49 9.08 -27.25 -4.11
CA PRO O 49 10.06 -28.11 -3.48
C PRO O 49 9.62 -28.62 -2.12
N GLU O 50 8.97 -27.77 -1.35
CA GLU O 50 8.67 -28.12 0.03
C GLU O 50 7.74 -29.33 0.10
N SER O 51 6.91 -29.52 -0.92
CA SER O 51 5.94 -30.62 -0.92
C SER O 51 6.63 -31.95 -1.10
N PHE O 52 7.83 -31.91 -1.66
CA PHE O 52 8.50 -33.14 -2.05
C PHE O 52 9.25 -33.68 -0.87
N MET O 53 8.75 -34.76 -0.28
CA MET O 53 9.34 -35.27 0.93
C MET O 53 9.68 -36.73 0.78
N VAL O 54 10.67 -37.15 1.55
CA VAL O 54 11.14 -38.52 1.55
C VAL O 54 11.20 -39.07 2.97
N TYR O 55 10.65 -40.25 3.16
CA TYR O 55 10.84 -41.00 4.38
C TYR O 55 12.08 -41.85 4.17
N THR O 56 13.15 -41.58 4.91
CA THR O 56 14.34 -42.41 4.84
C THR O 56 14.38 -43.29 6.08
N VAL O 57 15.00 -44.46 5.91
CA VAL O 57 15.33 -45.39 7.00
C VAL O 57 16.79 -45.85 6.85
N ALA O 58 17.64 -45.38 7.77
CA ALA O 58 19.09 -45.62 7.72
C ALA O 58 19.79 -44.90 6.56
N GLY O 59 19.21 -43.78 6.11
CA GLY O 59 19.77 -42.99 4.99
C GLY O 59 19.29 -43.37 3.60
N SER O 60 18.90 -44.63 3.42
CA SER O 60 18.26 -45.09 2.19
C SER O 60 16.81 -44.62 2.19
N VAL O 61 16.32 -44.21 1.01
CA VAL O 61 14.97 -43.66 0.86
C VAL O 61 13.96 -44.76 0.55
N VAL O 62 12.94 -44.90 1.39
CA VAL O 62 11.95 -45.98 1.25
C VAL O 62 10.56 -45.51 0.79
N GLY O 63 10.29 -44.22 0.93
CA GLY O 63 9.00 -43.66 0.52
C GLY O 63 9.06 -42.18 0.15
N PHE O 64 8.11 -41.74 -0.67
CA PHE O 64 8.10 -40.35 -1.07
C PHE O 64 6.74 -39.88 -1.52
N ILE O 65 6.53 -38.57 -1.39
CA ILE O 65 5.32 -37.91 -1.86
C ILE O 65 5.68 -36.53 -2.42
N VAL O 66 4.97 -36.11 -3.48
CA VAL O 66 5.21 -34.79 -4.07
C VAL O 66 3.93 -34.15 -4.62
N GLY O 67 3.87 -32.82 -4.52
CA GLY O 67 2.65 -32.12 -4.79
C GLY O 67 2.83 -31.00 -5.77
N SER O 68 1.69 -30.56 -6.29
CA SER O 68 1.57 -29.30 -7.01
C SER O 68 0.47 -28.53 -6.28
N LYS O 69 0.35 -27.25 -6.59
CA LYS O 69 -0.79 -26.45 -6.16
C LYS O 69 -1.69 -26.29 -7.36
N TYR O 70 -2.77 -27.07 -7.39
CA TYR O 70 -3.73 -26.96 -8.49
C TYR O 70 -4.23 -25.52 -8.61
N SER O 71 -4.32 -24.81 -7.49
CA SER O 71 -4.86 -23.45 -7.44
C SER O 71 -4.37 -22.66 -6.19
N ARG O 72 -4.95 -21.49 -5.96
CA ARG O 72 -4.55 -20.65 -4.84
C ARG O 72 -4.74 -21.38 -3.52
N THR O 73 -5.91 -22.00 -3.35
CA THR O 73 -6.25 -22.66 -2.09
C THR O 73 -6.21 -24.18 -2.16
N GLU O 74 -6.13 -24.76 -3.36
CA GLU O 74 -6.26 -26.22 -3.51
C GLU O 74 -4.96 -26.87 -3.96
N ALA O 75 -4.47 -27.83 -3.18
CA ALA O 75 -3.24 -28.56 -3.51
C ALA O 75 -3.55 -29.88 -4.19
N ARG O 76 -2.55 -30.44 -4.86
CA ARG O 76 -2.74 -31.69 -5.57
C ARG O 76 -1.54 -32.61 -5.41
N ILE O 77 -1.78 -33.87 -5.08
CA ILE O 77 -0.70 -34.86 -4.90
C ILE O 77 -0.35 -35.51 -6.21
N LEU O 78 0.90 -35.45 -6.60
CA LEU O 78 1.27 -35.92 -7.91
C LEU O 78 1.72 -37.33 -7.86
N LEU O 79 2.73 -37.59 -7.05
CA LEU O 79 3.28 -38.91 -6.97
C LEU O 79 3.31 -39.25 -5.52
N PHE O 80 3.10 -40.53 -5.22
CA PHE O 80 3.01 -40.94 -3.87
C PHE O 80 3.28 -42.41 -3.80
N ALA O 81 4.53 -42.77 -3.47
CA ALA O 81 4.90 -44.17 -3.36
C ALA O 81 5.82 -44.56 -2.15
N VAL O 82 5.52 -45.73 -1.58
CA VAL O 82 6.32 -46.36 -0.54
C VAL O 82 6.87 -47.71 -1.05
N ASP O 83 8.11 -48.03 -0.68
CA ASP O 83 8.79 -49.21 -1.20
C ASP O 83 8.03 -50.46 -0.80
N GLU O 84 8.06 -51.47 -1.67
CA GLU O 84 7.40 -52.75 -1.40
C GLU O 84 7.78 -53.40 -0.07
N ARG O 85 9.04 -53.38 0.29
CA ARG O 85 9.36 -54.05 1.51
C ARG O 85 8.57 -53.43 2.65
N PHE O 86 8.50 -52.11 2.64
CA PHE O 86 8.10 -51.38 3.83
C PHE O 86 6.67 -50.91 3.98
N ARG O 87 5.81 -51.24 3.04
CA ARG O 87 4.44 -50.79 3.11
C ARG O 87 3.80 -51.50 4.29
N ARG O 88 2.74 -50.91 4.79
CA ARG O 88 2.00 -51.46 5.89
C ARG O 88 2.73 -51.25 7.19
N MET O 89 3.75 -50.40 7.14
CA MET O 89 4.13 -49.62 8.28
C MET O 89 3.56 -48.28 7.88
N GLY O 90 3.30 -47.41 8.84
CA GLY O 90 2.64 -46.17 8.49
C GLY O 90 3.69 -45.26 7.92
N VAL O 91 4.38 -45.75 6.90
CA VAL O 91 5.26 -44.89 6.17
C VAL O 91 4.51 -43.84 5.41
N GLY O 92 3.49 -44.25 4.67
CA GLY O 92 2.87 -43.27 3.81
C GLY O 92 2.12 -42.36 4.72
N SER O 93 1.42 -43.01 5.60
CA SER O 93 0.73 -42.31 6.67
C SER O 93 1.59 -41.17 7.17
N ALA O 94 2.84 -41.46 7.53
CA ALA O 94 3.78 -40.42 7.95
C ALA O 94 3.99 -39.34 6.89
N LEU O 95 3.95 -39.75 5.61
CA LEU O 95 4.11 -38.83 4.48
C LEU O 95 2.87 -37.96 4.29
N MET O 96 1.68 -38.54 4.42
CA MET O 96 0.43 -37.80 4.31
C MET O 96 0.27 -36.87 5.50
N ASP O 97 0.64 -37.33 6.65
CA ASP O 97 0.45 -36.53 7.80
C ASP O 97 1.30 -35.31 7.62
N ALA O 98 2.51 -35.48 7.12
CA ALA O 98 3.38 -34.34 6.94
C ALA O 98 2.84 -33.40 5.91
N PHE O 99 2.38 -33.98 4.82
CA PHE O 99 1.82 -33.21 3.70
C PHE O 99 0.70 -32.32 4.21
N LEU O 100 -0.23 -32.88 4.97
CA LEU O 100 -1.34 -32.07 5.48
C LEU O 100 -0.81 -30.94 6.40
N SER O 101 0.13 -31.26 7.28
CA SER O 101 0.72 -30.24 8.13
C SER O 101 1.39 -29.16 7.28
N LEU O 102 1.84 -29.52 6.08
CA LEU O 102 2.39 -28.51 5.18
C LEU O 102 1.30 -27.70 4.52
N CYS O 103 0.20 -28.35 4.16
CA CYS O 103 -0.91 -27.66 3.51
C CYS O 103 -1.56 -26.64 4.46
N ARG O 104 -1.55 -26.95 5.76
CA ARG O 104 -2.05 -26.03 6.80
C ARG O 104 -1.08 -24.87 6.93
N GLU O 105 0.21 -25.20 7.08
CA GLU O 105 1.30 -24.20 7.10
C GLU O 105 1.07 -23.23 5.97
N GLN O 106 0.95 -23.74 4.73
CA GLN O 106 0.86 -22.85 3.56
C GLN O 106 -0.57 -22.43 3.15
N ASN O 107 -1.49 -22.53 4.10
CA ASN O 107 -2.86 -22.02 3.95
C ASN O 107 -3.56 -22.51 2.70
N MET O 108 -3.28 -23.76 2.35
CA MET O 108 -4.12 -24.55 1.46
C MET O 108 -5.30 -25.06 2.27
N LEU O 109 -6.43 -25.17 1.62
CA LEU O 109 -7.67 -25.48 2.29
C LEU O 109 -8.20 -26.85 1.94
N SER O 110 -7.91 -27.34 0.73
CA SER O 110 -8.31 -28.68 0.28
C SER O 110 -7.25 -29.32 -0.58
N VAL O 111 -7.17 -30.64 -0.55
CA VAL O 111 -6.25 -31.36 -1.44
C VAL O 111 -7.05 -32.33 -2.31
N ARG O 112 -6.64 -32.43 -3.57
CA ARG O 112 -7.22 -33.38 -4.49
C ARG O 112 -6.12 -34.24 -5.06
N LEU O 113 -6.52 -35.32 -5.71
CA LEU O 113 -5.57 -36.24 -6.30
C LEU O 113 -6.29 -37.16 -7.27
N GLU O 114 -5.52 -37.81 -8.15
CA GLU O 114 -6.07 -38.81 -9.05
C GLU O 114 -5.51 -40.16 -8.65
N VAL O 115 -6.24 -41.21 -9.01
CA VAL O 115 -5.83 -42.59 -8.80
C VAL O 115 -6.55 -43.52 -9.77
N ARG O 116 -5.99 -44.68 -10.02
CA ARG O 116 -6.65 -45.64 -10.87
C ARG O 116 -7.89 -46.17 -10.16
N THR O 117 -8.93 -46.48 -10.91
CA THR O 117 -10.15 -47.02 -10.34
C THR O 117 -9.96 -48.38 -9.70
N ASP O 118 -9.11 -49.18 -10.31
CA ASP O 118 -8.87 -50.57 -9.93
C ASP O 118 -7.81 -50.73 -8.82
N ASN O 119 -7.14 -49.63 -8.48
CA ASN O 119 -6.17 -49.62 -7.40
C ASN O 119 -6.92 -49.51 -6.08
N ASP O 120 -7.41 -50.64 -5.55
CA ASP O 120 -8.21 -50.64 -4.31
C ASP O 120 -7.41 -50.28 -3.07
N GLU O 121 -6.17 -50.77 -3.00
CA GLU O 121 -5.28 -50.52 -1.87
C GLU O 121 -5.11 -49.01 -1.63
N ALA O 122 -4.68 -48.31 -2.67
CA ALA O 122 -4.45 -46.86 -2.59
C ALA O 122 -5.76 -46.12 -2.33
N ILE O 123 -6.87 -46.67 -2.81
CA ILE O 123 -8.16 -46.05 -2.61
C ILE O 123 -8.52 -46.09 -1.12
N ARG O 124 -8.40 -47.26 -0.49
CA ARG O 124 -8.84 -47.37 0.90
C ARG O 124 -7.94 -46.58 1.85
N PHE O 125 -6.66 -46.45 1.51
CA PHE O 125 -5.76 -45.56 2.25
C PHE O 125 -6.24 -44.11 2.26
N TYR O 126 -6.77 -43.63 1.13
CA TYR O 126 -7.29 -42.24 1.01
C TYR O 126 -8.66 -42.07 1.71
N LYS O 127 -9.57 -43.01 1.47
CA LYS O 127 -10.85 -43.03 2.15
C LYS O 127 -10.58 -43.12 3.65
N LYS O 128 -9.48 -43.78 4.03
CA LYS O 128 -9.00 -43.81 5.43
C LYS O 128 -8.70 -42.42 5.94
N TYR O 129 -7.98 -41.64 5.13
CA TYR O 129 -7.63 -40.26 5.49
C TYR O 129 -8.72 -39.23 5.13
N GLY O 130 -9.95 -39.71 4.94
CA GLY O 130 -11.12 -38.83 4.74
C GLY O 130 -11.56 -38.65 3.30
N PHE O 131 -10.58 -38.73 2.40
CA PHE O 131 -10.77 -38.42 0.99
C PHE O 131 -11.92 -39.21 0.43
N VAL O 132 -12.90 -38.51 -0.15
CA VAL O 132 -13.98 -39.18 -0.88
C VAL O 132 -13.73 -39.09 -2.38
N ILE O 133 -14.44 -39.90 -3.15
CA ILE O 133 -14.46 -39.77 -4.60
C ILE O 133 -15.41 -38.65 -5.02
N THR O 134 -14.97 -37.83 -5.98
CA THR O 134 -15.75 -36.69 -6.47
C THR O 134 -15.97 -36.69 -7.98
N ALA O 135 -15.29 -37.60 -8.70
CA ALA O 135 -15.44 -37.68 -10.15
C ALA O 135 -14.86 -38.95 -10.74
N MET O 136 -15.29 -39.23 -11.96
CA MET O 136 -14.69 -40.28 -12.76
C MET O 136 -14.04 -39.58 -13.93
N LEU O 137 -12.76 -39.90 -14.16
CA LEU O 137 -12.04 -39.35 -15.30
C LEU O 137 -11.74 -40.48 -16.29
N PRO O 138 -12.47 -40.50 -17.43
CA PRO O 138 -12.33 -41.67 -18.30
C PRO O 138 -11.13 -41.56 -19.24
N ASN O 139 -10.37 -42.65 -19.34
CA ASN O 139 -9.22 -42.76 -20.24
C ASN O 139 -8.14 -41.73 -19.88
N TYR O 140 -7.76 -41.73 -18.62
CA TYR O 140 -6.98 -40.64 -18.04
C TYR O 140 -5.49 -40.95 -18.00
N TYR O 141 -5.20 -42.23 -17.86
CA TYR O 141 -3.84 -42.74 -17.87
C TYR O 141 -3.40 -43.16 -19.26
N SER O 142 -2.11 -43.46 -19.41
CA SER O 142 -1.54 -43.80 -20.70
C SER O 142 -2.19 -45.05 -21.27
N ASP O 143 -2.53 -45.99 -20.40
CA ASP O 143 -3.19 -47.21 -20.86
C ASP O 143 -4.68 -46.97 -20.99
N SER O 144 -5.10 -45.75 -20.76
CA SER O 144 -6.49 -45.39 -20.91
C SER O 144 -7.29 -45.89 -19.75
N SER O 145 -6.60 -46.23 -18.67
CA SER O 145 -7.30 -46.61 -17.47
C SER O 145 -8.11 -45.41 -17.05
N ASN O 146 -9.31 -45.65 -16.58
CA ASN O 146 -10.13 -44.63 -15.95
C ASN O 146 -9.51 -44.24 -14.61
N ALA O 147 -9.68 -42.96 -14.26
CA ALA O 147 -9.19 -42.43 -12.98
C ALA O 147 -10.33 -41.87 -12.13
N TYR O 148 -10.13 -41.91 -10.82
CA TYR O 148 -11.03 -41.27 -9.87
C TYR O 148 -10.35 -40.01 -9.36
N THR O 149 -11.10 -38.92 -9.28
CA THR O 149 -10.62 -37.73 -8.60
C THR O 149 -11.06 -37.85 -7.14
N MET O 150 -10.10 -37.68 -6.24
CA MET O 150 -10.37 -37.71 -4.81
C MET O 150 -10.05 -36.38 -4.16
N TRP O 151 -10.64 -36.18 -3.00
CA TRP O 151 -10.72 -34.87 -2.37
C TRP O 151 -11.03 -34.92 -0.88
N ARG O 152 -10.40 -34.02 -0.12
CA ARG O 152 -10.83 -33.70 1.25
C ARG O 152 -10.55 -32.25 1.60
N ILE O 153 -11.29 -31.67 2.54
CA ILE O 153 -10.84 -30.40 3.11
C ILE O 153 -9.79 -30.69 4.17
N VAL O 154 -8.78 -29.82 4.29
CA VAL O 154 -7.62 -30.13 5.13
C VAL O 154 -7.93 -29.95 6.62
N LEU O 155 -8.82 -29.01 6.94
CA LEU O 155 -9.03 -28.62 8.34
C LEU O 155 -10.17 -29.37 8.97
N GLU O 156 -10.00 -29.74 10.24
CA GLU O 156 -10.85 -30.74 10.88
C GLU O 156 -10.91 -30.68 12.41
N HIS O 157 -12.11 -30.47 12.97
CA HIS O 157 -12.30 -30.40 14.43
C HIS O 157 -12.80 -31.72 15.10
N HIS O 158 -12.06 -32.19 16.11
CA HIS O 158 -12.37 -33.48 16.74
C HIS O 158 -13.26 -33.34 17.98
N VAL P 9 37.78 -25.13 30.43
CA VAL P 9 38.36 -26.46 30.66
C VAL P 9 39.38 -26.80 29.58
N ALA P 10 39.41 -28.05 29.16
CA ALA P 10 40.35 -28.50 28.16
C ALA P 10 39.61 -28.94 26.94
N GLY P 11 40.08 -28.48 25.79
CA GLY P 11 39.40 -28.78 24.55
C GLY P 11 39.59 -30.27 24.35
N THR P 12 38.97 -30.86 23.34
CA THR P 12 38.43 -30.11 22.24
C THR P 12 37.55 -30.94 21.40
N ILE P 13 36.87 -30.29 20.47
CA ILE P 13 35.95 -30.98 19.63
C ILE P 13 36.53 -31.13 18.24
N ARG P 14 36.41 -32.35 17.75
CA ARG P 14 36.81 -32.76 16.43
C ARG P 14 35.73 -33.69 15.93
N GLU P 15 35.63 -33.86 14.62
CA GLU P 15 34.55 -34.65 14.07
C GLU P 15 34.70 -36.02 14.62
N PHE P 16 33.60 -36.70 14.82
CA PHE P 16 33.66 -38.04 15.37
C PHE P 16 34.25 -39.04 14.39
N SER P 17 35.07 -39.92 14.94
CA SER P 17 35.68 -41.08 14.30
C SER P 17 34.83 -42.27 14.71
N PRO P 18 34.64 -43.25 13.79
CA PRO P 18 33.73 -44.36 14.10
C PRO P 18 34.01 -45.06 15.43
N LYS P 19 35.29 -45.26 15.75
CA LYS P 19 35.74 -46.00 16.94
C LYS P 19 34.98 -45.71 18.24
N ASP P 20 34.57 -44.46 18.41
CA ASP P 20 34.19 -43.94 19.73
C ASP P 20 32.84 -44.44 20.28
N ILE P 21 32.26 -45.47 19.65
CA ILE P 21 30.87 -45.86 19.91
C ILE P 21 30.70 -46.43 21.31
N GLU P 22 31.77 -47.03 21.84
CA GLU P 22 31.82 -47.54 23.21
C GLU P 22 31.41 -46.42 24.19
N SER P 23 31.89 -45.20 23.91
CA SER P 23 31.66 -44.01 24.73
C SER P 23 30.38 -43.20 24.37
N VAL P 24 30.11 -43.10 23.07
CA VAL P 24 28.88 -42.47 22.55
C VAL P 24 27.64 -43.22 23.05
N TYR P 25 27.69 -44.56 22.95
CA TYR P 25 26.61 -45.43 23.42
C TYR P 25 26.44 -45.38 24.93
N ARG P 26 27.57 -45.27 25.65
CA ARG P 26 27.59 -45.25 27.14
C ARG P 26 26.79 -44.09 27.73
N ILE P 27 27.11 -42.88 27.26
CA ILE P 27 26.48 -41.68 27.81
C ILE P 27 25.08 -41.43 27.24
N ALA P 28 24.82 -42.00 26.07
CA ALA P 28 23.49 -41.96 25.49
C ALA P 28 22.48 -42.59 26.46
N GLN P 29 22.78 -43.80 26.93
CA GLN P 29 21.85 -44.58 27.76
C GLN P 29 21.65 -44.01 29.17
N THR P 30 22.70 -43.43 29.76
CA THR P 30 22.58 -42.86 31.10
C THR P 30 21.73 -41.62 31.12
N SER P 31 22.15 -40.61 30.35
CA SER P 31 21.45 -39.31 30.32
C SER P 31 20.05 -39.45 29.74
N LEU P 32 19.99 -39.94 28.52
CA LEU P 32 18.78 -39.90 27.72
C LEU P 32 17.86 -41.07 28.03
N THR P 33 16.60 -40.74 28.33
CA THR P 33 15.61 -41.76 28.66
C THR P 33 15.57 -42.85 27.58
N GLU P 34 15.56 -42.44 26.32
CA GLU P 34 15.33 -43.36 25.20
C GLU P 34 16.56 -44.22 24.90
N TYR P 35 16.34 -45.30 24.15
CA TYR P 35 17.36 -46.30 23.93
C TYR P 35 17.89 -46.28 22.52
N TYR P 36 19.22 -46.23 22.42
CA TYR P 36 19.89 -46.33 21.16
C TYR P 36 21.20 -47.00 21.54
N THR P 37 22.05 -47.26 20.55
CA THR P 37 21.71 -46.99 19.18
C THR P 37 20.88 -48.12 18.54
N GLN P 38 21.24 -49.38 18.76
CA GLN P 38 22.47 -49.76 19.42
C GLN P 38 23.65 -49.37 18.53
N ALA P 39 23.44 -49.59 17.24
CA ALA P 39 24.35 -49.20 16.21
C ALA P 39 23.68 -48.21 15.24
N LEU P 40 22.55 -47.62 15.65
CA LEU P 40 21.94 -46.48 14.94
C LEU P 40 22.92 -45.36 14.65
N ILE P 41 23.72 -45.02 15.66
CA ILE P 41 24.66 -43.90 15.63
C ILE P 41 25.56 -43.94 14.40
N LEU P 42 25.85 -45.15 13.93
CA LEU P 42 26.62 -45.34 12.73
C LEU P 42 25.75 -44.92 11.55
N ASP P 43 24.46 -45.21 11.65
CA ASP P 43 23.49 -44.82 10.62
C ASP P 43 23.33 -43.31 10.53
N LEU P 44 23.42 -42.62 11.68
CA LEU P 44 23.29 -41.15 11.77
C LEU P 44 24.59 -40.50 11.37
N HIS P 45 25.70 -41.20 11.64
CA HIS P 45 27.01 -40.78 11.19
C HIS P 45 27.02 -40.65 9.69
N ARG P 46 26.45 -41.65 9.04
CA ARG P 46 26.40 -41.69 7.59
C ARG P 46 25.76 -40.44 7.01
N GLU P 47 24.63 -40.02 7.57
CA GLU P 47 23.84 -38.96 6.95
C GLU P 47 24.48 -37.56 6.99
N TRP P 48 25.01 -37.17 8.14
CA TRP P 48 25.81 -35.94 8.23
C TRP P 48 27.12 -36.15 9.00
N PRO P 49 28.17 -36.66 8.29
CA PRO P 49 29.34 -37.03 9.08
C PRO P 49 29.97 -35.85 9.84
N GLU P 50 30.30 -34.77 9.14
CA GLU P 50 30.99 -33.63 9.74
C GLU P 50 30.18 -33.08 10.89
N SER P 51 28.86 -33.23 10.81
CA SER P 51 27.96 -32.71 11.84
C SER P 51 28.08 -33.46 13.14
N PHE P 52 28.51 -34.71 13.07
CA PHE P 52 28.72 -35.49 14.27
C PHE P 52 30.01 -35.02 14.95
N MET P 53 29.94 -34.80 16.25
CA MET P 53 31.06 -34.20 16.95
C MET P 53 31.22 -34.64 18.38
N VAL P 54 32.43 -34.38 18.87
CA VAL P 54 32.92 -34.93 20.11
C VAL P 54 33.72 -33.92 20.91
N TYR P 55 33.61 -34.01 22.25
CA TYR P 55 34.40 -33.21 23.19
C TYR P 55 35.25 -34.14 24.07
N THR P 56 36.56 -34.12 23.87
CA THR P 56 37.36 -35.08 24.57
C THR P 56 38.29 -34.34 25.43
N VAL P 57 38.28 -34.73 26.69
CA VAL P 57 39.15 -34.18 27.68
C VAL P 57 40.01 -35.35 28.05
N ALA P 58 41.31 -35.15 28.11
CA ALA P 58 42.19 -36.24 28.48
C ALA P 58 42.00 -37.41 27.53
N GLY P 59 41.92 -37.12 26.24
CA GLY P 59 41.82 -38.19 25.28
C GLY P 59 40.43 -38.75 25.22
N SER P 60 39.85 -39.03 26.38
CA SER P 60 38.51 -39.60 26.44
C SER P 60 37.44 -38.67 25.89
N VAL P 61 36.46 -39.25 25.20
CA VAL P 61 35.30 -38.51 24.69
C VAL P 61 34.15 -38.48 25.69
N VAL P 62 33.68 -37.29 26.03
CA VAL P 62 32.79 -37.11 27.18
C VAL P 62 31.55 -36.28 26.88
N GLY P 63 31.40 -35.92 25.62
CA GLY P 63 30.23 -35.22 25.15
C GLY P 63 30.11 -35.42 23.65
N PHE P 64 28.89 -35.41 23.16
CA PHE P 64 28.69 -35.62 21.75
C PHE P 64 27.47 -34.90 21.26
N ILE P 65 27.52 -34.56 19.97
CA ILE P 65 26.40 -33.98 19.25
C ILE P 65 26.40 -34.48 17.81
N VAL P 66 25.23 -34.87 17.30
CA VAL P 66 25.09 -35.22 15.91
C VAL P 66 23.82 -34.62 15.34
N GLY P 67 23.88 -34.27 14.05
CA GLY P 67 22.72 -33.71 13.38
C GLY P 67 22.35 -34.39 12.09
N SER P 68 21.50 -33.69 11.35
CA SER P 68 21.16 -34.02 9.99
C SER P 68 20.53 -32.78 9.37
N LYS P 69 20.26 -32.83 8.06
CA LYS P 69 19.65 -31.72 7.35
C LYS P 69 18.26 -32.14 6.93
N TYR P 70 17.26 -31.36 7.32
CA TYR P 70 15.90 -31.64 6.87
C TYR P 70 15.89 -31.36 5.37
N SER P 71 16.26 -30.13 5.04
CA SER P 71 16.28 -29.62 3.69
C SER P 71 17.67 -29.13 3.36
N ARG P 72 17.82 -28.53 2.19
CA ARG P 72 19.07 -27.89 1.79
C ARG P 72 19.53 -26.90 2.85
N THR P 73 18.56 -26.28 3.52
CA THR P 73 18.82 -25.14 4.41
C THR P 73 18.41 -25.33 5.91
N GLU P 74 17.67 -26.37 6.23
CA GLU P 74 17.17 -26.52 7.57
C GLU P 74 17.88 -27.67 8.25
N ALA P 75 18.81 -27.30 9.12
CA ALA P 75 19.55 -28.26 9.90
C ALA P 75 18.72 -28.74 11.10
N ARG P 76 19.26 -29.73 11.80
CA ARG P 76 18.48 -30.44 12.79
C ARG P 76 19.36 -31.30 13.70
N ILE P 77 19.27 -31.07 15.00
CA ILE P 77 20.14 -31.76 15.92
C ILE P 77 19.50 -33.01 16.43
N LEU P 78 19.90 -34.15 15.92
CA LEU P 78 19.31 -35.40 16.36
C LEU P 78 19.61 -35.79 17.78
N LEU P 79 20.87 -35.71 18.16
CA LEU P 79 21.25 -36.18 19.47
C LEU P 79 22.23 -35.25 20.12
N PHE P 80 22.01 -34.94 21.38
CA PHE P 80 22.90 -34.10 22.15
C PHE P 80 23.09 -34.69 23.52
N ALA P 81 24.33 -34.81 23.98
CA ALA P 81 24.55 -35.43 25.29
C ALA P 81 25.76 -34.96 26.07
N VAL P 82 25.70 -35.12 27.38
CA VAL P 82 26.89 -34.93 28.20
C VAL P 82 27.05 -36.15 29.10
N ASP P 83 28.27 -36.41 29.54
CA ASP P 83 28.51 -37.53 30.43
C ASP P 83 27.78 -37.40 31.76
N GLU P 84 27.70 -36.16 32.24
CA GLU P 84 27.20 -35.84 33.58
C GLU P 84 28.33 -35.98 34.58
N ARG P 85 29.45 -36.51 34.12
CA ARG P 85 30.68 -36.49 34.86
C ARG P 85 30.99 -35.02 34.94
N PHE P 86 30.69 -34.32 33.86
CA PHE P 86 31.07 -32.92 33.78
C PHE P 86 29.93 -32.00 33.37
N ARG P 87 28.93 -31.88 34.24
CA ARG P 87 27.85 -30.90 34.06
C ARG P 87 28.45 -29.49 33.99
N ARG P 88 29.44 -29.26 34.83
CA ARG P 88 30.15 -27.99 34.87
C ARG P 88 31.09 -27.89 33.67
N MET P 89 31.70 -26.71 33.53
CA MET P 89 32.71 -26.45 32.51
C MET P 89 32.15 -26.27 31.12
N GLY P 90 30.86 -26.02 31.01
CA GLY P 90 30.25 -25.64 29.74
C GLY P 90 30.71 -26.57 28.63
N VAL P 91 30.48 -27.85 28.85
CA VAL P 91 30.79 -28.84 27.84
C VAL P 91 29.85 -28.70 26.65
N GLY P 92 28.55 -28.62 26.94
CA GLY P 92 27.52 -28.64 25.89
C GLY P 92 27.52 -27.37 25.07
N SER P 93 27.60 -26.24 25.75
CA SER P 93 27.69 -24.94 25.10
C SER P 93 28.88 -24.96 24.16
N ALA P 94 29.97 -25.56 24.62
CA ALA P 94 31.16 -25.71 23.78
C ALA P 94 30.78 -26.51 22.52
N LEU P 95 29.99 -27.55 22.75
CA LEU P 95 29.45 -28.36 21.68
C LEU P 95 28.54 -27.66 20.67
N MET P 96 27.50 -27.00 21.17
CA MET P 96 26.52 -26.33 20.30
C MET P 96 27.21 -25.30 19.43
N ASP P 97 27.96 -24.41 20.08
CA ASP P 97 28.70 -23.37 19.38
C ASP P 97 29.28 -23.89 18.05
N ALA P 98 29.85 -25.10 18.09
CA ALA P 98 30.46 -25.73 16.93
C ALA P 98 29.40 -26.09 15.92
N PHE P 99 28.34 -26.74 16.39
CA PHE P 99 27.22 -27.13 15.51
C PHE P 99 26.66 -25.89 14.82
N LEU P 100 26.38 -24.84 15.59
CA LEU P 100 25.89 -23.60 15.02
C LEU P 100 26.90 -22.96 14.10
N SER P 101 28.18 -23.23 14.35
CA SER P 101 29.29 -22.76 13.49
C SER P 101 29.19 -23.42 12.12
N LEU P 102 29.18 -24.75 12.14
CA LEU P 102 29.03 -25.55 10.93
C LEU P 102 27.85 -25.10 10.05
N CYS P 103 26.78 -24.64 10.68
CA CYS P 103 25.57 -24.23 9.98
C CYS P 103 25.73 -22.89 9.28
N ARG P 104 26.68 -22.07 9.72
CA ARG P 104 27.04 -20.84 8.99
C ARG P 104 28.00 -21.16 7.87
N GLU P 105 28.93 -22.08 8.17
CA GLU P 105 29.89 -22.62 7.19
C GLU P 105 29.19 -23.32 6.02
N GLN P 106 28.05 -23.99 6.28
CA GLN P 106 27.31 -24.70 5.22
C GLN P 106 25.96 -24.04 4.89
N ASN P 107 25.89 -22.73 5.10
CA ASN P 107 24.73 -21.92 4.67
C ASN P 107 23.34 -22.41 5.11
N MET P 108 23.27 -23.04 6.28
CA MET P 108 22.01 -23.36 6.91
C MET P 108 21.42 -22.07 7.53
N LEU P 109 20.09 -21.97 7.47
CA LEU P 109 19.35 -20.79 7.94
C LEU P 109 18.71 -21.03 9.30
N SER P 110 18.10 -22.20 9.48
CA SER P 110 17.42 -22.50 10.72
C SER P 110 17.73 -23.92 11.19
N VAL P 111 17.64 -24.15 12.50
CA VAL P 111 17.91 -25.46 13.11
C VAL P 111 16.81 -25.91 14.09
N ARG P 112 16.25 -27.08 13.86
CA ARG P 112 15.18 -27.62 14.71
C ARG P 112 15.73 -28.67 15.65
N LEU P 113 15.11 -28.85 16.80
CA LEU P 113 15.41 -29.99 17.64
C LEU P 113 14.19 -30.40 18.44
N GLU P 114 14.19 -31.65 18.88
CA GLU P 114 13.04 -32.22 19.58
C GLU P 114 13.43 -32.49 21.02
N VAL P 115 12.54 -32.18 21.97
CA VAL P 115 12.86 -32.26 23.42
C VAL P 115 11.77 -32.91 24.26
N ARG P 116 12.15 -33.41 25.42
CA ARG P 116 11.20 -33.91 26.38
C ARG P 116 10.47 -32.70 26.89
N THR P 117 9.21 -32.86 27.20
CA THR P 117 8.46 -31.79 27.83
C THR P 117 8.91 -31.44 29.24
N ASP P 118 9.27 -32.46 30.01
CA ASP P 118 9.63 -32.27 31.41
C ASP P 118 11.12 -32.14 31.62
N ASN P 119 11.91 -32.21 30.56
CA ASN P 119 13.34 -32.08 30.72
C ASN P 119 13.71 -30.62 30.74
N ASP P 120 13.43 -29.96 31.85
CA ASP P 120 13.59 -28.53 31.91
C ASP P 120 15.03 -28.10 31.70
N GLU P 121 15.97 -28.90 32.16
CA GLU P 121 17.35 -28.47 32.13
C GLU P 121 17.79 -28.21 30.72
N ALA P 122 17.45 -29.11 29.81
CA ALA P 122 17.81 -28.90 28.42
C ALA P 122 17.08 -27.68 27.88
N ILE P 123 15.82 -27.53 28.24
CA ILE P 123 15.00 -26.53 27.61
C ILE P 123 15.63 -25.20 27.91
N ARG P 124 16.12 -25.04 29.12
CA ARG P 124 16.75 -23.80 29.50
C ARG P 124 17.98 -23.58 28.66
N PHE P 125 18.71 -24.66 28.40
CA PHE P 125 19.92 -24.53 27.63
C PHE P 125 19.55 -24.03 26.28
N TYR P 126 18.48 -24.60 25.75
CA TYR P 126 18.09 -24.29 24.40
C TYR P 126 17.52 -22.88 24.37
N LYS P 127 16.63 -22.56 25.30
CA LYS P 127 16.11 -21.19 25.43
C LYS P 127 17.24 -20.18 25.57
N LYS P 128 18.25 -20.52 26.37
CA LYS P 128 19.44 -19.66 26.48
C LYS P 128 20.13 -19.47 25.12
N TYR P 129 20.06 -20.47 24.26
CA TYR P 129 20.75 -20.44 22.99
C TYR P 129 19.89 -20.00 21.81
N GLY P 130 18.72 -19.40 22.09
CA GLY P 130 17.85 -18.81 21.04
C GLY P 130 16.62 -19.63 20.73
N PHE P 131 16.71 -20.92 20.99
CA PHE P 131 15.66 -21.84 20.60
C PHE P 131 14.32 -21.44 21.26
N VAL P 132 13.26 -21.49 20.48
CA VAL P 132 11.91 -21.12 20.90
C VAL P 132 10.99 -22.33 20.70
N ILE P 133 10.03 -22.50 21.61
CA ILE P 133 9.04 -23.54 21.46
C ILE P 133 8.05 -23.06 20.42
N THR P 134 7.81 -23.90 19.43
CA THR P 134 6.89 -23.60 18.32
C THR P 134 5.70 -24.56 18.25
N ALA P 135 5.93 -25.83 18.61
CA ALA P 135 4.88 -26.86 18.65
C ALA P 135 5.25 -27.95 19.63
N MET P 136 4.23 -28.65 20.12
CA MET P 136 4.45 -29.89 20.89
C MET P 136 4.12 -31.07 20.02
N LEU P 137 4.72 -32.21 20.31
CA LEU P 137 4.39 -33.43 19.62
C LEU P 137 3.82 -34.35 20.71
N PRO P 138 2.49 -34.56 20.76
CA PRO P 138 1.90 -35.34 21.85
C PRO P 138 2.34 -36.80 21.85
N ASN P 139 2.73 -37.28 23.02
CA ASN P 139 3.03 -38.67 23.18
C ASN P 139 3.98 -39.11 22.10
N TYR P 140 5.00 -38.29 21.86
CA TYR P 140 6.08 -38.62 20.97
C TYR P 140 6.86 -39.81 21.47
N TYR P 141 7.08 -39.82 22.78
CA TYR P 141 8.04 -40.69 23.44
C TYR P 141 7.60 -42.11 23.82
N SER P 142 8.56 -43.02 23.86
CA SER P 142 8.22 -44.40 24.16
C SER P 142 7.25 -44.50 25.31
N ASP P 143 7.50 -43.77 26.40
CA ASP P 143 6.58 -43.78 27.55
C ASP P 143 5.27 -43.00 27.32
N SER P 144 5.08 -42.40 26.14
CA SER P 144 3.91 -41.56 25.83
C SER P 144 3.85 -40.30 26.71
N SER P 145 4.96 -39.58 26.73
CA SER P 145 5.02 -38.23 27.33
C SER P 145 5.52 -37.26 26.25
N ASN P 146 4.98 -36.05 26.26
CA ASN P 146 5.14 -35.08 25.17
C ASN P 146 6.54 -34.58 24.90
N ALA P 147 6.81 -34.29 23.62
CA ALA P 147 7.99 -33.57 23.24
C ALA P 147 7.64 -32.12 22.98
N TYR P 148 8.65 -31.35 22.58
CA TYR P 148 8.47 -30.03 21.98
C TYR P 148 9.37 -29.99 20.78
N THR P 149 8.96 -29.22 19.79
CA THR P 149 9.86 -28.82 18.73
C THR P 149 10.39 -27.48 19.20
N MET P 150 11.70 -27.27 19.04
CA MET P 150 12.31 -25.96 19.28
C MET P 150 13.10 -25.53 18.05
N TRP P 151 13.21 -24.23 17.90
CA TRP P 151 13.65 -23.70 16.64
C TRP P 151 14.34 -22.36 16.83
N ARG P 152 15.51 -22.19 16.23
CA ARG P 152 16.14 -20.87 16.17
C ARG P 152 16.65 -20.60 14.76
N ILE P 153 17.57 -19.66 14.61
CA ILE P 153 17.89 -19.07 13.29
C ILE P 153 19.40 -18.83 13.25
N VAL P 154 19.98 -18.64 12.06
CA VAL P 154 21.46 -18.54 11.93
C VAL P 154 21.95 -17.29 11.12
N LEU P 155 23.27 -17.12 11.00
CA LEU P 155 23.97 -16.21 10.02
C LEU P 155 24.21 -14.81 10.58
#